data_8CAU
#
_entry.id   8CAU
#
_cell.length_a   1.00
_cell.length_b   1.00
_cell.length_c   1.00
_cell.angle_alpha   90.00
_cell.angle_beta   90.00
_cell.angle_gamma   90.00
#
_symmetry.space_group_name_H-M   'P 1'
#
loop_
_entity.id
_entity.type
_entity.pdbx_description
1 polymer 'Neuronal acetylcholine receptor subunit alpha-7'
2 polymer 'Nanobody C4'
3 branched 2-acetamido-2-deoxy-beta-D-glucopyranose-(1-4)-2-acetamido-2-deoxy-beta-D-glucopyranose
4 non-polymer 2-acetamido-2-deoxy-beta-D-glucopyranose
5 non-polymer (S)-3-(1-METHYLPYRROLIDIN-2-YL)PYRIDINE
#
loop_
_entity_poly.entity_id
_entity_poly.type
_entity_poly.pdbx_seq_one_letter_code
_entity_poly.pdbx_strand_id
1 'polypeptide(L)'
;EFQRKLYKELVKNYNPLERPVANDSQPLTVYFSLSLLQIMDVDEKNQVLTTNIWLQMSWTDHYLQWNVSEYPGVKTVRFP
DGQIWKPDILLYNSADERFDATFHTNVLVNSSGHCQYLPPGIFKSSCYIDVRWFPFDVQHCKLKFGSWSYGGWSLDLQMQ
EADISGYIPNGEWDLVGIPGKRSERFYECCKEPYPDVTFTVTMRRRTLYYGLNLLIPCVLISALALLVFLLPADSGEKIS
LGITVLLSLTVFMLLVAEIMPATSDSVPLIAQYFASTMIIVGLSVVVTVIVLQYHHHDPDGGKMPKWTRVILLNWCAWFL
RMKRPGEDKVRPACQHKQRRCSLASVEMSAVAPPPASNGNLLYIGFRGLDGVHCVPTPDSGVVCGRMACSPTHDEHLLHG
GQPPEGDPDLAKILEEVRYIANRFRCQDESEAVCSEWKFAACVVDRLCLMAFSVFTIICTIGILMSAPNFVEAVSKDFAS
AGLTETSQVAPA
;
A,B,C,D,E
2 'polypeptide(L)'
;AQVQLVESGGGLVQAGGSLKLSCAASGFTFAHYAMVWFRQAPGKEREFVAGISWSGASTYYASSVKGRFTISRDNAKNTV
YLQMNSLKPEDTAVYYVAAARFGVGVDDDYSYWGQGTQVTVSSAAEQKLISEEDLNGAAHHHHHHGS
;
F,G,H,I,J
#
# COMPACT_ATOMS: atom_id res chain seq x y z
N GLU A 1 -10.23 16.94 -20.13
CA GLU A 1 -9.93 18.30 -19.71
C GLU A 1 -8.46 18.45 -19.36
N PHE A 2 -8.06 19.68 -19.01
CA PHE A 2 -6.66 19.98 -18.76
C PHE A 2 -6.23 19.73 -17.33
N GLN A 3 -7.16 19.77 -16.37
CA GLN A 3 -6.81 19.45 -15.00
C GLN A 3 -6.40 17.99 -14.84
N ARG A 4 -6.87 17.11 -15.72
CA ARG A 4 -6.47 15.71 -15.67
C ARG A 4 -5.11 15.50 -16.33
N LYS A 5 -4.76 16.33 -17.31
CA LYS A 5 -3.43 16.25 -17.90
C LYS A 5 -2.38 16.83 -16.96
N LEU A 6 -2.71 17.92 -16.27
CA LEU A 6 -1.74 18.56 -15.39
C LEU A 6 -1.29 17.64 -14.27
N TYR A 7 -2.23 16.93 -13.64
CA TYR A 7 -1.88 16.05 -12.53
C TYR A 7 -1.07 14.86 -13.01
N LYS A 8 -1.33 14.38 -14.23
CA LYS A 8 -0.57 13.27 -14.77
C LYS A 8 0.82 13.70 -15.22
N GLU A 9 0.99 14.96 -15.58
CA GLU A 9 2.30 15.45 -16.04
C GLU A 9 3.19 15.91 -14.89
N LEU A 10 2.62 16.50 -13.84
CA LEU A 10 3.44 17.06 -12.77
C LEU A 10 4.19 16.00 -11.96
N VAL A 11 3.78 14.74 -12.04
CA VAL A 11 4.35 13.71 -11.19
C VAL A 11 5.08 12.67 -12.03
N LYS A 12 5.65 13.09 -13.16
CA LYS A 12 6.35 12.15 -14.03
C LYS A 12 7.61 11.63 -13.35
N ASN A 13 8.55 12.52 -13.03
CA ASN A 13 9.78 12.17 -12.32
C ASN A 13 9.83 13.00 -11.04
N TYR A 14 9.18 12.50 -9.99
CA TYR A 14 9.15 13.18 -8.71
C TYR A 14 9.49 12.18 -7.61
N ASN A 15 10.44 12.55 -6.76
CA ASN A 15 10.85 11.73 -5.62
C ASN A 15 10.51 12.49 -4.34
N PRO A 16 9.43 12.12 -3.64
CA PRO A 16 9.04 12.87 -2.44
C PRO A 16 10.14 12.98 -1.39
N LEU A 17 11.27 12.31 -1.57
CA LEU A 17 12.34 12.30 -0.58
C LEU A 17 13.43 13.32 -0.88
N GLU A 18 13.28 14.12 -1.94
CA GLU A 18 14.33 14.99 -2.42
C GLU A 18 13.99 16.45 -2.14
N ARG A 19 14.99 17.21 -1.70
CA ARG A 19 14.79 18.64 -1.44
C ARG A 19 14.55 19.35 -2.76
N PRO A 20 13.42 20.00 -2.95
CA PRO A 20 13.11 20.67 -4.24
C PRO A 20 13.87 21.97 -4.44
N VAL A 21 15.17 21.86 -4.69
CA VAL A 21 16.02 23.01 -4.93
C VAL A 21 16.75 22.81 -6.25
N ALA A 22 17.00 23.92 -6.94
CA ALA A 22 17.65 23.85 -8.25
C ALA A 22 19.12 23.47 -8.10
N ASN A 23 19.88 24.26 -7.34
CA ASN A 23 21.28 23.98 -7.06
C ASN A 23 21.38 23.28 -5.73
N ASP A 24 21.71 21.99 -5.75
CA ASP A 24 21.68 21.17 -4.54
C ASP A 24 22.76 21.54 -3.54
N SER A 25 23.56 22.57 -3.80
CA SER A 25 24.58 23.03 -2.86
C SER A 25 24.17 24.36 -2.21
N GLN A 26 22.88 24.67 -2.19
CA GLN A 26 22.38 25.90 -1.60
C GLN A 26 21.18 25.59 -0.73
N PRO A 27 20.94 26.39 0.31
CA PRO A 27 19.85 26.09 1.24
C PRO A 27 18.50 26.59 0.74
N LEU A 28 17.47 25.78 0.95
CA LEU A 28 16.10 26.21 0.71
C LEU A 28 15.69 27.23 1.76
N THR A 29 14.65 28.00 1.44
CA THR A 29 14.16 29.07 2.31
C THR A 29 12.70 28.80 2.65
N VAL A 30 12.44 28.48 3.91
CA VAL A 30 11.08 28.27 4.40
C VAL A 30 10.68 29.47 5.25
N TYR A 31 9.41 29.84 5.18
CA TYR A 31 8.86 30.96 5.93
C TYR A 31 7.85 30.43 6.93
N PHE A 32 8.02 30.79 8.21
CA PHE A 32 7.23 30.26 9.30
C PHE A 32 6.52 31.39 10.05
N SER A 33 5.24 31.17 10.35
CA SER A 33 4.48 32.10 11.18
C SER A 33 3.23 31.41 11.71
N LEU A 34 2.96 31.57 13.00
CA LEU A 34 1.79 30.99 13.61
C LEU A 34 0.68 32.03 13.74
N SER A 35 -0.55 31.53 13.91
CA SER A 35 -1.71 32.39 14.09
C SER A 35 -2.54 31.85 15.25
N LEU A 36 -2.65 32.62 16.31
CA LEU A 36 -3.43 32.23 17.49
C LEU A 36 -4.91 32.38 17.20
N LEU A 37 -5.73 31.59 17.89
CA LEU A 37 -7.18 31.73 17.76
C LEU A 37 -7.87 31.83 19.11
N GLN A 38 -7.30 31.18 20.13
CA GLN A 38 -7.94 31.19 21.45
C GLN A 38 -7.00 30.56 22.46
N ILE A 39 -7.00 31.10 23.68
CA ILE A 39 -6.27 30.50 24.80
C ILE A 39 -7.28 29.63 25.54
N MET A 40 -7.30 28.34 25.18
CA MET A 40 -8.35 27.46 25.69
C MET A 40 -8.23 27.22 27.19
N ASP A 41 -7.02 27.10 27.71
CA ASP A 41 -6.86 26.80 29.13
C ASP A 41 -5.43 27.07 29.55
N VAL A 42 -5.25 27.39 30.83
CA VAL A 42 -3.95 27.60 31.44
C VAL A 42 -3.97 26.88 32.77
N ASP A 43 -3.45 25.66 32.80
CA ASP A 43 -3.42 24.86 34.02
C ASP A 43 -2.32 25.38 34.95
N GLU A 44 -2.59 25.32 36.25
CA GLU A 44 -1.65 25.80 37.26
C GLU A 44 -1.15 24.71 38.19
N LYS A 45 -2.00 23.75 38.55
CA LYS A 45 -1.52 22.62 39.36
C LYS A 45 -0.38 21.91 38.64
N ASN A 46 -0.59 21.55 37.39
CA ASN A 46 0.49 21.19 36.49
C ASN A 46 1.05 22.45 35.86
N GLN A 47 1.87 22.32 34.82
CA GLN A 47 2.38 23.46 34.08
C GLN A 47 2.16 23.18 32.60
N VAL A 48 1.00 23.58 32.09
CA VAL A 48 0.61 23.30 30.71
C VAL A 48 -0.29 24.42 30.23
N LEU A 49 -0.18 24.75 28.95
CA LEU A 49 -1.00 25.79 28.32
C LEU A 49 -1.58 25.23 27.04
N THR A 50 -2.91 25.23 26.94
CA THR A 50 -3.61 24.70 25.78
C THR A 50 -4.13 25.84 24.92
N THR A 51 -3.78 25.83 23.64
CA THR A 51 -4.15 26.89 22.72
C THR A 51 -4.59 26.30 21.39
N ASN A 52 -5.32 27.10 20.63
CA ASN A 52 -5.74 26.75 19.28
C ASN A 52 -4.93 27.59 18.30
N ILE A 53 -4.21 26.92 17.39
CA ILE A 53 -3.24 27.59 16.55
C ILE A 53 -3.38 27.12 15.11
N TRP A 54 -2.98 28.00 14.18
CA TRP A 54 -2.86 27.67 12.77
C TRP A 54 -1.41 27.94 12.37
N LEU A 55 -0.65 26.90 12.04
CA LEU A 55 0.69 27.13 11.54
C LEU A 55 0.64 27.62 10.09
N GLN A 56 1.68 28.31 9.67
CA GLN A 56 1.77 28.83 8.32
C GLN A 56 3.20 28.66 7.85
N MET A 57 3.43 27.69 6.97
CA MET A 57 4.73 27.46 6.36
C MET A 57 4.61 27.63 4.86
N SER A 58 5.52 28.42 4.30
CA SER A 58 5.49 28.75 2.87
C SER A 58 6.87 28.53 2.29
N TRP A 59 6.96 27.72 1.24
CA TRP A 59 8.22 27.54 0.53
C TRP A 59 7.98 27.67 -0.98
N THR A 60 9.01 27.43 -1.76
CA THR A 60 8.94 27.55 -3.22
C THR A 60 9.52 26.31 -3.86
N ASP A 61 8.64 25.39 -4.28
CA ASP A 61 9.08 24.25 -5.06
C ASP A 61 9.71 24.73 -6.36
N HIS A 62 10.35 23.81 -7.06
CA HIS A 62 10.93 24.10 -8.37
C HIS A 62 10.56 23.06 -9.42
N TYR A 63 9.87 21.99 -9.05
CA TYR A 63 9.50 20.93 -9.98
C TYR A 63 8.02 20.94 -10.32
N LEU A 64 7.27 21.95 -9.88
CA LEU A 64 5.82 22.01 -10.06
C LEU A 64 5.42 23.31 -10.73
N GLN A 65 6.10 23.64 -11.83
CA GLN A 65 5.79 24.81 -12.63
C GLN A 65 5.15 24.40 -13.93
N TRP A 66 4.13 25.14 -14.35
CA TRP A 66 3.49 24.93 -15.65
C TRP A 66 3.18 26.28 -16.27
N ASN A 67 2.51 26.26 -17.41
CA ASN A 67 2.18 27.46 -18.16
C ASN A 67 0.67 27.55 -18.30
N VAL A 68 0.07 28.57 -17.68
CA VAL A 68 -1.38 28.71 -17.68
C VAL A 68 -1.94 29.01 -19.06
N SER A 69 -1.10 29.41 -20.00
CA SER A 69 -1.56 29.57 -21.38
C SER A 69 -1.63 28.26 -22.13
N GLU A 70 -0.87 27.25 -21.69
CA GLU A 70 -0.97 25.91 -22.27
C GLU A 70 -1.97 25.04 -21.54
N TYR A 71 -2.19 25.29 -20.24
CA TYR A 71 -3.21 24.58 -19.49
C TYR A 71 -4.27 25.56 -19.05
N PRO A 72 -5.08 26.09 -19.97
CA PRO A 72 -6.02 27.15 -19.61
C PRO A 72 -7.01 26.69 -18.55
N GLY A 73 -7.35 27.60 -17.64
CA GLY A 73 -8.32 27.32 -16.62
C GLY A 73 -7.71 26.91 -15.29
N VAL A 74 -6.64 26.11 -15.34
CA VAL A 74 -5.98 25.60 -14.14
C VAL A 74 -4.97 26.63 -13.67
N LYS A 75 -5.13 27.09 -12.43
CA LYS A 75 -4.20 28.05 -11.84
C LYS A 75 -3.69 27.65 -10.47
N THR A 76 -4.18 26.56 -9.89
CA THR A 76 -3.70 26.08 -8.60
C THR A 76 -3.92 24.58 -8.52
N VAL A 77 -3.07 23.90 -7.75
CA VAL A 77 -3.18 22.47 -7.55
C VAL A 77 -2.94 22.16 -6.08
N ARG A 78 -3.71 21.22 -5.54
CA ARG A 78 -3.65 20.85 -4.14
C ARG A 78 -3.18 19.41 -4.03
N PHE A 79 -2.10 19.20 -3.28
CA PHE A 79 -1.52 17.88 -3.14
C PHE A 79 -1.72 17.35 -1.73
N PRO A 80 -2.24 16.14 -1.57
CA PRO A 80 -2.40 15.57 -0.23
C PRO A 80 -1.07 15.32 0.45
N ASP A 81 -1.11 14.78 1.66
CA ASP A 81 0.09 14.44 2.40
C ASP A 81 0.67 13.12 1.88
N GLY A 82 1.99 13.09 1.71
CA GLY A 82 2.68 11.90 1.28
C GLY A 82 3.05 11.86 -0.19
N GLN A 83 2.74 12.90 -0.95
CA GLN A 83 3.07 12.96 -2.36
C GLN A 83 3.88 14.19 -2.75
N ILE A 84 4.22 15.05 -1.79
CA ILE A 84 5.03 16.22 -2.06
C ILE A 84 5.87 16.50 -0.82
N TRP A 85 7.10 16.98 -1.04
CA TRP A 85 8.01 17.22 0.06
C TRP A 85 7.47 18.33 0.96
N LYS A 86 7.39 18.06 2.26
CA LYS A 86 6.91 19.02 3.24
C LYS A 86 7.91 19.11 4.39
N PRO A 87 8.19 20.33 4.87
CA PRO A 87 9.12 20.47 5.98
C PRO A 87 8.62 19.76 7.23
N ASP A 88 9.57 19.22 8.01
CA ASP A 88 9.26 18.55 9.26
C ASP A 88 9.56 19.53 10.39
N ILE A 89 8.56 20.34 10.74
CA ILE A 89 8.69 21.36 11.77
C ILE A 89 7.89 20.91 12.98
N LEU A 90 8.55 20.80 14.12
CA LEU A 90 7.96 20.27 15.34
C LEU A 90 8.04 21.30 16.46
N LEU A 91 7.34 21.01 17.55
CA LEU A 91 7.36 21.85 18.75
C LEU A 91 8.28 21.16 19.77
N TYR A 92 9.39 21.82 20.08
CA TYR A 92 10.40 21.18 20.92
C TYR A 92 9.87 20.86 22.31
N ASN A 93 9.16 21.81 22.92
CA ASN A 93 8.65 21.65 24.28
C ASN A 93 7.15 21.41 24.20
N SER A 94 6.76 20.14 24.22
CA SER A 94 5.36 19.74 24.15
C SER A 94 5.04 18.80 25.30
N ALA A 95 3.79 18.85 25.76
CA ALA A 95 3.32 18.02 26.85
C ALA A 95 2.23 17.05 26.43
N ASP A 96 2.09 16.82 25.12
CA ASP A 96 1.08 15.90 24.60
C ASP A 96 1.67 14.51 24.49
N GLU A 97 0.86 13.50 24.82
CA GLU A 97 1.35 12.12 24.83
C GLU A 97 1.85 11.69 23.46
N ARG A 98 1.32 12.29 22.39
CA ARG A 98 1.74 11.94 21.04
C ARG A 98 2.89 12.80 20.53
N PHE A 99 3.15 13.95 21.15
CA PHE A 99 4.24 14.86 20.81
C PHE A 99 3.96 15.65 19.54
N ASP A 100 2.87 15.38 18.84
CA ASP A 100 2.54 16.12 17.61
C ASP A 100 1.03 16.10 17.45
N ALA A 101 0.40 17.27 17.55
CA ALA A 101 -1.06 17.38 17.50
C ALA A 101 -1.56 18.04 16.22
N THR A 102 -0.69 18.29 15.25
CA THR A 102 -1.12 18.92 14.00
C THR A 102 -2.00 17.97 13.21
N PHE A 103 -3.02 18.54 12.56
CA PHE A 103 -3.92 17.78 11.69
C PHE A 103 -3.53 18.06 10.24
N HIS A 104 -2.95 17.06 9.59
CA HIS A 104 -2.39 17.26 8.27
C HIS A 104 -3.48 17.59 7.25
N THR A 105 -3.19 18.57 6.39
CA THR A 105 -4.09 18.95 5.32
C THR A 105 -3.34 19.05 3.99
N ASN A 106 -4.02 19.54 2.96
CA ASN A 106 -3.42 19.63 1.64
C ASN A 106 -2.40 20.76 1.55
N VAL A 107 -1.47 20.62 0.62
CA VAL A 107 -0.50 21.66 0.30
C VAL A 107 -0.95 22.34 -0.98
N LEU A 108 -1.01 23.68 -0.96
CA LEU A 108 -1.56 24.44 -2.08
C LEU A 108 -0.44 25.06 -2.90
N VAL A 109 -0.49 24.87 -4.22
CA VAL A 109 0.54 25.35 -5.12
C VAL A 109 -0.11 26.16 -6.23
N ASN A 110 0.62 27.16 -6.73
CA ASN A 110 0.14 28.00 -7.82
C ASN A 110 1.11 27.90 -9.01
N SER A 111 0.89 28.74 -10.01
CA SER A 111 1.54 28.58 -11.31
C SER A 111 3.06 28.76 -11.26
N SER A 112 3.60 29.15 -10.10
CA SER A 112 5.04 29.35 -9.96
C SER A 112 5.66 28.46 -8.90
N GLY A 113 4.91 27.53 -8.33
CA GLY A 113 5.45 26.60 -7.37
C GLY A 113 5.50 27.10 -5.94
N HIS A 114 4.95 28.28 -5.65
CA HIS A 114 4.94 28.81 -4.29
CA HIS A 114 4.95 28.79 -4.29
C HIS A 114 3.95 28.00 -3.46
N CYS A 115 4.46 27.09 -2.65
CA CYS A 115 3.63 26.18 -1.88
C CYS A 115 3.31 26.78 -0.51
N GLN A 116 2.06 26.58 -0.10
CA GLN A 116 1.54 27.05 1.18
C GLN A 116 0.97 25.88 1.96
N TYR A 117 1.18 25.89 3.28
CA TYR A 117 0.75 24.82 4.16
C TYR A 117 0.34 25.43 5.49
N LEU A 118 -0.94 25.28 5.85
CA LEU A 118 -1.50 25.88 7.06
C LEU A 118 -2.23 24.82 7.89
N PRO A 119 -1.50 23.99 8.61
CA PRO A 119 -2.14 22.99 9.47
C PRO A 119 -2.72 23.61 10.72
N PRO A 120 -3.95 23.26 11.06
CA PRO A 120 -4.51 23.66 12.36
C PRO A 120 -4.13 22.66 13.45
N GLY A 121 -4.22 23.13 14.69
CA GLY A 121 -3.88 22.27 15.81
C GLY A 121 -4.34 22.82 17.13
N ILE A 122 -4.46 21.92 18.10
CA ILE A 122 -4.74 22.25 19.48
C ILE A 122 -3.50 21.85 20.27
N PHE A 123 -2.62 22.82 20.54
CA PHE A 123 -1.29 22.55 21.05
C PHE A 123 -1.25 22.68 22.56
N LYS A 124 -0.61 21.73 23.22
CA LYS A 124 -0.44 21.71 24.68
C LYS A 124 1.05 21.91 24.97
N SER A 125 1.46 23.16 25.11
CA SER A 125 2.86 23.47 25.39
C SER A 125 3.15 23.23 26.86
N SER A 126 4.36 23.59 27.29
CA SER A 126 4.79 23.45 28.69
C SER A 126 5.34 24.79 29.14
N CYS A 127 4.67 25.41 30.10
CA CYS A 127 5.00 26.74 30.57
C CYS A 127 5.36 26.69 32.06
N TYR A 128 5.70 27.86 32.60
CA TYR A 128 6.03 28.01 34.02
C TYR A 128 5.13 29.11 34.59
N ILE A 129 4.12 28.70 35.36
CA ILE A 129 3.17 29.63 35.95
C ILE A 129 3.67 30.06 37.32
N ASP A 130 3.85 31.36 37.50
CA ASP A 130 4.33 31.92 38.76
C ASP A 130 3.16 32.60 39.47
N VAL A 131 2.99 32.29 40.75
CA VAL A 131 1.86 32.80 41.52
C VAL A 131 2.34 33.60 42.71
N ARG A 132 3.55 34.16 42.63
CA ARG A 132 4.06 35.00 43.71
C ARG A 132 3.37 36.35 43.77
N TRP A 133 2.61 36.73 42.74
CA TRP A 133 1.82 37.94 42.70
C TRP A 133 0.39 37.62 42.33
N PHE A 134 -0.17 36.61 43.00
CA PHE A 134 -1.47 36.04 42.63
C PHE A 134 -2.50 37.08 42.17
N PRO A 135 -2.73 38.19 42.88
CA PRO A 135 -3.71 39.17 42.39
C PRO A 135 -3.42 39.65 40.99
N PHE A 136 -2.15 39.88 40.65
CA PHE A 136 -1.77 40.42 39.35
C PHE A 136 -0.49 39.74 38.87
N ASP A 137 -0.54 39.18 37.67
CA ASP A 137 0.65 38.58 37.08
C ASP A 137 0.61 38.72 35.56
N VAL A 138 1.80 38.70 34.97
CA VAL A 138 2.03 39.05 33.57
C VAL A 138 2.67 37.87 32.85
N GLN A 139 2.21 36.66 33.17
CA GLN A 139 2.93 35.44 32.82
C GLN A 139 3.39 35.44 31.36
N HIS A 140 4.58 34.88 31.15
CA HIS A 140 5.16 34.69 29.82
C HIS A 140 5.31 33.21 29.55
N CYS A 141 4.80 32.75 28.40
CA CYS A 141 4.95 31.37 27.97
C CYS A 141 5.65 31.32 26.63
N LYS A 142 6.38 30.24 26.37
CA LYS A 142 7.22 30.13 25.19
C LYS A 142 6.74 28.99 24.31
N LEU A 143 6.82 29.21 23.00
CA LEU A 143 6.55 28.17 22.01
C LEU A 143 7.72 28.15 21.03
N LYS A 144 8.44 27.03 21.02
CA LYS A 144 9.68 26.89 20.26
C LYS A 144 9.46 25.93 19.10
N PHE A 145 9.53 26.46 17.87
CA PHE A 145 9.36 25.67 16.67
C PHE A 145 10.69 25.56 15.93
N GLY A 146 10.90 24.43 15.27
CA GLY A 146 12.13 24.22 14.53
C GLY A 146 12.07 22.92 13.75
N SER A 147 13.05 22.77 12.87
CA SER A 147 13.15 21.57 12.03
C SER A 147 13.93 20.49 12.76
N TRP A 148 13.46 19.24 12.64
CA TRP A 148 14.09 18.14 13.34
C TRP A 148 15.32 17.63 12.59
N SER A 149 15.14 17.15 11.36
CA SER A 149 16.25 16.60 10.60
C SER A 149 17.01 17.68 9.84
N TYR A 150 16.33 18.39 8.95
CA TYR A 150 16.97 19.46 8.19
C TYR A 150 17.33 20.60 9.13
N GLY A 151 18.57 21.04 9.08
CA GLY A 151 18.96 22.25 9.78
C GLY A 151 20.34 22.73 9.42
N GLY A 152 20.44 23.99 9.05
CA GLY A 152 21.73 24.59 8.75
C GLY A 152 22.23 24.15 7.39
N TRP A 153 22.59 25.10 6.53
CA TRP A 153 23.19 24.76 5.24
C TRP A 153 22.20 24.04 4.33
N SER A 154 21.03 23.68 4.87
CA SER A 154 20.01 22.97 4.10
C SER A 154 18.67 23.69 4.08
N LEU A 155 18.17 24.12 5.24
CA LEU A 155 16.85 24.71 5.36
C LEU A 155 16.96 25.96 6.23
N ASP A 156 17.10 27.12 5.60
CA ASP A 156 17.28 28.39 6.31
C ASP A 156 15.89 28.89 6.68
N LEU A 157 15.42 28.51 7.86
CA LEU A 157 14.12 28.97 8.34
C LEU A 157 14.13 30.47 8.55
N GLN A 158 13.02 31.12 8.22
CA GLN A 158 12.83 32.54 8.47
C GLN A 158 11.50 32.77 9.13
N MET A 159 11.41 33.84 9.91
CA MET A 159 10.24 34.14 10.74
C MET A 159 9.42 35.26 10.14
N GLN A 160 8.10 35.16 10.34
CA GLN A 160 7.17 36.22 9.97
C GLN A 160 6.29 36.54 11.18
N GLU A 161 5.93 37.81 11.32
CA GLU A 161 5.23 38.25 12.52
C GLU A 161 3.91 37.50 12.68
N ALA A 162 3.58 37.16 13.93
CA ALA A 162 2.34 36.46 14.21
C ALA A 162 1.14 37.28 13.76
N ASP A 163 -0.02 36.64 13.73
CA ASP A 163 -1.25 37.24 13.22
C ASP A 163 -2.36 37.04 14.24
N ILE A 164 -2.51 38.00 15.14
CA ILE A 164 -3.62 38.01 16.11
C ILE A 164 -4.69 38.93 15.53
N SER A 165 -5.57 38.34 14.71
CA SER A 165 -6.67 39.08 14.11
C SER A 165 -8.01 38.37 14.22
N GLY A 166 -8.02 37.10 14.62
CA GLY A 166 -9.27 36.38 14.85
C GLY A 166 -9.38 35.97 16.30
N TYR A 167 -8.52 36.53 17.14
CA TYR A 167 -8.51 36.17 18.55
C TYR A 167 -9.86 36.41 19.19
N ILE A 168 -10.33 35.43 19.96
CA ILE A 168 -11.59 35.54 20.70
C ILE A 168 -11.24 35.77 22.17
N PRO A 169 -11.55 36.93 22.75
CA PRO A 169 -11.09 37.23 24.11
C PRO A 169 -11.46 36.13 25.09
N ASN A 170 -10.53 35.83 25.98
CA ASN A 170 -10.73 34.84 27.03
C ASN A 170 -11.40 35.49 28.25
N GLY A 171 -11.74 34.67 29.22
CA GLY A 171 -12.43 35.14 30.41
C GLY A 171 -11.52 35.69 31.50
N GLU A 172 -10.57 34.88 31.96
CA GLU A 172 -9.72 35.26 33.08
C GLU A 172 -8.42 35.91 32.63
N TRP A 173 -7.78 35.38 31.59
CA TRP A 173 -6.51 35.88 31.12
C TRP A 173 -6.70 36.74 29.88
N ASP A 174 -5.97 37.85 29.81
CA ASP A 174 -6.04 38.74 28.65
C ASP A 174 -4.66 38.85 28.01
N LEU A 175 -4.65 38.86 26.68
CA LEU A 175 -3.40 38.92 25.95
C LEU A 175 -2.77 40.30 26.03
N VAL A 176 -1.44 40.33 26.01
CA VAL A 176 -0.70 41.58 25.93
C VAL A 176 0.26 41.61 24.75
N GLY A 177 0.65 40.47 24.20
CA GLY A 177 1.53 40.43 23.06
C GLY A 177 1.98 39.02 22.78
N ILE A 178 2.52 38.84 21.59
CA ILE A 178 3.03 37.54 21.14
C ILE A 178 4.25 37.79 20.26
N PRO A 179 5.32 38.36 20.78
CA PRO A 179 6.50 38.64 19.96
C PRO A 179 7.19 37.36 19.52
N GLY A 180 8.00 37.49 18.47
CA GLY A 180 8.73 36.36 17.95
C GLY A 180 10.21 36.70 17.81
N LYS A 181 11.02 35.64 17.81
CA LYS A 181 12.47 35.80 17.70
C LYS A 181 13.03 34.57 17.01
N ARG A 182 14.14 34.76 16.28
CA ARG A 182 14.83 33.68 15.60
C ARG A 182 16.21 33.51 16.20
N SER A 183 16.59 32.27 16.47
CA SER A 183 17.88 31.96 17.08
C SER A 183 18.54 30.81 16.35
N GLU A 184 19.86 30.70 16.53
CA GLU A 184 20.66 29.64 15.93
C GLU A 184 21.47 28.98 17.03
N ARG A 185 21.27 27.67 17.23
CA ARG A 185 21.88 26.96 18.34
C ARG A 185 22.70 25.79 17.84
N PHE A 186 23.70 25.40 18.64
CA PHE A 186 24.53 24.22 18.38
C PHE A 186 24.14 23.14 19.37
N TYR A 187 23.92 21.93 18.86
CA TYR A 187 23.59 20.78 19.70
C TYR A 187 24.77 19.82 19.77
N GLU A 188 24.73 18.94 20.77
CA GLU A 188 25.83 18.01 20.98
C GLU A 188 25.83 16.89 19.95
N CYS A 189 24.67 16.53 19.41
CA CYS A 189 24.59 15.40 18.49
C CYS A 189 25.38 15.66 17.22
N CYS A 190 25.16 16.80 16.58
CA CYS A 190 25.81 17.14 15.32
C CYS A 190 26.73 18.35 15.50
N LYS A 191 27.30 18.79 14.37
CA LYS A 191 28.26 19.89 14.36
C LYS A 191 27.82 21.05 13.48
N GLU A 192 26.58 21.05 13.00
CA GLU A 192 26.10 22.14 12.17
C GLU A 192 24.98 22.90 12.86
N PRO A 193 25.00 24.24 12.80
CA PRO A 193 23.99 25.02 13.53
C PRO A 193 22.58 24.71 13.07
N TYR A 194 21.64 24.78 14.01
CA TYR A 194 20.24 24.58 13.72
C TYR A 194 19.46 25.83 14.11
N PRO A 195 18.63 26.37 13.21
CA PRO A 195 17.81 27.53 13.56
C PRO A 195 16.51 27.13 14.24
N ASP A 196 15.89 28.10 14.90
CA ASP A 196 14.61 27.90 15.56
C ASP A 196 13.92 29.24 15.72
N VAL A 197 12.59 29.18 15.90
CA VAL A 197 11.76 30.36 16.06
C VAL A 197 10.96 30.22 17.35
N THR A 198 11.08 31.22 18.22
CA THR A 198 10.42 31.21 19.52
C THR A 198 9.40 32.33 19.57
N PHE A 199 8.16 32.00 19.94
CA PHE A 199 7.09 32.96 20.13
C PHE A 199 6.74 33.04 21.61
N THR A 200 6.69 34.25 22.14
CA THR A 200 6.46 34.48 23.57
C THR A 200 5.07 35.07 23.75
N VAL A 201 4.15 34.25 24.27
CA VAL A 201 2.80 34.72 24.59
C VAL A 201 2.81 35.35 25.97
N THR A 202 2.29 36.57 26.08
CA THR A 202 2.20 37.28 27.34
C THR A 202 0.73 37.35 27.75
N MET A 203 0.37 36.69 28.84
CA MET A 203 -0.99 36.72 29.35
C MET A 203 -0.99 37.36 30.73
N ARG A 204 -1.82 38.39 30.90
CA ARG A 204 -1.98 39.05 32.18
C ARG A 204 -3.29 38.61 32.82
N ARG A 205 -3.25 38.36 34.12
CA ARG A 205 -4.45 37.94 34.81
C ARG A 205 -5.40 39.12 34.98
N ARG A 206 -6.70 38.83 34.88
CA ARG A 206 -7.72 39.86 34.99
C ARG A 206 -8.22 39.98 36.42
N GLU B 1 19.37 16.97 -11.48
CA GLU B 1 20.38 17.20 -10.46
C GLU B 1 20.87 15.87 -9.88
N PHE B 2 21.87 15.96 -9.00
CA PHE B 2 22.51 14.76 -8.45
C PHE B 2 21.78 14.19 -7.24
N GLN B 3 21.05 15.03 -6.50
CA GLN B 3 20.27 14.52 -5.38
C GLN B 3 19.15 13.58 -5.84
N ARG B 4 18.71 13.70 -7.09
CA ARG B 4 17.69 12.80 -7.62
C ARG B 4 18.31 11.51 -8.14
N LYS B 5 19.57 11.55 -8.57
CA LYS B 5 20.26 10.32 -8.96
C LYS B 5 20.66 9.51 -7.75
N LEU B 6 21.10 10.19 -6.68
CA LEU B 6 21.54 9.48 -5.48
C LEU B 6 20.43 8.66 -4.86
N TYR B 7 19.23 9.25 -4.75
CA TYR B 7 18.12 8.54 -4.12
C TYR B 7 17.65 7.37 -4.97
N LYS B 8 17.81 7.47 -6.29
CA LYS B 8 17.44 6.36 -7.17
C LYS B 8 18.49 5.27 -7.20
N GLU B 9 19.74 5.62 -6.92
CA GLU B 9 20.81 4.62 -6.92
C GLU B 9 20.95 3.89 -5.60
N LEU B 10 20.75 4.59 -4.48
CA LEU B 10 21.01 3.99 -3.17
C LEU B 10 20.03 2.86 -2.84
N VAL B 11 18.89 2.77 -3.52
CA VAL B 11 17.87 1.80 -3.16
C VAL B 11 17.66 0.80 -4.29
N LYS B 12 18.73 0.50 -5.02
CA LYS B 12 18.62 -0.46 -6.12
C LYS B 12 18.33 -1.86 -5.60
N ASN B 13 19.24 -2.41 -4.81
CA ASN B 13 19.06 -3.73 -4.19
C ASN B 13 19.16 -3.54 -2.68
N TYR B 14 18.03 -3.19 -2.06
CA TYR B 14 17.98 -2.99 -0.61
C TYR B 14 16.78 -3.76 -0.05
N ASN B 15 17.02 -4.55 0.98
CA ASN B 15 15.98 -5.30 1.67
C ASN B 15 15.87 -4.80 3.10
N PRO B 16 14.88 -3.97 3.42
CA PRO B 16 14.80 -3.41 4.78
C PRO B 16 14.80 -4.44 5.90
N LEU B 17 14.73 -5.73 5.58
CA LEU B 17 14.70 -6.78 6.58
C LEU B 17 16.08 -7.38 6.86
N GLU B 18 17.13 -6.83 6.25
CA GLU B 18 18.47 -7.40 6.31
C GLU B 18 19.36 -6.55 7.21
N ARG B 19 20.14 -7.23 8.04
CA ARG B 19 21.09 -6.53 8.91
C ARG B 19 22.20 -5.93 8.06
N PRO B 20 22.41 -4.63 8.08
CA PRO B 20 23.42 -4.02 7.21
C PRO B 20 24.84 -4.27 7.69
N VAL B 21 25.32 -5.50 7.55
CA VAL B 21 26.67 -5.86 7.96
C VAL B 21 27.38 -6.53 6.80
N ALA B 22 28.70 -6.37 6.75
CA ALA B 22 29.48 -6.94 5.65
C ALA B 22 29.62 -8.44 5.79
N ASN B 23 30.20 -8.89 6.90
CA ASN B 23 30.33 -10.31 7.20
C ASN B 23 29.16 -10.73 8.08
N ASP B 24 28.24 -11.51 7.52
CA ASP B 24 27.01 -11.85 8.22
C ASP B 24 27.23 -12.78 9.41
N SER B 25 28.48 -13.13 9.73
CA SER B 25 28.79 -13.94 10.90
C SER B 25 29.42 -13.11 12.00
N GLN B 26 29.22 -11.80 11.98
CA GLN B 26 29.76 -10.90 12.99
C GLN B 26 28.67 -9.96 13.49
N PRO B 27 28.77 -9.51 14.74
CA PRO B 27 27.71 -8.67 15.29
C PRO B 27 27.87 -7.21 14.91
N LEU B 28 26.73 -6.58 14.60
CA LEU B 28 26.70 -5.14 14.41
C LEU B 28 26.90 -4.44 15.74
N THR B 29 27.28 -3.17 15.68
CA THR B 29 27.54 -2.36 16.86
C THR B 29 26.62 -1.16 16.85
N VAL B 30 25.75 -1.06 17.86
CA VAL B 30 24.86 0.07 18.02
C VAL B 30 25.29 0.87 19.24
N TYR B 31 25.14 2.19 19.17
CA TYR B 31 25.51 3.11 20.23
C TYR B 31 24.25 3.79 20.74
N PHE B 32 24.01 3.68 22.05
CA PHE B 32 22.80 4.14 22.72
C PHE B 32 23.14 5.18 23.78
N SER B 33 22.36 6.26 23.82
CA SER B 33 22.48 7.26 24.88
C SER B 33 21.22 8.11 24.89
N LEU B 34 20.65 8.32 26.06
CA LEU B 34 19.46 9.16 26.20
C LEU B 34 19.84 10.56 26.66
N SER B 35 18.94 11.50 26.40
CA SER B 35 19.12 12.89 26.79
C SER B 35 17.85 13.37 27.47
N LEU B 36 17.95 13.68 28.76
CA LEU B 36 16.82 14.21 29.52
C LEU B 36 16.56 15.66 29.17
N LEU B 37 15.31 16.09 29.34
CA LEU B 37 15.00 17.50 29.13
C LEU B 37 14.17 18.07 30.27
N GLN B 38 13.39 17.24 30.95
CA GLN B 38 12.54 17.74 32.03
C GLN B 38 11.91 16.57 32.76
N ILE B 39 11.77 16.70 34.08
CA ILE B 39 11.03 15.73 34.89
C ILE B 39 9.62 16.29 35.01
N MET B 40 8.75 15.86 34.09
CA MET B 40 7.43 16.47 33.99
C MET B 40 6.58 16.21 35.23
N ASP B 41 6.67 15.02 35.79
CA ASP B 41 5.83 14.69 36.94
C ASP B 41 6.36 13.43 37.60
N VAL B 42 6.11 13.32 38.91
CA VAL B 42 6.46 12.16 39.70
C VAL B 42 5.26 11.82 40.57
N ASP B 43 4.42 10.89 40.10
CA ASP B 43 3.24 10.49 40.84
C ASP B 43 3.62 9.61 42.03
N GLU B 44 2.88 9.77 43.12
CA GLU B 44 3.15 9.01 44.34
C GLU B 44 2.01 8.09 44.75
N LYS B 45 0.75 8.49 44.53
CA LYS B 45 -0.35 7.58 44.80
C LYS B 45 -0.19 6.30 44.00
N ASN B 46 0.04 6.42 42.70
CA ASN B 46 0.52 5.33 41.89
C ASN B 46 2.04 5.32 41.95
N GLN B 47 2.69 4.57 41.07
CA GLN B 47 4.15 4.55 40.98
C GLN B 47 4.50 4.74 39.51
N VAL B 48 4.66 6.01 39.11
CA VAL B 48 4.92 6.35 37.72
C VAL B 48 5.74 7.64 37.69
N LEU B 49 6.63 7.74 36.71
CA LEU B 49 7.48 8.91 36.52
C LEU B 49 7.42 9.31 35.06
N THR B 50 6.97 10.54 34.79
CA THR B 50 6.82 11.05 33.45
C THR B 50 7.96 12.01 33.14
N THR B 51 8.67 11.77 32.04
CA THR B 51 9.82 12.58 31.67
C THR B 51 9.79 12.85 30.17
N ASN B 52 10.56 13.85 29.76
CA ASN B 52 10.74 14.19 28.35
C ASN B 52 12.16 13.81 27.96
N ILE B 53 12.28 12.95 26.96
CA ILE B 53 13.57 12.35 26.63
C ILE B 53 13.79 12.39 25.13
N TRP B 54 15.07 12.39 24.75
CA TRP B 54 15.50 12.22 23.36
C TRP B 54 16.44 11.01 23.32
N LEU B 55 16.02 9.95 22.65
CA LEU B 55 16.92 8.82 22.46
C LEU B 55 17.95 9.16 21.40
N GLN B 56 19.10 8.51 21.48
CA GLN B 56 20.18 8.73 20.54
C GLN B 56 20.81 7.38 20.22
N MET B 57 20.61 6.89 19.00
CA MET B 57 21.24 5.67 18.55
C MET B 57 21.95 5.92 17.23
N SER B 58 23.09 5.24 17.07
CA SER B 58 23.93 5.51 15.91
C SER B 58 24.68 4.23 15.52
N TRP B 59 24.23 3.61 14.43
CA TRP B 59 24.94 2.48 13.85
C TRP B 59 25.66 2.93 12.58
N THR B 60 26.26 1.98 11.87
CA THR B 60 27.00 2.25 10.64
C THR B 60 26.54 1.27 9.55
N ASP B 61 25.70 1.74 8.64
CA ASP B 61 25.32 0.94 7.50
C ASP B 61 26.53 0.65 6.63
N HIS B 62 26.36 -0.31 5.72
CA HIS B 62 27.39 -0.63 4.75
C HIS B 62 26.89 -0.62 3.31
N TYR B 63 25.60 -0.37 3.10
CA TYR B 63 25.00 -0.37 1.77
C TYR B 63 24.62 1.03 1.30
N LEU B 64 25.00 2.07 2.05
CA LEU B 64 24.59 3.44 1.75
C LEU B 64 25.81 4.35 1.67
N GLN B 65 26.82 3.93 0.91
CA GLN B 65 28.02 4.70 0.70
C GLN B 65 28.06 5.22 -0.73
N TRP B 66 28.52 6.47 -0.91
CA TRP B 66 28.70 7.05 -2.22
C TRP B 66 29.97 7.88 -2.20
N ASN B 67 30.23 8.57 -3.31
CA ASN B 67 31.44 9.38 -3.47
C ASN B 67 31.03 10.81 -3.74
N VAL B 68 31.35 11.72 -2.80
CA VAL B 68 30.94 13.10 -2.92
C VAL B 68 31.65 13.84 -4.05
N SER B 69 32.71 13.24 -4.61
CA SER B 69 33.33 13.82 -5.81
C SER B 69 32.60 13.43 -7.07
N GLU B 70 31.82 12.36 -7.05
CA GLU B 70 30.97 11.98 -8.18
C GLU B 70 29.55 12.51 -8.05
N TYR B 71 29.07 12.73 -6.83
CA TYR B 71 27.76 13.34 -6.59
C TYR B 71 27.99 14.67 -5.88
N PRO B 72 28.55 15.66 -6.56
CA PRO B 72 28.90 16.91 -5.90
C PRO B 72 27.68 17.59 -5.30
N GLY B 73 27.88 18.19 -4.12
CA GLY B 73 26.82 18.92 -3.46
C GLY B 73 26.09 18.12 -2.40
N VAL B 74 25.87 16.84 -2.66
CA VAL B 74 25.13 15.96 -1.75
C VAL B 74 26.11 15.38 -0.74
N LYS B 75 25.87 15.64 0.55
CA LYS B 75 26.71 15.12 1.61
C LYS B 75 25.93 14.40 2.69
N THR B 76 24.59 14.41 2.64
CA THR B 76 23.78 13.71 3.62
C THR B 76 22.44 13.35 2.99
N VAL B 77 21.85 12.27 3.47
CA VAL B 77 20.54 11.82 2.98
C VAL B 77 19.70 11.39 4.18
N ARG B 78 18.41 11.72 4.12
CA ARG B 78 17.50 11.46 5.23
C ARG B 78 16.44 10.47 4.76
N PHE B 79 16.32 9.35 5.46
CA PHE B 79 15.39 8.30 5.07
C PHE B 79 14.25 8.20 6.08
N PRO B 80 13.00 8.22 5.62
CA PRO B 80 11.87 8.06 6.54
C PRO B 80 11.83 6.68 7.18
N ASP B 81 10.83 6.45 8.01
CA ASP B 81 10.64 5.15 8.64
C ASP B 81 10.00 4.18 7.65
N GLY B 82 10.49 2.94 7.66
CA GLY B 82 9.97 1.89 6.81
C GLY B 82 10.76 1.62 5.54
N GLN B 83 11.87 2.33 5.32
CA GLN B 83 12.69 2.11 4.13
C GLN B 83 14.15 1.83 4.45
N ILE B 84 14.57 1.93 5.71
CA ILE B 84 15.93 1.63 6.10
C ILE B 84 15.89 0.87 7.43
N TRP B 85 16.80 -0.07 7.60
CA TRP B 85 16.80 -0.91 8.79
C TRP B 85 17.10 -0.06 10.03
N LYS B 86 16.24 -0.18 11.04
CA LYS B 86 16.39 0.56 12.29
C LYS B 86 16.30 -0.41 13.46
N PRO B 87 17.14 -0.24 14.47
CA PRO B 87 17.08 -1.13 15.63
C PRO B 87 15.74 -1.01 16.35
N ASP B 88 15.29 -2.14 16.92
CA ASP B 88 14.06 -2.18 17.70
C ASP B 88 14.44 -2.16 19.17
N ILE B 89 14.58 -0.95 19.72
CA ILE B 89 14.97 -0.75 21.11
C ILE B 89 13.75 -0.24 21.86
N LEU B 90 13.35 -0.98 22.90
CA LEU B 90 12.15 -0.67 23.65
C LEU B 90 12.50 -0.39 25.11
N LEU B 91 11.50 0.04 25.87
CA LEU B 91 11.63 0.28 27.30
C LEU B 91 10.97 -0.88 28.02
N TYR B 92 11.77 -1.66 28.75
CA TYR B 92 11.26 -2.91 29.33
C TYR B 92 10.17 -2.64 30.36
N ASN B 93 10.36 -1.66 31.23
CA ASN B 93 9.42 -1.36 32.31
C ASN B 93 8.71 -0.05 31.99
N SER B 94 7.61 -0.14 31.25
CA SER B 94 6.82 1.01 30.85
C SER B 94 5.40 0.88 31.41
N ALA B 95 4.79 2.02 31.71
CA ALA B 95 3.43 2.05 32.26
C ALA B 95 2.46 2.74 31.32
N ASP B 96 2.81 2.87 30.05
CA ASP B 96 1.95 3.49 29.06
C ASP B 96 1.06 2.45 28.41
N GLU B 97 -0.20 2.82 28.16
CA GLU B 97 -1.15 1.87 27.59
C GLU B 97 -0.71 1.35 26.23
N ARG B 98 0.14 2.09 25.53
CA ARG B 98 0.65 1.65 24.24
C ARG B 98 2.00 0.94 24.34
N PHE B 99 2.73 1.13 25.44
CA PHE B 99 4.00 0.46 25.66
C PHE B 99 5.12 1.06 24.82
N ASP B 100 4.81 2.02 23.96
CA ASP B 100 5.83 2.66 23.14
C ASP B 100 5.34 4.06 22.78
N ALA B 101 5.99 5.08 23.33
CA ALA B 101 5.58 6.47 23.13
C ALA B 101 6.55 7.25 22.26
N THR B 102 7.48 6.59 21.59
CA THR B 102 8.42 7.29 20.73
C THR B 102 7.72 7.81 19.48
N PHE B 103 8.13 9.00 19.04
CA PHE B 103 7.60 9.61 17.83
C PHE B 103 8.63 9.44 16.72
N HIS B 104 8.34 8.56 15.77
CA HIS B 104 9.32 8.20 14.76
C HIS B 104 9.67 9.39 13.87
N THR B 105 10.96 9.54 13.60
CA THR B 105 11.43 10.59 12.70
C THR B 105 12.39 10.02 11.67
N ASN B 106 13.05 10.88 10.90
CA ASN B 106 13.93 10.43 9.84
C ASN B 106 15.26 9.93 10.40
N VAL B 107 15.93 9.10 9.62
CA VAL B 107 17.28 8.62 9.93
C VAL B 107 18.25 9.37 9.04
N LEU B 108 19.30 9.92 9.64
CA LEU B 108 20.23 10.79 8.92
C LEU B 108 21.51 10.04 8.61
N VAL B 109 21.94 10.08 7.35
CA VAL B 109 23.12 9.35 6.89
C VAL B 109 24.07 10.33 6.19
N ASN B 110 25.36 10.05 6.30
CA ASN B 110 26.39 10.87 5.66
C ASN B 110 27.20 9.99 4.69
N SER B 111 28.26 10.57 4.14
CA SER B 111 28.98 9.98 3.01
C SER B 111 29.64 8.64 3.33
N SER B 112 29.58 8.20 4.59
CA SER B 112 30.21 6.95 4.99
C SER B 112 29.22 5.97 5.60
N GLY B 113 27.93 6.28 5.58
CA GLY B 113 26.94 5.35 6.10
C GLY B 113 26.70 5.41 7.59
N HIS B 114 27.32 6.34 8.29
CA HIS B 114 27.11 6.48 9.74
CA HIS B 114 27.10 6.47 9.73
C HIS B 114 25.72 7.06 9.98
N CYS B 115 24.79 6.22 10.41
CA CYS B 115 23.41 6.66 10.60
C CYS B 115 23.21 7.21 12.00
N GLN B 116 22.31 8.19 12.10
CA GLN B 116 21.92 8.79 13.37
C GLN B 116 20.40 8.78 13.46
N TYR B 117 19.89 8.47 14.67
CA TYR B 117 18.46 8.40 14.93
C TYR B 117 18.22 8.91 16.34
N LEU B 118 17.45 9.99 16.46
CA LEU B 118 17.19 10.65 17.74
C LEU B 118 15.70 10.89 17.90
N PRO B 119 14.94 9.85 18.23
CA PRO B 119 13.50 10.01 18.44
C PRO B 119 13.21 10.71 19.75
N PRO B 120 12.34 11.70 19.75
CA PRO B 120 11.87 12.30 21.01
C PRO B 120 10.68 11.52 21.57
N GLY B 121 10.45 11.70 22.87
CA GLY B 121 9.35 11.02 23.50
C GLY B 121 9.03 11.57 24.86
N ILE B 122 7.81 11.29 25.31
CA ILE B 122 7.36 11.58 26.67
C ILE B 122 7.10 10.25 27.36
N PHE B 123 8.11 9.74 28.05
CA PHE B 123 8.08 8.37 28.56
C PHE B 123 7.50 8.33 29.96
N LYS B 124 6.69 7.29 30.22
CA LYS B 124 6.09 7.05 31.52
C LYS B 124 6.65 5.74 32.06
N SER B 125 7.72 5.83 32.85
CA SER B 125 8.36 4.66 33.42
C SER B 125 7.58 4.19 34.65
N SER B 126 8.13 3.23 35.38
CA SER B 126 7.52 2.72 36.60
C SER B 126 8.58 2.70 37.68
N CYS B 127 8.37 3.50 38.72
CA CYS B 127 9.33 3.67 39.81
C CYS B 127 8.75 3.15 41.12
N TYR B 128 9.57 3.16 42.15
CA TYR B 128 9.16 2.81 43.51
C TYR B 128 9.47 4.02 44.40
N ILE B 129 8.43 4.74 44.81
CA ILE B 129 8.57 5.96 45.57
C ILE B 129 8.45 5.61 47.06
N ASP B 130 9.51 5.89 47.81
CA ASP B 130 9.55 5.61 49.24
C ASP B 130 9.36 6.92 50.00
N VAL B 131 8.47 6.90 51.00
CA VAL B 131 8.13 8.11 51.74
C VAL B 131 8.41 7.90 53.23
N ARG B 132 9.35 7.01 53.54
CA ARG B 132 9.74 6.80 54.94
C ARG B 132 10.57 7.94 55.49
N TRP B 133 11.06 8.83 54.65
CA TRP B 133 11.79 10.02 55.05
C TRP B 133 11.19 11.25 54.39
N PHE B 134 9.86 11.36 54.47
CA PHE B 134 9.10 12.38 53.74
C PHE B 134 9.78 13.73 53.65
N PRO B 135 10.29 14.32 54.74
CA PRO B 135 10.96 15.63 54.61
C PRO B 135 12.11 15.61 53.62
N PHE B 136 12.90 14.53 53.58
CA PHE B 136 14.07 14.46 52.72
C PHE B 136 14.20 13.06 52.16
N ASP B 137 14.25 12.94 50.84
CA ASP B 137 14.44 11.65 50.20
C ASP B 137 15.22 11.82 48.90
N VAL B 138 15.91 10.75 48.51
CA VAL B 138 16.91 10.76 47.45
C VAL B 138 16.48 9.76 46.37
N GLN B 139 15.18 9.71 46.08
CA GLN B 139 14.59 8.62 45.31
C GLN B 139 15.42 8.29 44.07
N HIS B 140 15.46 6.99 43.75
CA HIS B 140 16.14 6.48 42.56
C HIS B 140 15.12 5.83 41.64
N CYS B 141 15.12 6.24 40.38
CA CYS B 141 14.26 5.65 39.36
C CYS B 141 15.12 5.02 38.27
N LYS B 142 14.63 3.91 37.72
CA LYS B 142 15.37 3.13 36.75
C LYS B 142 14.69 3.18 35.39
N LEU B 143 15.48 3.30 34.33
CA LEU B 143 15.01 3.21 32.95
C LEU B 143 15.85 2.16 32.25
N LYS B 144 15.22 1.08 31.79
CA LYS B 144 15.90 -0.06 31.21
C LYS B 144 15.58 -0.14 29.73
N PHE B 145 16.60 0.02 28.89
CA PHE B 145 16.46 -0.05 27.45
C PHE B 145 17.20 -1.27 26.90
N GLY B 146 16.64 -1.86 25.86
CA GLY B 146 17.28 -3.02 25.25
C GLY B 146 16.56 -3.41 23.98
N SER B 147 17.19 -4.29 23.23
CA SER B 147 16.63 -4.78 21.97
C SER B 147 15.70 -5.96 22.24
N TRP B 148 14.57 -5.99 21.53
CA TRP B 148 13.59 -7.04 21.76
C TRP B 148 13.97 -8.33 21.05
N SER B 149 14.07 -8.31 19.73
CA SER B 149 14.37 -9.51 18.97
C SER B 149 15.88 -9.73 18.83
N TYR B 150 16.58 -8.78 18.24
CA TYR B 150 18.03 -8.89 18.12
C TYR B 150 18.66 -8.84 19.51
N GLY B 151 19.50 -9.84 19.81
CA GLY B 151 20.29 -9.78 21.03
C GLY B 151 21.35 -10.86 21.09
N GLY B 152 22.59 -10.44 21.33
CA GLY B 152 23.67 -11.39 21.50
C GLY B 152 24.12 -11.95 20.17
N TRP B 153 25.41 -11.87 19.87
CA TRP B 153 25.95 -12.47 18.67
C TRP B 153 25.43 -11.77 17.41
N SER B 154 24.48 -10.86 17.57
CA SER B 154 23.90 -10.13 16.45
C SER B 154 24.02 -8.63 16.59
N LEU B 155 23.66 -8.08 17.75
CA LEU B 155 23.61 -6.63 17.96
C LEU B 155 24.26 -6.32 19.30
N ASP B 156 25.56 -6.01 19.28
CA ASP B 156 26.32 -5.74 20.50
C ASP B 156 26.08 -4.28 20.88
N LEU B 157 25.06 -4.07 21.71
CA LEU B 157 24.74 -2.71 22.16
C LEU B 157 25.87 -2.15 23.01
N GLN B 158 26.10 -0.85 22.89
CA GLN B 158 27.06 -0.16 23.72
C GLN B 158 26.46 1.14 24.24
N MET B 159 26.93 1.58 25.40
CA MET B 159 26.36 2.70 26.12
C MET B 159 27.25 3.93 25.98
N GLN B 160 26.61 5.10 25.99
CA GLN B 160 27.31 6.37 26.03
C GLN B 160 26.70 7.23 27.13
N GLU B 161 27.55 8.02 27.78
CA GLU B 161 27.10 8.77 28.95
C GLU B 161 25.95 9.70 28.60
N ALA B 162 24.98 9.80 29.52
CA ALA B 162 23.84 10.66 29.30
C ALA B 162 24.28 12.11 29.11
N ASP B 163 23.35 12.93 28.63
CA ASP B 163 23.63 14.32 28.28
C ASP B 163 22.60 15.23 28.95
N ILE B 164 22.90 15.67 30.17
CA ILE B 164 22.06 16.63 30.87
C ILE B 164 22.70 18.00 30.65
N SER B 165 22.31 18.66 29.56
CA SER B 165 22.81 19.98 29.22
C SER B 165 21.71 20.96 28.83
N GLY B 166 20.50 20.49 28.54
CA GLY B 166 19.38 21.36 28.28
C GLY B 166 18.32 21.21 29.34
N TYR B 167 18.69 20.57 30.45
CA TYR B 167 17.74 20.33 31.52
C TYR B 167 17.14 21.62 32.03
N ILE B 168 15.82 21.63 32.20
CA ILE B 168 15.10 22.77 32.77
C ILE B 168 14.74 22.41 34.21
N PRO B 169 15.27 23.12 35.20
CA PRO B 169 15.08 22.70 36.59
C PRO B 169 13.60 22.61 36.95
N ASN B 170 13.27 21.60 37.75
CA ASN B 170 11.91 21.38 38.22
C ASN B 170 11.67 22.16 39.52
N GLY B 171 10.42 22.15 39.98
CA GLY B 171 10.04 22.91 41.14
C GLY B 171 10.32 22.21 42.47
N GLU B 172 9.77 21.00 42.64
CA GLU B 172 9.87 20.30 43.90
C GLU B 172 11.07 19.34 43.94
N TRP B 173 11.32 18.62 42.86
CA TRP B 173 12.39 17.64 42.82
C TRP B 173 13.60 18.21 42.09
N ASP B 174 14.78 17.95 42.62
CA ASP B 174 16.02 18.41 42.01
C ASP B 174 16.91 17.21 41.66
N LEU B 175 17.54 17.28 40.50
CA LEU B 175 18.38 16.19 40.03
C LEU B 175 19.69 16.15 40.82
N VAL B 176 20.24 14.94 40.93
CA VAL B 176 21.57 14.74 41.48
C VAL B 176 22.47 13.91 40.59
N GLY B 177 21.92 13.14 39.65
CA GLY B 177 22.71 12.34 38.75
C GLY B 177 21.87 11.40 37.91
N ILE B 178 22.45 10.89 36.83
CA ILE B 178 21.77 9.96 35.94
C ILE B 178 22.80 8.98 35.40
N PRO B 179 23.43 8.19 36.27
CA PRO B 179 24.45 7.24 35.79
C PRO B 179 23.85 6.14 34.94
N GLY B 180 24.71 5.51 34.15
CA GLY B 180 24.30 4.43 33.28
C GLY B 180 25.20 3.23 33.45
N LYS B 181 24.64 2.05 33.15
CA LYS B 181 25.40 0.81 33.26
C LYS B 181 24.85 -0.20 32.27
N ARG B 182 25.76 -1.00 31.70
CA ARG B 182 25.41 -2.01 30.73
C ARG B 182 25.50 -3.38 31.37
N SER B 183 24.48 -4.21 31.13
CA SER B 183 24.41 -5.55 31.71
C SER B 183 24.06 -6.55 30.62
N GLU B 184 24.34 -7.83 30.91
CA GLU B 184 24.09 -8.92 29.97
C GLU B 184 23.35 -10.02 30.73
N ARG B 185 22.11 -10.28 30.33
CA ARG B 185 21.24 -11.18 31.07
C ARG B 185 20.81 -12.36 30.21
N PHE B 186 20.50 -13.48 30.87
CA PHE B 186 19.97 -14.67 30.23
C PHE B 186 18.49 -14.79 30.55
N TYR B 187 17.67 -15.01 29.53
CA TYR B 187 16.24 -15.18 29.70
C TYR B 187 15.86 -16.64 29.47
N GLU B 188 14.67 -17.00 29.97
CA GLU B 188 14.22 -18.39 29.87
C GLU B 188 13.79 -18.75 28.46
N CYS B 189 13.34 -17.77 27.67
CA CYS B 189 12.82 -18.07 26.34
C CYS B 189 13.90 -18.64 25.43
N CYS B 190 15.06 -17.98 25.36
CA CYS B 190 16.14 -18.38 24.48
C CYS B 190 17.37 -18.76 25.29
N LYS B 191 18.46 -19.08 24.58
CA LYS B 191 19.70 -19.51 25.20
C LYS B 191 20.87 -18.60 24.88
N GLU B 192 20.64 -17.46 24.24
CA GLU B 192 21.71 -16.54 23.91
C GLU B 192 21.58 -15.27 24.73
N PRO B 193 22.68 -14.80 25.34
CA PRO B 193 22.58 -13.64 26.23
C PRO B 193 22.08 -12.41 25.50
N TYR B 194 21.35 -11.56 26.23
CA TYR B 194 20.84 -10.32 25.70
C TYR B 194 21.41 -9.16 26.50
N PRO B 195 21.97 -8.14 25.85
CA PRO B 195 22.45 -6.97 26.57
C PRO B 195 21.35 -5.94 26.81
N ASP B 196 21.61 -5.05 27.76
CA ASP B 196 20.68 -3.98 28.10
C ASP B 196 21.45 -2.84 28.76
N VAL B 197 20.85 -1.65 28.73
CA VAL B 197 21.43 -0.44 29.30
C VAL B 197 20.44 0.15 30.29
N THR B 198 20.89 0.40 31.51
CA THR B 198 20.05 0.92 32.58
C THR B 198 20.56 2.27 33.02
N PHE B 199 19.66 3.26 33.06
CA PHE B 199 19.96 4.60 33.54
C PHE B 199 19.21 4.85 34.85
N THR B 200 19.92 5.41 35.83
CA THR B 200 19.37 5.62 37.16
C THR B 200 19.28 7.12 37.43
N VAL B 201 18.05 7.64 37.43
CA VAL B 201 17.81 9.05 37.77
C VAL B 201 17.72 9.17 39.28
N THR B 202 18.46 10.12 39.85
CA THR B 202 18.49 10.33 41.29
C THR B 202 17.84 11.67 41.60
N MET B 203 16.56 11.64 41.98
CA MET B 203 15.81 12.85 42.27
C MET B 203 15.68 13.02 43.78
N ARG B 204 16.14 14.16 44.28
CA ARG B 204 16.03 14.48 45.70
C ARG B 204 14.92 15.50 45.90
N ARG B 205 14.12 15.29 46.94
CA ARG B 205 13.06 16.24 47.25
C ARG B 205 13.64 17.54 47.80
N ARG B 206 13.00 18.64 47.44
CA ARG B 206 13.46 19.96 47.89
C ARG B 206 12.69 20.41 49.12
N GLU C 1 26.02 -10.81 -0.10
CA GLU C 1 26.10 -11.74 1.02
C GLU C 1 24.95 -12.74 0.98
N PHE C 2 24.93 -13.66 1.95
CA PHE C 2 23.94 -14.73 1.97
C PHE C 2 22.66 -14.36 2.68
N GLN C 3 22.70 -13.41 3.61
CA GLN C 3 21.49 -12.99 4.30
C GLN C 3 20.49 -12.36 3.35
N ARG C 4 20.96 -11.76 2.26
CA ARG C 4 20.06 -11.18 1.27
C ARG C 4 19.46 -12.23 0.36
N LYS C 5 20.24 -13.25 0.00
CA LYS C 5 19.73 -14.36 -0.78
C LYS C 5 18.69 -15.14 0.01
N LEU C 6 18.94 -15.35 1.30
CA LEU C 6 17.98 -16.09 2.12
C LEU C 6 16.64 -15.38 2.17
N TYR C 7 16.65 -14.05 2.36
CA TYR C 7 15.41 -13.30 2.42
C TYR C 7 14.72 -13.22 1.07
N LYS C 8 15.49 -13.19 -0.02
CA LYS C 8 14.86 -13.19 -1.34
C LYS C 8 14.30 -14.56 -1.69
N GLU C 9 14.84 -15.63 -1.11
CA GLU C 9 14.39 -16.98 -1.45
C GLU C 9 13.23 -17.47 -0.59
N LEU C 10 13.23 -17.15 0.71
CA LEU C 10 12.23 -17.71 1.61
C LEU C 10 10.82 -17.26 1.28
N VAL C 11 10.65 -16.21 0.49
CA VAL C 11 9.33 -15.64 0.23
C VAL C 11 8.96 -15.76 -1.24
N LYS C 12 9.43 -16.82 -1.89
CA LYS C 12 9.12 -17.01 -3.31
C LYS C 12 7.63 -17.28 -3.51
N ASN C 13 7.14 -18.38 -2.95
CA ASN C 13 5.72 -18.73 -3.01
C ASN C 13 5.21 -18.85 -1.57
N TYR C 14 4.80 -17.72 -1.00
CA TYR C 14 4.28 -17.68 0.36
C TYR C 14 2.97 -16.91 0.37
N ASN C 15 1.94 -17.51 0.97
CA ASN C 15 0.64 -16.88 1.10
C ASN C 15 0.33 -16.69 2.58
N PRO C 16 0.51 -15.49 3.12
CA PRO C 16 0.32 -15.29 4.56
C PRO C 16 -1.02 -15.76 5.10
N LEU C 17 -1.94 -16.11 4.21
CA LEU C 17 -3.30 -16.50 4.60
C LEU C 17 -3.48 -17.99 4.77
N GLU C 18 -2.42 -18.79 4.61
CA GLU C 18 -2.53 -20.24 4.62
C GLU C 18 -1.82 -20.82 5.84
N ARG C 19 -2.45 -21.81 6.45
CA ARG C 19 -1.88 -22.47 7.62
C ARG C 19 -0.61 -23.22 7.22
N PRO C 20 0.53 -22.92 7.83
CA PRO C 20 1.80 -23.58 7.46
C PRO C 20 1.90 -25.02 7.97
N VAL C 21 1.09 -25.89 7.39
CA VAL C 21 1.07 -27.30 7.75
C VAL C 21 1.36 -28.13 6.52
N ALA C 22 2.03 -29.26 6.72
CA ALA C 22 2.41 -30.12 5.61
C ALA C 22 1.21 -30.87 5.04
N ASN C 23 0.49 -31.59 5.89
CA ASN C 23 -0.70 -32.33 5.49
C ASN C 23 -1.92 -31.54 5.96
N ASP C 24 -2.62 -30.93 5.01
CA ASP C 24 -3.68 -29.97 5.34
C ASP C 24 -4.90 -30.62 5.99
N SER C 25 -4.87 -31.92 6.27
CA SER C 25 -5.97 -32.59 6.96
C SER C 25 -5.61 -32.92 8.41
N GLN C 26 -4.63 -32.21 8.97
CA GLN C 26 -4.19 -32.42 10.35
C GLN C 26 -4.06 -31.08 11.04
N PRO C 27 -4.21 -31.04 12.36
CA PRO C 27 -4.16 -29.77 13.07
C PRO C 27 -2.74 -29.35 13.42
N LEU C 28 -2.49 -28.05 13.28
CA LEU C 28 -1.25 -27.47 13.75
C LEU C 28 -1.22 -27.46 15.28
N THR C 29 -0.03 -27.33 15.85
CA THR C 29 0.17 -27.34 17.29
C THR C 29 0.82 -26.05 17.71
N VAL C 30 0.13 -25.28 18.55
CA VAL C 30 0.65 -24.03 19.10
C VAL C 30 0.85 -24.22 20.60
N TYR C 31 1.91 -23.60 21.13
CA TYR C 31 2.26 -23.68 22.54
C TYR C 31 2.10 -22.30 23.14
N PHE C 32 1.33 -22.20 24.22
CA PHE C 32 0.98 -20.93 24.85
C PHE C 32 1.44 -20.89 26.29
N SER C 33 2.00 -19.76 26.70
CA SER C 33 2.37 -19.54 28.10
C SER C 33 2.62 -18.06 28.32
N LEU C 34 2.09 -17.52 29.41
CA LEU C 34 2.28 -16.11 29.74
C LEU C 34 3.35 -15.96 30.81
N SER C 35 3.91 -14.75 30.89
CA SER C 35 4.93 -14.42 31.89
C SER C 35 4.55 -13.11 32.55
N LEU C 36 4.27 -13.16 33.85
CA LEU C 36 3.92 -11.97 34.61
C LEU C 36 5.17 -11.15 34.93
N LEU C 37 4.98 -9.85 35.11
CA LEU C 37 6.10 -9.01 35.51
C LEU C 37 5.73 -8.12 36.71
N GLN C 38 4.47 -7.73 36.82
CA GLN C 38 4.07 -6.84 37.89
C GLN C 38 2.56 -6.72 37.92
N ILE C 39 1.99 -6.64 39.13
CA ILE C 39 0.57 -6.36 39.31
C ILE C 39 0.45 -4.85 39.49
N MET C 40 0.23 -4.15 38.37
CA MET C 40 0.30 -2.70 38.39
C MET C 40 -0.79 -2.09 39.28
N ASP C 41 -2.01 -2.62 39.22
CA ASP C 41 -3.11 -2.04 39.97
C ASP C 41 -4.24 -3.05 40.07
N VAL C 42 -5.02 -2.93 41.15
CA VAL C 42 -6.21 -3.75 41.38
C VAL C 42 -7.31 -2.80 41.83
N ASP C 43 -8.15 -2.37 40.89
CA ASP C 43 -9.25 -1.47 41.22
C ASP C 43 -10.37 -2.22 41.93
N GLU C 44 -11.00 -1.55 42.89
CA GLU C 44 -12.08 -2.15 43.67
C GLU C 44 -13.43 -1.48 43.45
N LYS C 45 -13.47 -0.15 43.28
CA LYS C 45 -14.73 0.50 42.97
C LYS C 45 -15.33 -0.07 41.70
N ASN C 46 -14.54 -0.13 40.64
CA ASN C 46 -14.86 -0.94 39.48
C ASN C 46 -14.36 -2.36 39.73
N GLN C 47 -14.33 -3.20 38.70
CA GLN C 47 -13.78 -4.54 38.80
C GLN C 47 -12.82 -4.73 37.63
N VAL C 48 -11.55 -4.37 37.86
CA VAL C 48 -10.53 -4.40 36.81
C VAL C 48 -9.18 -4.67 37.47
N LEU C 49 -8.33 -5.41 36.76
CA LEU C 49 -6.99 -5.74 37.23
C LEU C 49 -6.01 -5.46 36.11
N THR C 50 -5.03 -4.60 36.38
CA THR C 50 -4.04 -4.20 35.39
C THR C 50 -2.71 -4.88 35.70
N THR C 51 -2.16 -5.56 34.70
CA THR C 51 -0.92 -6.31 34.86
C THR C 51 -0.01 -6.04 33.66
N ASN C 52 1.27 -6.41 33.82
CA ASN C 52 2.27 -6.26 32.77
C ASN C 52 2.74 -7.66 32.38
N ILE C 53 2.33 -8.12 31.20
CA ILE C 53 2.51 -9.51 30.82
C ILE C 53 3.31 -9.60 29.53
N TRP C 54 3.98 -10.73 29.35
CA TRP C 54 4.64 -11.10 28.11
C TRP C 54 4.02 -12.42 27.65
N LEU C 55 3.32 -12.39 26.52
CA LEU C 55 2.82 -13.64 25.97
C LEU C 55 3.96 -14.42 25.33
N GLN C 56 3.78 -15.73 25.22
CA GLN C 56 4.77 -16.61 24.62
C GLN C 56 4.04 -17.69 23.85
N MET C 57 4.05 -17.59 22.53
CA MET C 57 3.44 -18.61 21.68
C MET C 57 4.46 -19.11 20.67
N SER C 58 4.46 -20.42 20.47
CA SER C 58 5.46 -21.08 19.63
C SER C 58 4.77 -22.10 18.74
N TRP C 59 4.96 -21.98 17.43
CA TRP C 59 4.54 -22.99 16.46
C TRP C 59 5.73 -23.41 15.61
N THR C 60 5.48 -24.28 14.63
CA THR C 60 6.51 -24.80 13.76
C THR C 60 6.06 -24.65 12.31
N ASP C 61 6.60 -23.64 11.62
CA ASP C 61 6.37 -23.50 10.20
C ASP C 61 6.99 -24.66 9.44
N HIS C 62 6.55 -24.84 8.20
CA HIS C 62 7.11 -25.87 7.35
C HIS C 62 7.61 -25.31 6.02
N TYR C 63 7.47 -24.00 5.79
CA TYR C 63 7.88 -23.38 4.54
C TYR C 63 9.07 -22.45 4.70
N LEU C 64 9.71 -22.44 5.87
CA LEU C 64 10.81 -21.54 6.18
C LEU C 64 12.03 -22.32 6.67
N GLN C 65 12.37 -23.38 5.94
CA GLN C 65 13.54 -24.20 6.24
C GLN C 65 14.63 -23.95 5.22
N TRP C 66 15.87 -23.89 5.68
CA TRP C 66 17.03 -23.78 4.80
C TRP C 66 18.16 -24.63 5.37
N ASN C 67 19.32 -24.55 4.72
CA ASN C 67 20.47 -25.36 5.09
C ASN C 67 21.62 -24.43 5.44
N VAL C 68 22.02 -24.44 6.71
CA VAL C 68 23.06 -23.52 7.17
C VAL C 68 24.43 -23.82 6.57
N SER C 69 24.60 -25.00 5.96
CA SER C 69 25.83 -25.28 5.23
C SER C 69 25.84 -24.66 3.85
N GLU C 70 24.66 -24.37 3.29
CA GLU C 70 24.57 -23.67 2.01
C GLU C 70 24.46 -22.16 2.21
N TYR C 71 23.90 -21.72 3.32
CA TYR C 71 23.86 -20.29 3.63
C TYR C 71 24.69 -20.03 4.88
N PRO C 72 26.01 -20.13 4.80
CA PRO C 72 26.84 -20.02 6.00
C PRO C 72 26.65 -18.68 6.69
N GLY C 73 26.66 -18.71 8.02
CA GLY C 73 26.56 -17.49 8.80
C GLY C 73 25.15 -17.18 9.28
N VAL C 74 24.16 -17.44 8.43
CA VAL C 74 22.77 -17.13 8.75
C VAL C 74 22.17 -18.31 9.50
N LYS C 75 21.78 -18.09 10.76
CA LYS C 75 21.17 -19.12 11.58
C LYS C 75 19.84 -18.69 12.18
N THR C 76 19.32 -17.53 11.78
CA THR C 76 18.05 -17.05 12.30
C THR C 76 17.57 -15.88 11.44
N VAL C 77 16.26 -15.79 11.24
CA VAL C 77 15.67 -14.73 10.44
C VAL C 77 14.46 -14.17 11.18
N ARG C 78 14.29 -12.86 11.14
CA ARG C 78 13.22 -12.18 11.86
C ARG C 78 12.27 -11.54 10.85
N PHE C 79 10.99 -11.88 10.97
CA PHE C 79 9.97 -11.39 10.05
C PHE C 79 9.02 -10.44 10.76
N PRO C 80 8.78 -9.26 10.21
CA PRO C 80 7.83 -8.33 10.83
C PRO C 80 6.40 -8.86 10.79
N ASP C 81 5.46 -8.06 11.31
CA ASP C 81 4.06 -8.43 11.27
C ASP C 81 3.48 -8.17 9.89
N GLY C 82 2.65 -9.09 9.42
CA GLY C 82 1.99 -8.96 8.14
C GLY C 82 2.64 -9.71 6.99
N GLN C 83 3.73 -10.43 7.24
CA GLN C 83 4.40 -11.19 6.19
C GLN C 83 4.56 -12.66 6.54
N ILE C 84 4.08 -13.10 7.69
CA ILE C 84 4.15 -14.50 8.09
C ILE C 84 2.92 -14.81 8.92
N TRP C 85 2.41 -16.04 8.78
CA TRP C 85 1.18 -16.42 9.47
C TRP C 85 1.41 -16.45 10.98
N LYS C 86 0.57 -15.74 11.71
CA LYS C 86 0.65 -15.68 13.16
C LYS C 86 -0.70 -16.03 13.77
N PRO C 87 -0.73 -16.82 14.85
CA PRO C 87 -2.00 -17.17 15.47
C PRO C 87 -2.72 -15.93 15.99
N ASP C 88 -4.05 -15.97 15.92
CA ASP C 88 -4.89 -14.89 16.43
C ASP C 88 -5.42 -15.32 17.79
N ILE C 89 -4.66 -15.03 18.84
CA ILE C 89 -5.01 -15.39 20.20
C ILE C 89 -5.40 -14.12 20.95
N LEU C 90 -6.62 -14.08 21.46
CA LEU C 90 -7.18 -12.92 22.13
C LEU C 90 -7.51 -13.24 23.58
N LEU C 91 -7.80 -12.20 24.34
CA LEU C 91 -8.23 -12.33 25.73
C LEU C 91 -9.75 -12.17 25.77
N TYR C 92 -10.46 -13.23 26.15
CA TYR C 92 -11.91 -13.22 26.03
C TYR C 92 -12.54 -12.15 26.94
N ASN C 93 -12.07 -12.05 28.18
CA ASN C 93 -12.65 -11.13 29.15
C ASN C 93 -11.69 -9.94 29.34
N SER C 94 -11.86 -8.92 28.51
CA SER C 94 -11.03 -7.73 28.56
C SER C 94 -11.90 -6.51 28.82
N ALA C 95 -11.34 -5.55 29.55
CA ALA C 95 -12.05 -4.32 29.88
C ALA C 95 -11.40 -3.09 29.23
N ASP C 96 -10.58 -3.30 28.21
CA ASP C 96 -9.93 -2.21 27.51
C ASP C 96 -10.80 -1.73 26.35
N GLU C 97 -10.82 -0.41 26.14
CA GLU C 97 -11.67 0.16 25.10
C GLU C 97 -11.31 -0.35 23.72
N ARG C 98 -10.08 -0.84 23.52
CA ARG C 98 -9.67 -1.38 22.23
C ARG C 98 -9.80 -2.89 22.13
N PHE C 99 -9.93 -3.59 23.25
CA PHE C 99 -10.10 -5.03 23.32
C PHE C 99 -8.82 -5.80 23.03
N ASP C 100 -7.73 -5.12 22.66
CA ASP C 100 -6.47 -5.80 22.38
C ASP C 100 -5.34 -4.80 22.64
N ALA C 101 -4.53 -5.07 23.67
CA ALA C 101 -3.47 -4.16 24.09
C ALA C 101 -2.08 -4.68 23.77
N THR C 102 -1.96 -5.78 23.03
CA THR C 102 -0.66 -6.32 22.69
C THR C 102 0.09 -5.38 21.74
N PHE C 103 1.40 -5.30 21.90
CA PHE C 103 2.26 -4.50 21.04
C PHE C 103 3.01 -5.46 20.12
N HIS C 104 2.65 -5.45 18.83
CA HIS C 104 3.18 -6.43 17.90
C HIS C 104 4.68 -6.25 17.71
N THR C 105 5.39 -7.38 17.64
CA THR C 105 6.83 -7.38 17.39
C THR C 105 7.19 -8.40 16.32
N ASN C 106 8.48 -8.64 16.13
CA ASN C 106 8.95 -9.54 15.09
C ASN C 106 8.76 -11.00 15.49
N VAL C 107 8.85 -11.88 14.51
CA VAL C 107 8.81 -13.32 14.71
C VAL C 107 10.18 -13.89 14.37
N LEU C 108 10.75 -14.67 15.28
CA LEU C 108 12.11 -15.18 15.15
C LEU C 108 12.07 -16.65 14.74
N VAL C 109 12.63 -16.96 13.57
CA VAL C 109 12.66 -18.30 13.04
C VAL C 109 14.09 -18.78 12.96
N ASN C 110 14.29 -20.07 13.21
CA ASN C 110 15.63 -20.67 13.15
C ASN C 110 15.67 -21.71 12.02
N SER C 111 16.78 -22.44 11.94
CA SER C 111 17.09 -23.26 10.78
C SER C 111 16.08 -24.38 10.55
N SER C 112 15.10 -24.55 11.44
CA SER C 112 14.13 -25.62 11.30
C SER C 112 12.69 -25.12 11.29
N GLY C 113 12.48 -23.80 11.27
CA GLY C 113 11.14 -23.26 11.18
C GLY C 113 10.42 -23.11 12.50
N HIS C 114 11.08 -23.34 13.63
CA HIS C 114 10.46 -23.19 14.93
CA HIS C 114 10.45 -23.19 14.93
C HIS C 114 10.33 -21.71 15.26
N CYS C 115 9.11 -21.18 15.21
CA CYS C 115 8.89 -19.76 15.43
C CYS C 115 8.60 -19.48 16.90
N GLN C 116 8.92 -18.26 17.33
CA GLN C 116 8.64 -17.79 18.67
C GLN C 116 8.03 -16.39 18.59
N TYR C 117 7.03 -16.13 19.42
CA TYR C 117 6.36 -14.83 19.42
C TYR C 117 6.08 -14.46 20.86
N LEU C 118 6.67 -13.35 21.32
CA LEU C 118 6.56 -12.90 22.71
C LEU C 118 6.14 -11.44 22.75
N PRO C 119 4.88 -11.15 22.45
CA PRO C 119 4.39 -9.78 22.52
C PRO C 119 4.25 -9.33 23.97
N PRO C 120 4.75 -8.14 24.30
CA PRO C 120 4.48 -7.56 25.61
C PRO C 120 3.19 -6.77 25.61
N GLY C 121 2.63 -6.59 26.80
CA GLY C 121 1.39 -5.86 26.91
C GLY C 121 1.08 -5.45 28.33
N ILE C 122 0.22 -4.44 28.45
CA ILE C 122 -0.34 -4.00 29.73
C ILE C 122 -1.82 -4.32 29.71
N PHE C 123 -2.19 -5.50 30.20
CA PHE C 123 -3.54 -6.01 30.03
C PHE C 123 -4.43 -5.59 31.19
N LYS C 124 -5.65 -5.17 30.86
CA LYS C 124 -6.66 -4.78 31.83
C LYS C 124 -7.76 -5.84 31.81
N SER C 125 -7.67 -6.81 32.73
CA SER C 125 -8.62 -7.90 32.79
C SER C 125 -9.89 -7.44 33.50
N SER C 126 -10.78 -8.37 33.79
CA SER C 126 -12.01 -8.10 34.53
C SER C 126 -12.16 -9.16 35.61
N CYS C 127 -12.12 -8.73 36.87
CA CYS C 127 -12.15 -9.61 38.02
C CYS C 127 -13.38 -9.34 38.86
N TYR C 128 -13.54 -10.16 39.91
CA TYR C 128 -14.60 -9.98 40.91
C TYR C 128 -13.91 -9.87 42.27
N ILE C 129 -13.85 -8.66 42.80
CA ILE C 129 -13.16 -8.41 44.06
C ILE C 129 -14.16 -8.51 45.19
N ASP C 130 -13.90 -9.42 46.12
CA ASP C 130 -14.78 -9.64 47.27
C ASP C 130 -14.15 -9.02 48.51
N VAL C 131 -14.94 -8.26 49.26
CA VAL C 131 -14.44 -7.54 50.42
C VAL C 131 -15.20 -7.95 51.68
N ARG C 132 -15.73 -9.17 51.67
CA ARG C 132 -16.41 -9.68 52.86
C ARG C 132 -15.44 -10.05 53.97
N TRP C 133 -14.14 -10.12 53.69
CA TRP C 133 -13.11 -10.37 54.68
C TRP C 133 -12.03 -9.31 54.57
N PHE C 134 -12.47 -8.05 54.52
CA PHE C 134 -11.57 -6.91 54.23
C PHE C 134 -10.19 -7.04 54.85
N PRO C 135 -10.04 -7.34 56.14
CA PRO C 135 -8.69 -7.46 56.70
C PRO C 135 -7.82 -8.47 55.97
N PHE C 136 -8.38 -9.60 55.55
CA PHE C 136 -7.63 -10.66 54.90
C PHE C 136 -8.46 -11.27 53.79
N ASP C 137 -7.93 -11.29 52.58
CA ASP C 137 -8.62 -11.91 51.45
C ASP C 137 -7.60 -12.50 50.49
N VAL C 138 -8.06 -13.51 49.75
CA VAL C 138 -7.22 -14.38 48.93
C VAL C 138 -7.66 -14.31 47.47
N GLN C 139 -8.02 -13.11 47.02
CA GLN C 139 -8.75 -12.94 45.77
C GLN C 139 -8.16 -13.78 44.64
N HIS C 140 -9.05 -14.28 43.78
CA HIS C 140 -8.68 -15.03 42.59
C HIS C 140 -9.15 -14.26 41.36
N CYS C 141 -8.24 -14.06 40.41
CA CYS C 141 -8.56 -13.42 39.14
C CYS C 141 -8.27 -14.38 38.00
N LYS C 142 -9.07 -14.30 36.93
CA LYS C 142 -8.97 -15.21 35.81
C LYS C 142 -8.55 -14.47 34.55
N LEU C 143 -7.67 -15.12 33.78
CA LEU C 143 -7.26 -14.63 32.47
C LEU C 143 -7.48 -15.75 31.47
N LYS C 144 -8.38 -15.54 30.52
CA LYS C 144 -8.79 -16.57 29.58
C LYS C 144 -8.29 -16.21 28.19
N PHE C 145 -7.40 -17.03 27.64
CA PHE C 145 -6.84 -16.84 26.32
C PHE C 145 -7.32 -17.95 25.39
N GLY C 146 -7.49 -17.61 24.12
CA GLY C 146 -7.93 -18.59 23.14
C GLY C 146 -7.91 -18.00 21.75
N SER C 147 -8.07 -18.89 20.78
CA SER C 147 -8.09 -18.50 19.37
C SER C 147 -9.50 -18.10 18.96
N TRP C 148 -9.60 -17.03 18.17
CA TRP C 148 -10.91 -16.53 17.78
C TRP C 148 -11.50 -17.32 16.62
N SER C 149 -10.83 -17.32 15.48
CA SER C 149 -11.34 -18.00 14.29
C SER C 149 -10.93 -19.46 14.26
N TYR C 150 -9.62 -19.73 14.27
CA TYR C 150 -9.15 -21.10 14.30
C TYR C 150 -9.52 -21.76 15.62
N GLY C 151 -10.17 -22.92 15.54
CA GLY C 151 -10.40 -23.70 16.74
C GLY C 151 -10.93 -25.08 16.46
N GLY C 152 -10.27 -26.09 17.00
CA GLY C 152 -10.71 -27.46 16.87
C GLY C 152 -10.37 -27.99 15.49
N TRP C 153 -9.71 -29.15 15.43
CA TRP C 153 -9.43 -29.80 14.15
C TRP C 153 -8.48 -28.97 13.30
N SER C 154 -8.16 -27.76 13.73
CA SER C 154 -7.26 -26.88 12.99
C SER C 154 -6.06 -26.43 13.82
N LEU C 155 -6.28 -25.96 15.04
CA LEU C 155 -5.22 -25.39 15.87
C LEU C 155 -5.35 -25.97 17.28
N ASP C 156 -4.59 -27.02 17.57
CA ASP C 156 -4.65 -27.71 18.85
C ASP C 156 -3.75 -26.94 19.82
N LEU C 157 -4.34 -25.96 20.50
CA LEU C 157 -3.59 -25.19 21.49
C LEU C 157 -3.15 -26.09 22.64
N GLN C 158 -1.94 -25.83 23.15
CA GLN C 158 -1.43 -26.52 24.31
C GLN C 158 -0.83 -25.50 25.28
N MET C 159 -0.81 -25.87 26.55
CA MET C 159 -0.43 -24.96 27.63
C MET C 159 0.94 -25.32 28.18
N GLN C 160 1.68 -24.29 28.60
CA GLN C 160 2.93 -24.46 29.32
C GLN C 160 2.88 -23.62 30.59
N GLU C 161 3.53 -24.12 31.63
CA GLU C 161 3.44 -23.49 32.94
C GLU C 161 3.94 -22.05 32.89
N ALA C 162 3.26 -21.17 33.63
CA ALA C 162 3.66 -19.77 33.68
C ALA C 162 5.08 -19.63 34.21
N ASP C 163 5.63 -18.43 34.05
CA ASP C 163 7.02 -18.14 34.41
C ASP C 163 7.06 -16.90 35.28
N ILE C 164 6.97 -17.09 36.59
CA ILE C 164 7.13 -16.00 37.56
C ILE C 164 8.58 -16.06 38.04
N SER C 165 9.45 -15.37 37.32
CA SER C 165 10.87 -15.28 37.67
C SER C 165 11.43 -13.88 37.61
N GLY C 166 10.73 -12.93 37.00
CA GLY C 166 11.15 -11.54 37.01
C GLY C 166 10.16 -10.69 37.77
N TYR C 167 9.27 -11.34 38.51
CA TYR C 167 8.23 -10.64 39.24
C TYR C 167 8.84 -9.63 40.21
N ILE C 168 8.30 -8.42 40.20
CA ILE C 168 8.70 -7.36 41.12
C ILE C 168 7.62 -7.25 42.19
N PRO C 169 7.92 -7.54 43.45
CA PRO C 169 6.86 -7.60 44.47
C PRO C 169 6.10 -6.29 44.57
N ASN C 170 4.78 -6.40 44.76
CA ASN C 170 3.90 -5.26 44.90
C ASN C 170 3.88 -4.80 46.36
N GLY C 171 3.16 -3.72 46.63
CA GLY C 171 3.12 -3.17 47.96
C GLY C 171 2.03 -3.75 48.85
N GLU C 172 0.79 -3.71 48.38
CA GLU C 172 -0.34 -4.15 49.20
C GLU C 172 -0.72 -5.61 48.96
N TRP C 173 -0.69 -6.05 47.71
CA TRP C 173 -1.09 -7.41 47.35
C TRP C 173 0.14 -8.27 47.11
N ASP C 174 0.15 -9.48 47.66
CA ASP C 174 1.24 -10.41 47.47
C ASP C 174 0.74 -11.64 46.72
N LEU C 175 1.56 -12.12 45.80
CA LEU C 175 1.19 -13.28 44.99
C LEU C 175 1.24 -14.56 45.81
N VAL C 176 0.37 -15.50 45.45
CA VAL C 176 0.42 -16.85 46.02
C VAL C 176 0.51 -17.94 44.96
N GLY C 177 0.13 -17.67 43.72
CA GLY C 177 0.21 -18.67 42.67
C GLY C 177 -0.46 -18.17 41.41
N ILE C 178 -0.15 -18.86 40.32
CA ILE C 178 -0.71 -18.53 39.01
C ILE C 178 -0.90 -19.83 38.23
N PRO C 179 -1.75 -20.74 38.70
CA PRO C 179 -1.93 -22.01 37.99
C PRO C 179 -2.61 -21.81 36.65
N GLY C 180 -2.44 -22.80 35.78
CA GLY C 180 -3.05 -22.77 34.47
C GLY C 180 -3.83 -24.05 34.21
N LYS C 181 -4.81 -23.95 33.32
CA LYS C 181 -5.66 -25.08 32.98
C LYS C 181 -6.15 -24.94 31.55
N ARG C 182 -6.23 -26.05 30.84
CA ARG C 182 -6.72 -26.07 29.47
C ARG C 182 -8.09 -26.71 29.42
N SER C 183 -9.02 -26.08 28.70
CA SER C 183 -10.38 -26.57 28.59
C SER C 183 -10.84 -26.54 27.15
N GLU C 184 -11.88 -27.30 26.86
CA GLU C 184 -12.46 -27.39 25.52
C GLU C 184 -13.96 -27.15 25.63
N ARG C 185 -14.46 -26.11 24.96
CA ARG C 185 -15.85 -25.68 25.10
C ARG C 185 -16.54 -25.67 23.75
N PHE C 186 -17.86 -25.86 23.79
CA PHE C 186 -18.72 -25.76 22.62
C PHE C 186 -19.50 -24.46 22.67
N TYR C 187 -19.48 -23.71 21.58
CA TYR C 187 -20.21 -22.46 21.48
C TYR C 187 -21.44 -22.64 20.58
N GLU C 188 -22.37 -21.70 20.70
CA GLU C 188 -23.63 -21.81 19.98
C GLU C 188 -23.48 -21.51 18.50
N CYS C 189 -22.49 -20.69 18.13
CA CYS C 189 -22.36 -20.29 16.73
C CYS C 189 -22.01 -21.47 15.83
N CYS C 190 -20.99 -22.23 16.20
CA CYS C 190 -20.51 -23.36 15.40
C CYS C 190 -20.73 -24.66 16.14
N LYS C 191 -20.25 -25.75 15.54
CA LYS C 191 -20.42 -27.09 16.08
C LYS C 191 -19.10 -27.82 16.31
N GLU C 192 -17.97 -27.11 16.25
CA GLU C 192 -16.67 -27.72 16.47
C GLU C 192 -16.06 -27.18 17.76
N PRO C 193 -15.51 -28.05 18.62
CA PRO C 193 -15.01 -27.59 19.91
C PRO C 193 -13.89 -26.58 19.75
N TYR C 194 -13.84 -25.63 20.68
CA TYR C 194 -12.79 -24.63 20.73
C TYR C 194 -12.01 -24.77 22.03
N PRO C 195 -10.69 -24.87 21.97
CA PRO C 195 -9.90 -24.93 23.20
C PRO C 195 -9.58 -23.55 23.73
N ASP C 196 -9.18 -23.52 25.00
CA ASP C 196 -8.81 -22.28 25.66
C ASP C 196 -7.91 -22.59 26.85
N VAL C 197 -7.16 -21.58 27.28
CA VAL C 197 -6.22 -21.70 28.39
C VAL C 197 -6.55 -20.60 29.41
N THR C 198 -6.77 -21.01 30.65
CA THR C 198 -7.14 -20.10 31.72
C THR C 198 -6.07 -20.09 32.80
N PHE C 199 -5.59 -18.90 33.15
CA PHE C 199 -4.62 -18.71 34.21
C PHE C 199 -5.29 -18.01 35.39
N THR C 200 -5.11 -18.56 36.59
CA THR C 200 -5.75 -18.05 37.80
C THR C 200 -4.69 -17.41 38.69
N VAL C 201 -4.69 -16.09 38.74
CA VAL C 201 -3.79 -15.35 39.62
C VAL C 201 -4.42 -15.29 41.01
N THR C 202 -3.64 -15.67 42.02
CA THR C 202 -4.09 -15.62 43.41
C THR C 202 -3.33 -14.49 44.13
N MET C 203 -4.06 -13.46 44.53
CA MET C 203 -3.47 -12.32 45.22
C MET C 203 -4.07 -12.22 46.62
N ARG C 204 -3.20 -12.25 47.63
CA ARG C 204 -3.62 -12.12 49.01
C ARG C 204 -3.29 -10.72 49.51
N ARG C 205 -4.24 -10.12 50.23
CA ARG C 205 -4.00 -8.79 50.78
C ARG C 205 -3.01 -8.86 51.93
N ARG C 206 -2.18 -7.82 52.03
CA ARG C 206 -1.16 -7.77 53.06
C ARG C 206 -1.64 -6.95 54.25
N GLU D 1 0.58 -28.07 -1.71
CA GLU D 1 -0.65 -28.55 -1.10
C GLU D 1 -1.85 -27.88 -1.72
N PHE D 2 -3.05 -28.29 -1.29
CA PHE D 2 -4.29 -27.80 -1.88
C PHE D 2 -4.78 -26.51 -1.24
N GLN D 3 -4.42 -26.26 0.03
CA GLN D 3 -4.80 -25.01 0.65
C GLN D 3 -4.12 -23.81 0.00
N ARG D 4 -2.98 -24.02 -0.65
CA ARG D 4 -2.31 -22.94 -1.36
C ARG D 4 -2.91 -22.72 -2.75
N LYS D 5 -3.47 -23.77 -3.35
CA LYS D 5 -4.18 -23.61 -4.62
C LYS D 5 -5.53 -22.95 -4.42
N LEU D 6 -6.23 -23.29 -3.34
CA LEU D 6 -7.55 -22.74 -3.10
C LEU D 6 -7.50 -21.23 -2.92
N TYR D 7 -6.54 -20.74 -2.13
CA TYR D 7 -6.45 -19.31 -1.88
C TYR D 7 -6.06 -18.55 -3.13
N LYS D 8 -5.29 -19.16 -4.02
CA LYS D 8 -4.93 -18.52 -5.27
C LYS D 8 -6.04 -18.58 -6.30
N GLU D 9 -6.94 -19.55 -6.21
CA GLU D 9 -8.05 -19.66 -7.15
C GLU D 9 -9.25 -18.83 -6.74
N LEU D 10 -9.55 -18.75 -5.44
CA LEU D 10 -10.78 -18.08 -5.00
C LEU D 10 -10.76 -16.57 -5.26
N VAL D 11 -9.58 -15.98 -5.45
CA VAL D 11 -9.48 -14.53 -5.56
C VAL D 11 -9.00 -14.13 -6.94
N LYS D 12 -9.37 -14.93 -7.96
CA LYS D 12 -8.94 -14.62 -9.32
C LYS D 12 -9.64 -13.38 -9.86
N ASN D 13 -10.97 -13.42 -9.95
CA ASN D 13 -11.78 -12.29 -10.38
C ASN D 13 -12.70 -11.92 -9.23
N TYR D 14 -12.20 -11.09 -8.31
CA TYR D 14 -12.97 -10.65 -7.15
C TYR D 14 -12.80 -9.16 -6.97
N ASN D 15 -13.92 -8.45 -6.84
CA ASN D 15 -13.92 -7.02 -6.58
C ASN D 15 -14.56 -6.78 -5.22
N PRO D 16 -13.79 -6.43 -4.19
CA PRO D 16 -14.37 -6.33 -2.83
C PRO D 16 -15.41 -5.24 -2.69
N LEU D 17 -15.71 -4.53 -3.76
CA LEU D 17 -16.71 -3.47 -3.75
C LEU D 17 -18.06 -3.90 -4.31
N GLU D 18 -18.22 -5.19 -4.61
CA GLU D 18 -19.39 -5.69 -5.32
C GLU D 18 -20.27 -6.51 -4.38
N ARG D 19 -21.57 -6.21 -4.39
CA ARG D 19 -22.52 -7.01 -3.63
C ARG D 19 -22.55 -8.42 -4.20
N PRO D 20 -22.04 -9.40 -3.46
CA PRO D 20 -21.96 -10.77 -4.02
C PRO D 20 -23.31 -11.45 -4.12
N VAL D 21 -24.11 -11.04 -5.11
CA VAL D 21 -25.42 -11.65 -5.34
C VAL D 21 -25.47 -12.16 -6.77
N ALA D 22 -26.14 -13.29 -6.96
CA ALA D 22 -26.19 -13.91 -8.28
C ALA D 22 -26.96 -13.06 -9.27
N ASN D 23 -28.16 -12.62 -8.89
CA ASN D 23 -29.01 -11.78 -9.73
C ASN D 23 -29.02 -10.38 -9.13
N ASP D 24 -28.34 -9.44 -9.78
CA ASP D 24 -28.10 -8.12 -9.22
C ASP D 24 -29.36 -7.29 -9.07
N SER D 25 -30.53 -7.82 -9.41
CA SER D 25 -31.80 -7.10 -9.24
C SER D 25 -32.61 -7.66 -8.08
N GLN D 26 -31.93 -8.30 -7.12
CA GLN D 26 -32.58 -8.87 -5.96
C GLN D 26 -31.76 -8.54 -4.72
N PRO D 27 -32.40 -8.47 -3.55
CA PRO D 27 -31.69 -8.09 -2.34
C PRO D 27 -30.99 -9.26 -1.66
N LEU D 28 -29.79 -9.00 -1.16
CA LEU D 28 -29.09 -9.95 -0.33
C LEU D 28 -29.78 -10.06 1.03
N THR D 29 -29.51 -11.16 1.73
CA THR D 29 -30.11 -11.44 3.03
C THR D 29 -29.02 -11.59 4.07
N VAL D 30 -29.03 -10.71 5.07
CA VAL D 30 -28.09 -10.78 6.18
C VAL D 30 -28.86 -11.12 7.45
N TYR D 31 -28.22 -11.89 8.32
CA TYR D 31 -28.81 -12.33 9.58
C TYR D 31 -28.01 -11.70 10.72
N PHE D 32 -28.70 -11.01 11.62
CA PHE D 32 -28.09 -10.25 12.70
C PHE D 32 -28.56 -10.75 14.05
N SER D 33 -27.61 -10.91 14.98
CA SER D 33 -27.95 -11.26 16.36
C SER D 33 -26.78 -10.93 17.26
N LEU D 34 -27.05 -10.26 18.38
CA LEU D 34 -26.02 -9.93 19.34
C LEU D 34 -26.00 -10.93 20.48
N SER D 35 -24.86 -10.98 21.18
CA SER D 35 -24.70 -11.86 22.34
C SER D 35 -24.07 -11.05 23.46
N LEU D 36 -24.82 -10.87 24.55
CA LEU D 36 -24.33 -10.15 25.71
C LEU D 36 -23.36 -11.02 26.51
N LEU D 37 -22.44 -10.35 27.23
CA LEU D 37 -21.55 -11.10 28.10
C LEU D 37 -21.50 -10.51 29.50
N GLN D 38 -21.69 -9.20 29.63
CA GLN D 38 -21.61 -8.56 30.94
C GLN D 38 -22.07 -7.12 30.83
N ILE D 39 -22.77 -6.65 31.87
CA ILE D 39 -23.14 -5.23 31.98
C ILE D 39 -22.04 -4.57 32.80
N MET D 40 -21.05 -4.00 32.11
CA MET D 40 -19.86 -3.52 32.79
C MET D 40 -20.15 -2.31 33.69
N ASP D 41 -21.05 -1.43 33.27
CA ASP D 41 -21.30 -0.22 34.05
C ASP D 41 -22.56 0.45 33.55
N VAL D 42 -23.23 1.17 34.44
CA VAL D 42 -24.42 1.95 34.12
C VAL D 42 -24.25 3.29 34.80
N ASP D 43 -23.76 4.29 34.07
CA ASP D 43 -23.57 5.62 34.62
C ASP D 43 -24.90 6.34 34.77
N GLU D 44 -25.03 7.13 35.83
CA GLU D 44 -26.26 7.85 36.11
C GLU D 44 -26.10 9.36 36.08
N LYS D 45 -24.96 9.89 36.52
CA LYS D 45 -24.72 11.32 36.37
C LYS D 45 -24.83 11.74 34.91
N ASN D 46 -24.12 11.04 34.04
CA ASN D 46 -24.36 11.10 32.61
C ASN D 46 -25.45 10.09 32.28
N GLN D 47 -25.64 9.80 31.00
CA GLN D 47 -26.59 8.76 30.56
C GLN D 47 -25.85 7.87 29.56
N VAL D 48 -25.21 6.83 30.07
CA VAL D 48 -24.40 5.94 29.26
C VAL D 48 -24.44 4.55 29.89
N LEU D 49 -24.40 3.53 29.04
CA LEU D 49 -24.41 2.14 29.48
C LEU D 49 -23.29 1.40 28.75
N THR D 50 -22.35 0.85 29.51
CA THR D 50 -21.22 0.13 28.94
C THR D 50 -21.42 -1.37 29.08
N THR D 51 -21.33 -2.09 27.96
CA THR D 51 -21.56 -3.52 27.94
C THR D 51 -20.51 -4.20 27.08
N ASN D 52 -20.37 -5.51 27.28
CA ASN D 52 -19.47 -6.34 26.48
C ASN D 52 -20.34 -7.22 25.59
N ILE D 53 -20.13 -7.13 24.27
CA ILE D 53 -21.03 -7.74 23.31
C ILE D 53 -20.23 -8.46 22.23
N TRP D 54 -20.86 -9.47 21.64
CA TRP D 54 -20.35 -10.16 20.45
C TRP D 54 -21.42 -10.05 19.38
N LEU D 55 -21.14 -9.31 18.31
CA LEU D 55 -22.07 -9.28 17.19
C LEU D 55 -21.98 -10.58 16.40
N GLN D 56 -23.08 -10.91 15.71
CA GLN D 56 -23.13 -12.12 14.90
C GLN D 56 -23.86 -11.78 13.61
N MET D 57 -23.12 -11.67 12.51
CA MET D 57 -23.70 -11.44 11.20
C MET D 57 -23.36 -12.59 10.28
N SER D 58 -24.36 -13.03 9.51
CA SER D 58 -24.22 -14.18 8.64
C SER D 58 -24.91 -13.89 7.32
N TRP D 59 -24.15 -13.92 6.22
CA TRP D 59 -24.69 -13.86 4.88
C TRP D 59 -24.19 -15.07 4.09
N THR D 60 -24.57 -15.12 2.81
CA THR D 60 -24.21 -16.24 1.94
C THR D 60 -23.55 -15.68 0.68
N ASP D 61 -22.22 -15.69 0.66
CA ASP D 61 -21.49 -15.32 -0.53
C ASP D 61 -21.85 -16.27 -1.68
N HIS D 62 -21.51 -15.85 -2.89
CA HIS D 62 -21.76 -16.68 -4.06
C HIS D 62 -20.53 -16.86 -4.93
N TYR D 63 -19.43 -16.18 -4.66
CA TYR D 63 -18.21 -16.27 -5.46
C TYR D 63 -17.12 -17.09 -4.79
N LEU D 64 -17.42 -17.74 -3.67
CA LEU D 64 -16.42 -18.47 -2.89
C LEU D 64 -16.86 -19.91 -2.66
N GLN D 65 -17.30 -20.57 -3.73
CA GLN D 65 -17.69 -21.97 -3.69
C GLN D 65 -16.61 -22.83 -4.34
N TRP D 66 -16.32 -23.98 -3.73
CA TRP D 66 -15.39 -24.94 -4.31
C TRP D 66 -15.94 -26.33 -4.07
N ASN D 67 -15.16 -27.34 -4.45
CA ASN D 67 -15.57 -28.74 -4.33
C ASN D 67 -14.56 -29.47 -3.45
N VAL D 68 -15.02 -29.92 -2.28
CA VAL D 68 -14.13 -30.57 -1.33
C VAL D 68 -13.62 -31.91 -1.83
N SER D 69 -14.23 -32.47 -2.87
CA SER D 69 -13.70 -33.67 -3.49
C SER D 69 -12.54 -33.38 -4.44
N GLU D 70 -12.44 -32.15 -4.93
CA GLU D 70 -11.30 -31.74 -5.75
C GLU D 70 -10.21 -31.10 -4.91
N TYR D 71 -10.56 -30.44 -3.81
CA TYR D 71 -9.58 -29.89 -2.90
C TYR D 71 -9.65 -30.64 -1.57
N PRO D 72 -9.20 -31.90 -1.53
CA PRO D 72 -9.38 -32.69 -0.31
C PRO D 72 -8.68 -32.05 0.89
N GLY D 73 -9.33 -32.16 2.04
CA GLY D 73 -8.77 -31.66 3.27
C GLY D 73 -9.24 -30.27 3.65
N VAL D 74 -9.38 -29.40 2.67
CA VAL D 74 -9.79 -28.01 2.90
C VAL D 74 -11.31 -27.96 2.96
N LYS D 75 -11.85 -27.51 4.10
CA LYS D 75 -13.28 -27.37 4.27
C LYS D 75 -13.71 -25.98 4.75
N THR D 76 -12.77 -25.10 5.05
CA THR D 76 -13.09 -23.74 5.48
C THR D 76 -11.94 -22.82 5.15
N VAL D 77 -12.25 -21.55 4.92
CA VAL D 77 -11.25 -20.54 4.62
C VAL D 77 -11.58 -19.27 5.39
N ARG D 78 -10.55 -18.62 5.91
CA ARG D 78 -10.72 -17.42 6.74
C ARG D 78 -10.08 -16.24 6.03
N PHE D 79 -10.88 -15.20 5.80
CA PHE D 79 -10.41 -14.02 5.06
C PHE D 79 -10.29 -12.83 5.99
N PRO D 80 -9.15 -12.14 6.00
CA PRO D 80 -9.02 -10.94 6.84
C PRO D 80 -9.92 -9.82 6.38
N ASP D 81 -9.84 -8.67 7.07
CA ASP D 81 -10.62 -7.50 6.68
C ASP D 81 -9.97 -6.80 5.51
N GLY D 82 -10.79 -6.39 4.55
CA GLY D 82 -10.33 -5.66 3.39
C GLY D 82 -10.16 -6.47 2.13
N GLN D 83 -10.48 -7.76 2.16
CA GLN D 83 -10.37 -8.61 0.98
C GLN D 83 -11.67 -9.33 0.63
N ILE D 84 -12.72 -9.17 1.43
CA ILE D 84 -14.00 -9.78 1.17
C ILE D 84 -15.09 -8.81 1.61
N TRP D 85 -16.19 -8.77 0.85
CA TRP D 85 -17.26 -7.83 1.14
C TRP D 85 -17.90 -8.13 2.48
N LYS D 86 -17.97 -7.13 3.35
CA LYS D 86 -18.57 -7.25 4.67
C LYS D 86 -19.61 -6.17 4.87
N PRO D 87 -20.76 -6.50 5.46
CA PRO D 87 -21.79 -5.49 5.69
C PRO D 87 -21.28 -4.39 6.62
N ASP D 88 -21.76 -3.18 6.39
CA ASP D 88 -21.43 -2.02 7.22
C ASP D 88 -22.60 -1.78 8.17
N ILE D 89 -22.59 -2.44 9.31
CA ILE D 89 -23.64 -2.34 10.32
C ILE D 89 -23.09 -1.55 11.50
N LEU D 90 -23.72 -0.43 11.81
CA LEU D 90 -23.28 0.47 12.85
C LEU D 90 -24.32 0.58 13.95
N LEU D 91 -23.94 1.20 15.05
CA LEU D 91 -24.84 1.46 16.18
C LEU D 91 -25.28 2.92 16.10
N TYR D 92 -26.58 3.13 15.88
CA TYR D 92 -27.06 4.48 15.60
C TYR D 92 -26.83 5.43 16.78
N ASN D 93 -27.17 5.00 17.99
CA ASN D 93 -27.07 5.84 19.18
C ASN D 93 -25.87 5.38 20.00
N SER D 94 -24.71 5.94 19.71
CA SER D 94 -23.47 5.62 20.41
C SER D 94 -22.91 6.87 21.08
N ALA D 95 -22.24 6.66 22.22
CA ALA D 95 -21.65 7.75 22.97
C ALA D 95 -20.12 7.65 23.03
N ASP D 96 -19.52 6.88 22.13
CA ASP D 96 -18.07 6.74 22.09
C ASP D 96 -17.48 7.78 21.16
N GLU D 97 -16.32 8.32 21.56
CA GLU D 97 -15.69 9.38 20.78
C GLU D 97 -15.34 8.94 19.37
N ARG D 98 -15.17 7.64 19.15
CA ARG D 98 -14.85 7.13 17.82
C ARG D 98 -16.08 6.69 17.04
N PHE D 99 -17.21 6.47 17.70
CA PHE D 99 -18.48 6.08 17.11
C PHE D 99 -18.50 4.61 16.67
N ASP D 100 -17.39 3.89 16.78
CA ASP D 100 -17.36 2.49 16.39
C ASP D 100 -16.27 1.80 17.22
N ALA D 101 -16.68 0.88 18.10
CA ALA D 101 -15.76 0.22 19.01
C ALA D 101 -15.53 -1.25 18.66
N THR D 102 -16.02 -1.71 17.52
CA THR D 102 -15.84 -3.10 17.14
C THR D 102 -14.38 -3.38 16.81
N PHE D 103 -13.91 -4.57 17.18
CA PHE D 103 -12.55 -5.02 16.88
C PHE D 103 -12.63 -6.01 15.72
N HIS D 104 -12.18 -5.58 14.55
CA HIS D 104 -12.36 -6.37 13.34
C HIS D 104 -11.59 -7.68 13.43
N THR D 105 -12.23 -8.77 12.99
CA THR D 105 -11.59 -10.08 12.95
C THR D 105 -11.82 -10.74 11.60
N ASN D 106 -11.44 -12.00 11.47
CA ASN D 106 -11.55 -12.71 10.20
C ASN D 106 -13.00 -13.09 9.92
N VAL D 107 -13.30 -13.28 8.63
CA VAL D 107 -14.59 -13.79 8.17
C VAL D 107 -14.41 -15.25 7.80
N LEU D 108 -15.28 -16.12 8.32
CA LEU D 108 -15.13 -17.55 8.15
C LEU D 108 -16.10 -18.07 7.10
N VAL D 109 -15.60 -18.83 6.13
CA VAL D 109 -16.40 -19.34 5.03
C VAL D 109 -16.22 -20.85 4.93
N ASN D 110 -17.29 -21.53 4.55
CA ASN D 110 -17.26 -22.98 4.38
C ASN D 110 -17.57 -23.33 2.91
N SER D 111 -17.73 -24.63 2.65
CA SER D 111 -17.72 -25.15 1.29
C SER D 111 -18.87 -24.63 0.43
N SER D 112 -19.81 -23.90 1.02
CA SER D 112 -20.95 -23.39 0.29
C SER D 112 -21.05 -21.87 0.32
N GLY D 113 -20.05 -21.18 0.87
CA GLY D 113 -20.03 -19.74 0.89
C GLY D 113 -20.78 -19.09 2.02
N HIS D 114 -21.31 -19.86 2.98
CA HIS D 114 -22.02 -19.29 4.12
CA HIS D 114 -22.01 -19.29 4.11
C HIS D 114 -21.00 -18.63 5.04
N CYS D 115 -20.94 -17.30 5.01
CA CYS D 115 -19.96 -16.57 5.77
C CYS D 115 -20.46 -16.26 7.18
N GLN D 116 -19.54 -16.23 8.13
CA GLN D 116 -19.83 -15.88 9.51
C GLN D 116 -18.86 -14.80 9.97
N TYR D 117 -19.38 -13.83 10.71
CA TYR D 117 -18.59 -12.72 11.22
C TYR D 117 -19.08 -12.38 12.62
N LEU D 118 -18.21 -12.52 13.62
CA LEU D 118 -18.56 -12.31 15.02
C LEU D 118 -17.57 -11.36 15.67
N PRO D 119 -17.68 -10.07 15.41
CA PRO D 119 -16.78 -9.10 16.05
C PRO D 119 -17.14 -8.89 17.50
N PRO D 120 -16.15 -8.92 18.39
CA PRO D 120 -16.40 -8.53 19.78
C PRO D 120 -16.24 -7.02 19.97
N GLY D 121 -16.80 -6.52 21.06
CA GLY D 121 -16.70 -5.11 21.34
C GLY D 121 -17.14 -4.76 22.74
N ILE D 122 -16.73 -3.58 23.18
CA ILE D 122 -17.15 -2.98 24.44
C ILE D 122 -17.92 -1.72 24.05
N PHE D 123 -19.24 -1.83 23.99
CA PHE D 123 -20.08 -0.77 23.43
C PHE D 123 -20.58 0.17 24.52
N LYS D 124 -20.54 1.47 24.22
CA LYS D 124 -21.03 2.51 25.12
C LYS D 124 -22.25 3.15 24.47
N SER D 125 -23.42 2.62 24.76
CA SER D 125 -24.66 3.13 24.20
C SER D 125 -25.09 4.39 24.96
N SER D 126 -26.27 4.90 24.66
CA SER D 126 -26.82 6.07 25.33
C SER D 126 -28.23 5.73 25.79
N CYS D 127 -28.43 5.69 27.10
CA CYS D 127 -29.69 5.27 27.71
C CYS D 127 -30.29 6.44 28.48
N TYR D 128 -31.47 6.23 29.04
CA TYR D 128 -32.15 7.21 29.87
C TYR D 128 -32.44 6.57 31.23
N ILE D 129 -31.71 6.99 32.24
CA ILE D 129 -31.83 6.43 33.58
C ILE D 129 -32.82 7.26 34.38
N ASP D 130 -33.88 6.62 34.85
CA ASP D 130 -34.92 7.28 35.65
C ASP D 130 -34.75 6.85 37.11
N VAL D 131 -34.70 7.82 38.01
CA VAL D 131 -34.44 7.54 39.42
C VAL D 131 -35.57 8.08 40.28
N ARG D 132 -36.78 8.17 39.72
CA ARG D 132 -37.92 8.63 40.49
C ARG D 132 -38.47 7.56 41.43
N TRP D 133 -38.13 6.29 41.19
CA TRP D 133 -38.41 5.22 42.14
C TRP D 133 -37.11 4.60 42.62
N PHE D 134 -36.16 5.46 43.03
CA PHE D 134 -34.78 5.08 43.35
C PHE D 134 -34.70 3.70 44.00
N PRO D 135 -35.50 3.43 45.03
CA PRO D 135 -35.40 2.11 45.69
C PRO D 135 -35.57 0.94 44.74
N PHE D 136 -36.49 1.04 43.78
CA PHE D 136 -36.75 -0.03 42.84
C PHE D 136 -37.03 0.55 41.46
N ASP D 137 -36.32 0.06 40.45
CA ASP D 137 -36.55 0.51 39.09
C ASP D 137 -36.22 -0.61 38.11
N VAL D 138 -36.84 -0.54 36.93
CA VAL D 138 -36.87 -1.60 35.94
C VAL D 138 -36.29 -1.09 34.62
N GLN D 139 -35.24 -0.27 34.71
CA GLN D 139 -34.80 0.55 33.59
C GLN D 139 -34.74 -0.24 32.29
N HIS D 140 -35.13 0.42 31.20
CA HIS D 140 -35.06 -0.12 29.85
C HIS D 140 -34.06 0.69 29.04
N CYS D 141 -33.11 -0.01 28.41
CA CYS D 141 -32.13 0.63 27.55
C CYS D 141 -32.23 0.03 26.15
N LYS D 142 -31.92 0.84 25.14
CA LYS D 142 -32.10 0.46 23.75
C LYS D 142 -30.77 0.39 23.04
N LEU D 143 -30.64 -0.58 22.13
CA LEU D 143 -29.49 -0.69 21.25
C LEU D 143 -30.02 -0.86 19.83
N LYS D 144 -29.72 0.11 18.97
CA LYS D 144 -30.28 0.16 17.63
C LYS D 144 -29.17 -0.09 16.61
N PHE D 145 -29.28 -1.18 15.87
CA PHE D 145 -28.31 -1.55 14.85
C PHE D 145 -28.96 -1.46 13.47
N GLY D 146 -28.14 -1.10 12.49
CA GLY D 146 -28.64 -0.99 11.12
C GLY D 146 -27.51 -0.71 10.17
N SER D 147 -27.84 -0.85 8.88
CA SER D 147 -26.87 -0.61 7.82
C SER D 147 -26.85 0.87 7.45
N TRP D 148 -25.65 1.40 7.22
CA TRP D 148 -25.50 2.81 6.92
C TRP D 148 -25.82 3.11 5.45
N SER D 149 -25.06 2.53 4.54
CA SER D 149 -25.25 2.79 3.11
C SER D 149 -26.31 1.87 2.51
N TYR D 150 -26.09 0.57 2.57
CA TYR D 150 -27.05 -0.37 2.02
C TYR D 150 -28.31 -0.37 2.88
N GLY D 151 -29.46 -0.19 2.24
CA GLY D 151 -30.71 -0.38 2.94
C GLY D 151 -31.91 -0.37 2.02
N GLY D 152 -32.73 -1.40 2.11
CA GLY D 152 -33.94 -1.47 1.31
C GLY D 152 -33.61 -1.85 -0.13
N TRP D 153 -34.26 -2.89 -0.64
CA TRP D 153 -34.10 -3.28 -2.04
C TRP D 153 -32.70 -3.80 -2.32
N SER D 154 -31.80 -3.68 -1.34
CA SER D 154 -30.41 -4.13 -1.49
C SER D 154 -29.99 -5.11 -0.41
N LEU D 155 -30.26 -4.81 0.85
CA LEU D 155 -29.78 -5.63 1.97
C LEU D 155 -30.95 -5.80 2.96
N ASP D 156 -31.68 -6.91 2.82
CA ASP D 156 -32.86 -7.17 3.65
C ASP D 156 -32.36 -7.79 4.95
N LEU D 157 -32.11 -6.93 5.94
CA LEU D 157 -31.66 -7.41 7.25
C LEU D 157 -32.75 -8.23 7.92
N GLN D 158 -32.33 -9.27 8.64
CA GLN D 158 -33.26 -10.09 9.42
C GLN D 158 -32.67 -10.31 10.81
N MET D 159 -33.55 -10.51 11.78
CA MET D 159 -33.17 -10.59 13.17
C MET D 159 -33.20 -12.02 13.68
N GLN D 160 -32.31 -12.32 14.63
CA GLN D 160 -32.31 -13.59 15.33
C GLN D 160 -32.24 -13.32 16.83
N GLU D 161 -32.91 -14.16 17.61
CA GLU D 161 -33.04 -13.92 19.03
C GLU D 161 -31.67 -13.86 19.70
N ALA D 162 -31.53 -12.93 20.65
CA ALA D 162 -30.27 -12.77 21.37
C ALA D 162 -29.92 -14.08 22.09
N ASP D 163 -28.67 -14.14 22.56
CA ASP D 163 -28.11 -15.35 23.18
C ASP D 163 -27.49 -14.97 24.52
N ILE D 164 -28.30 -15.01 25.58
CA ILE D 164 -27.82 -14.81 26.94
C ILE D 164 -27.56 -16.20 27.52
N SER D 165 -26.35 -16.72 27.27
CA SER D 165 -25.96 -18.02 27.78
C SER D 165 -24.58 -18.02 28.43
N GLY D 166 -23.81 -16.94 28.30
CA GLY D 166 -22.54 -16.82 28.98
C GLY D 166 -22.54 -15.63 29.90
N TYR D 167 -23.72 -15.08 30.16
CA TYR D 167 -23.84 -13.90 30.99
C TYR D 167 -23.25 -14.15 32.38
N ILE D 168 -22.45 -13.20 32.85
CA ILE D 168 -21.88 -13.24 34.19
C ILE D 168 -22.66 -12.26 35.06
N PRO D 169 -23.38 -12.72 36.07
CA PRO D 169 -24.28 -11.82 36.81
C PRO D 169 -23.53 -10.62 37.37
N ASN D 170 -24.17 -9.46 37.32
CA ASN D 170 -23.63 -8.22 37.85
C ASN D 170 -23.96 -8.10 39.33
N GLY D 171 -23.40 -7.07 39.97
CA GLY D 171 -23.58 -6.88 41.38
C GLY D 171 -24.86 -6.14 41.75
N GLU D 172 -25.04 -4.93 41.21
CA GLU D 172 -26.17 -4.10 41.58
C GLU D 172 -27.38 -4.32 40.68
N TRP D 173 -27.18 -4.40 39.38
CA TRP D 173 -28.27 -4.53 38.41
C TRP D 173 -28.40 -5.99 37.98
N ASP D 174 -29.65 -6.46 37.90
CA ASP D 174 -29.92 -7.82 37.46
C ASP D 174 -30.77 -7.78 36.20
N LEU D 175 -30.45 -8.69 35.27
CA LEU D 175 -31.16 -8.73 34.00
C LEU D 175 -32.56 -9.31 34.16
N VAL D 176 -33.47 -8.85 33.32
CA VAL D 176 -34.80 -9.44 33.22
C VAL D 176 -35.15 -9.87 31.80
N GLY D 177 -34.52 -9.31 30.78
CA GLY D 177 -34.79 -9.72 29.41
C GLY D 177 -34.05 -8.83 28.44
N ILE D 178 -34.02 -9.29 27.19
CA ILE D 178 -33.35 -8.58 26.12
C ILE D 178 -34.11 -8.84 24.82
N PRO D 179 -35.37 -8.45 24.73
CA PRO D 179 -36.16 -8.72 23.52
C PRO D 179 -35.62 -7.94 22.33
N GLY D 180 -35.96 -8.43 21.14
CA GLY D 180 -35.55 -7.80 19.91
C GLY D 180 -36.74 -7.53 19.01
N LYS D 181 -36.58 -6.52 18.16
CA LYS D 181 -37.63 -6.13 17.23
C LYS D 181 -36.99 -5.60 15.95
N ARG D 182 -37.71 -5.72 14.84
CA ARG D 182 -37.25 -5.22 13.56
C ARG D 182 -38.22 -4.18 13.04
N SER D 183 -37.68 -3.06 12.57
CA SER D 183 -38.50 -1.95 12.08
C SER D 183 -37.97 -1.49 10.72
N GLU D 184 -38.82 -0.75 10.01
CA GLU D 184 -38.51 -0.27 8.66
C GLU D 184 -38.90 1.20 8.61
N ARG D 185 -37.91 2.09 8.57
CA ARG D 185 -38.13 3.51 8.69
C ARG D 185 -37.75 4.25 7.40
N PHE D 186 -38.37 5.41 7.21
CA PHE D 186 -38.07 6.30 6.11
C PHE D 186 -37.31 7.52 6.63
N TYR D 187 -36.21 7.86 5.97
CA TYR D 187 -35.41 9.02 6.34
C TYR D 187 -35.58 10.12 5.29
N GLU D 188 -35.24 11.34 5.69
CA GLU D 188 -35.44 12.49 4.80
C GLU D 188 -34.41 12.54 3.68
N CYS D 189 -33.23 11.98 3.88
CA CYS D 189 -32.18 12.08 2.88
C CYS D 189 -32.57 11.35 1.59
N CYS D 190 -33.00 10.10 1.71
CA CYS D 190 -33.33 9.27 0.56
C CYS D 190 -34.83 8.97 0.55
N LYS D 191 -35.25 8.17 -0.43
CA LYS D 191 -36.65 7.82 -0.61
C LYS D 191 -36.89 6.32 -0.54
N GLU D 192 -35.91 5.53 -0.13
CA GLU D 192 -36.05 4.09 -0.04
C GLU D 192 -35.96 3.64 1.41
N PRO D 193 -36.89 2.82 1.88
CA PRO D 193 -36.92 2.48 3.31
C PRO D 193 -35.66 1.77 3.76
N TYR D 194 -35.28 2.02 5.01
CA TYR D 194 -34.13 1.39 5.63
C TYR D 194 -34.59 0.54 6.81
N PRO D 195 -34.18 -0.72 6.89
CA PRO D 195 -34.51 -1.55 8.05
C PRO D 195 -33.52 -1.36 9.19
N ASP D 196 -33.95 -1.79 10.37
CA ASP D 196 -33.11 -1.72 11.56
C ASP D 196 -33.60 -2.72 12.59
N VAL D 197 -32.72 -3.08 13.52
CA VAL D 197 -33.00 -4.04 14.57
C VAL D 197 -32.71 -3.39 15.92
N THR D 198 -33.68 -3.42 16.81
CA THR D 198 -33.57 -2.80 18.13
C THR D 198 -33.66 -3.87 19.20
N PHE D 199 -32.68 -3.87 20.11
CA PHE D 199 -32.67 -4.77 21.26
C PHE D 199 -32.88 -3.97 22.53
N THR D 200 -33.80 -4.41 23.37
CA THR D 200 -34.17 -3.70 24.59
C THR D 200 -33.68 -4.49 25.80
N VAL D 201 -32.64 -3.98 26.44
CA VAL D 201 -32.14 -4.57 27.68
C VAL D 201 -32.98 -4.06 28.85
N THR D 202 -33.41 -4.97 29.71
CA THR D 202 -34.19 -4.62 30.90
C THR D 202 -33.35 -4.93 32.14
N MET D 203 -32.89 -3.89 32.82
CA MET D 203 -32.09 -4.05 34.03
C MET D 203 -32.89 -3.55 35.22
N ARG D 204 -33.08 -4.42 36.21
CA ARG D 204 -33.77 -4.05 37.44
C ARG D 204 -32.76 -3.86 38.56
N ARG D 205 -32.96 -2.82 39.35
CA ARG D 205 -32.05 -2.57 40.46
C ARG D 205 -32.25 -3.60 41.57
N ARG D 206 -31.16 -3.94 42.24
CA ARG D 206 -31.21 -4.92 43.31
C ARG D 206 -31.30 -4.24 44.68
N GLU E 1 -21.80 -10.92 -14.07
CA GLU E 1 -22.92 -9.99 -13.92
C GLU E 1 -22.50 -8.59 -14.31
N PHE E 2 -23.45 -7.65 -14.25
CA PHE E 2 -23.22 -6.30 -14.73
C PHE E 2 -22.63 -5.37 -13.68
N GLN E 3 -22.85 -5.65 -12.40
CA GLN E 3 -22.22 -4.84 -11.37
C GLN E 3 -20.71 -4.93 -11.42
N ARG E 4 -20.16 -6.11 -11.73
CA ARG E 4 -18.72 -6.29 -11.82
C ARG E 4 -18.14 -5.60 -13.04
N LYS E 5 -18.93 -5.47 -14.11
CA LYS E 5 -18.50 -4.69 -15.26
C LYS E 5 -18.56 -3.20 -14.96
N LEU E 6 -19.61 -2.77 -14.26
CA LEU E 6 -19.73 -1.35 -13.94
C LEU E 6 -18.60 -0.87 -13.05
N TYR E 7 -18.25 -1.65 -12.02
CA TYR E 7 -17.16 -1.23 -11.15
C TYR E 7 -15.83 -1.25 -11.85
N LYS E 8 -15.65 -2.13 -12.84
CA LYS E 8 -14.40 -2.15 -13.58
C LYS E 8 -14.33 -1.04 -14.62
N GLU E 9 -15.47 -0.57 -15.11
CA GLU E 9 -15.49 0.48 -16.13
C GLU E 9 -15.45 1.88 -15.54
N LEU E 10 -16.10 2.11 -14.40
CA LEU E 10 -16.20 3.46 -13.88
C LEU E 10 -14.86 4.03 -13.43
N VAL E 11 -13.84 3.20 -13.23
CA VAL E 11 -12.57 3.66 -12.69
C VAL E 11 -11.46 3.46 -13.70
N LYS E 12 -11.77 3.56 -14.99
CA LYS E 12 -10.75 3.39 -16.02
C LYS E 12 -9.74 4.52 -15.98
N ASN E 13 -10.19 5.75 -16.21
CA ASN E 13 -9.35 6.93 -16.15
C ASN E 13 -9.92 7.86 -15.09
N TYR E 14 -9.52 7.64 -13.83
CA TYR E 14 -9.98 8.45 -12.72
C TYR E 14 -8.79 8.85 -11.86
N ASN E 15 -8.70 10.14 -11.55
CA ASN E 15 -7.65 10.69 -10.69
C ASN E 15 -8.30 11.27 -9.44
N PRO E 16 -8.26 10.58 -8.31
CA PRO E 16 -8.95 11.08 -7.11
C PRO E 16 -8.54 12.49 -6.70
N LEU E 17 -7.52 13.07 -7.33
CA LEU E 17 -7.05 14.41 -6.98
C LEU E 17 -7.65 15.50 -7.86
N GLU E 18 -8.56 15.15 -8.75
CA GLU E 18 -9.10 16.08 -9.74
C GLU E 18 -10.51 16.50 -9.37
N ARG E 19 -10.79 17.78 -9.49
CA ARG E 19 -12.14 18.27 -9.24
C ARG E 19 -13.08 17.77 -10.32
N PRO E 20 -14.13 17.02 -9.98
CA PRO E 20 -15.02 16.43 -11.00
C PRO E 20 -15.95 17.46 -11.62
N VAL E 21 -15.37 18.37 -12.40
CA VAL E 21 -16.14 19.41 -13.09
C VAL E 21 -15.87 19.30 -14.58
N ALA E 22 -16.88 19.63 -15.39
CA ALA E 22 -16.75 19.52 -16.84
C ALA E 22 -15.86 20.63 -17.39
N ASN E 23 -16.23 21.89 -17.14
CA ASN E 23 -15.44 23.03 -17.56
C ASN E 23 -14.59 23.48 -16.38
N ASP E 24 -13.28 23.26 -16.47
CA ASP E 24 -12.40 23.47 -15.33
C ASP E 24 -12.21 24.94 -14.97
N SER E 25 -12.92 25.86 -15.63
CA SER E 25 -12.86 27.28 -15.30
C SER E 25 -14.15 27.75 -14.63
N GLN E 26 -14.88 26.83 -14.01
CA GLN E 26 -16.13 27.14 -13.34
C GLN E 26 -16.15 26.46 -11.98
N PRO E 27 -16.85 27.02 -11.01
CA PRO E 27 -16.85 26.44 -9.66
C PRO E 27 -17.86 25.32 -9.52
N LEU E 28 -17.44 24.27 -8.81
CA LEU E 28 -18.35 23.21 -8.42
C LEU E 28 -19.32 23.72 -7.35
N THR E 29 -20.44 23.02 -7.19
CA THR E 29 -21.48 23.40 -6.24
C THR E 29 -21.69 22.27 -5.25
N VAL E 30 -21.45 22.54 -3.97
CA VAL E 30 -21.67 21.59 -2.90
C VAL E 30 -22.81 22.09 -2.03
N TYR E 31 -23.61 21.16 -1.54
CA TYR E 31 -24.76 21.46 -0.69
C TYR E 31 -24.48 20.88 0.70
N PHE E 32 -24.57 21.73 1.72
CA PHE E 32 -24.23 21.38 3.09
C PHE E 32 -25.44 21.56 4.00
N SER E 33 -25.65 20.58 4.88
CA SER E 33 -26.69 20.69 5.90
C SER E 33 -26.43 19.67 7.00
N LEU E 34 -26.51 20.09 8.25
CA LEU E 34 -26.32 19.19 9.38
C LEU E 34 -27.66 18.74 9.95
N SER E 35 -27.63 17.63 10.66
CA SER E 35 -28.82 17.08 11.32
C SER E 35 -28.46 16.75 12.75
N LEU E 36 -29.07 17.46 13.69
CA LEU E 36 -28.85 17.20 15.12
C LEU E 36 -29.57 15.93 15.55
N LEU E 37 -29.04 15.28 16.59
CA LEU E 37 -29.72 14.11 17.13
C LEU E 37 -29.88 14.20 18.64
N GLN E 38 -28.94 14.86 19.32
CA GLN E 38 -29.01 14.95 20.77
C GLN E 38 -27.96 15.92 21.28
N ILE E 39 -28.29 16.67 22.32
CA ILE E 39 -27.34 17.54 23.00
C ILE E 39 -26.82 16.73 24.19
N MET E 40 -25.70 16.04 23.96
CA MET E 40 -25.22 15.08 24.95
C MET E 40 -24.75 15.75 26.23
N ASP E 41 -24.14 16.93 26.14
CA ASP E 41 -23.62 17.58 27.34
C ASP E 41 -23.30 19.02 27.03
N VAL E 42 -23.37 19.87 28.06
CA VAL E 42 -23.02 21.28 27.97
C VAL E 42 -22.18 21.60 29.21
N ASP E 43 -20.86 21.57 29.06
CA ASP E 43 -19.97 21.85 30.17
C ASP E 43 -19.92 23.35 30.44
N GLU E 44 -19.83 23.72 31.71
CA GLU E 44 -19.79 25.12 32.11
C GLU E 44 -18.51 25.53 32.82
N LYS E 45 -17.88 24.64 33.59
CA LYS E 45 -16.58 24.96 34.17
C LYS E 45 -15.58 25.29 33.05
N ASN E 46 -15.48 24.42 32.07
CA ASN E 46 -14.85 24.76 30.80
C ASN E 46 -15.92 25.42 29.91
N GLN E 47 -15.61 25.56 28.63
CA GLN E 47 -16.58 26.08 27.66
C GLN E 47 -16.57 25.14 26.46
N VAL E 48 -17.42 24.11 26.53
CA VAL E 48 -17.48 23.08 25.50
C VAL E 48 -18.89 22.55 25.42
N LEU E 49 -19.33 22.22 24.21
CA LEU E 49 -20.66 21.66 23.97
C LEU E 49 -20.50 20.40 23.14
N THR E 50 -20.99 19.28 23.67
CA THR E 50 -20.88 17.99 22.99
C THR E 50 -22.24 17.60 22.42
N THR E 51 -22.26 17.30 21.12
CA THR E 51 -23.50 16.98 20.43
C THR E 51 -23.28 15.79 19.51
N ASN E 52 -24.38 15.19 19.08
CA ASN E 52 -24.38 14.10 18.11
C ASN E 52 -24.99 14.63 16.81
N ILE E 53 -24.24 14.53 15.72
CA ILE E 53 -24.62 15.19 14.47
C ILE E 53 -24.40 14.24 13.30
N TRP E 54 -25.19 14.47 12.25
CA TRP E 54 -25.01 13.81 10.96
C TRP E 54 -24.80 14.91 9.92
N LEU E 55 -23.61 14.98 9.34
CA LEU E 55 -23.39 15.92 8.26
C LEU E 55 -24.03 15.40 6.98
N GLN E 56 -24.37 16.34 6.09
CA GLN E 56 -25.00 15.99 4.82
C GLN E 56 -24.39 16.86 3.75
N MET E 57 -23.56 16.27 2.89
CA MET E 57 -22.95 16.97 1.77
C MET E 57 -23.34 16.28 0.48
N SER E 58 -23.70 17.09 -0.52
CA SER E 58 -24.16 16.58 -1.81
C SER E 58 -23.54 17.41 -2.92
N TRP E 59 -22.77 16.75 -3.79
CA TRP E 59 -22.27 17.34 -5.01
C TRP E 59 -22.70 16.48 -6.20
N THR E 60 -22.24 16.86 -7.39
CA THR E 60 -22.60 16.18 -8.63
C THR E 60 -21.33 15.88 -9.42
N ASP E 61 -20.88 14.63 -9.35
CA ASP E 61 -19.76 14.21 -10.19
C ASP E 61 -20.17 14.27 -11.66
N HIS E 62 -19.17 14.20 -12.53
CA HIS E 62 -19.41 14.17 -13.96
C HIS E 62 -18.70 13.01 -14.65
N TYR E 63 -17.93 12.20 -13.92
CA TYR E 63 -17.19 11.09 -14.48
C TYR E 63 -17.77 9.74 -14.08
N LEU E 64 -18.92 9.72 -13.43
CA LEU E 64 -19.52 8.49 -12.90
C LEU E 64 -20.95 8.34 -13.40
N GLN E 65 -21.15 8.51 -14.70
CA GLN E 65 -22.45 8.34 -15.34
C GLN E 65 -22.46 7.07 -16.17
N TRP E 66 -23.57 6.34 -16.13
CA TRP E 66 -23.76 5.16 -16.96
C TRP E 66 -25.20 5.14 -17.44
N ASN E 67 -25.56 4.06 -18.13
CA ASN E 67 -26.89 3.91 -18.71
C ASN E 67 -27.53 2.66 -18.13
N VAL E 68 -28.60 2.83 -17.37
CA VAL E 68 -29.26 1.72 -16.70
C VAL E 68 -29.92 0.75 -17.67
N SER E 69 -30.12 1.17 -18.93
CA SER E 69 -30.61 0.25 -19.94
C SER E 69 -29.51 -0.64 -20.49
N GLU E 70 -28.25 -0.22 -20.39
CA GLU E 70 -27.13 -1.07 -20.78
C GLU E 70 -26.60 -1.89 -19.62
N TYR E 71 -26.71 -1.38 -18.39
CA TYR E 71 -26.34 -2.16 -17.21
C TYR E 71 -27.58 -2.45 -16.38
N PRO E 72 -28.46 -3.33 -16.86
CA PRO E 72 -29.73 -3.54 -16.17
C PRO E 72 -29.52 -4.02 -14.74
N GLY E 73 -30.37 -3.53 -13.84
CA GLY E 73 -30.33 -3.95 -12.46
C GLY E 73 -29.55 -3.01 -11.56
N VAL E 74 -28.43 -2.49 -12.05
CA VAL E 74 -27.57 -1.61 -11.27
C VAL E 74 -28.09 -0.19 -11.37
N LYS E 75 -28.52 0.36 -10.24
CA LYS E 75 -29.02 1.73 -10.19
C LYS E 75 -28.31 2.59 -9.16
N THR E 76 -27.30 2.07 -8.48
CA THR E 76 -26.57 2.83 -7.47
C THR E 76 -25.25 2.13 -7.17
N VAL E 77 -24.22 2.93 -6.90
CA VAL E 77 -22.90 2.41 -6.59
C VAL E 77 -22.35 3.16 -5.38
N ARG E 78 -21.67 2.44 -4.49
CA ARG E 78 -21.15 2.99 -3.26
C ARG E 78 -19.63 2.88 -3.28
N PHE E 79 -18.96 4.03 -3.11
CA PHE E 79 -17.50 4.06 -3.16
C PHE E 79 -16.92 4.35 -1.80
N PRO E 80 -15.88 3.61 -1.39
CA PRO E 80 -15.27 3.85 -0.07
C PRO E 80 -14.45 5.14 -0.04
N ASP E 81 -13.78 5.37 1.08
CA ASP E 81 -12.93 6.56 1.23
C ASP E 81 -11.59 6.32 0.58
N GLY E 82 -11.12 7.30 -0.19
CA GLY E 82 -9.82 7.23 -0.84
C GLY E 82 -9.85 6.85 -2.30
N GLN E 83 -11.03 6.67 -2.90
CA GLN E 83 -11.14 6.32 -4.30
C GLN E 83 -12.04 7.27 -5.09
N ILE E 84 -12.65 8.25 -4.44
CA ILE E 84 -13.49 9.23 -5.12
C ILE E 84 -13.29 10.57 -4.43
N TRP E 85 -13.30 11.65 -5.21
CA TRP E 85 -13.05 12.97 -4.67
C TRP E 85 -14.15 13.37 -3.70
N LYS E 86 -13.76 13.76 -2.49
CA LYS E 86 -14.69 14.19 -1.46
C LYS E 86 -14.29 15.55 -0.92
N PRO E 87 -15.25 16.45 -0.69
CA PRO E 87 -14.92 17.76 -0.15
C PRO E 87 -14.27 17.65 1.23
N ASP E 88 -13.34 18.56 1.50
CA ASP E 88 -12.68 18.63 2.80
C ASP E 88 -13.33 19.76 3.59
N ILE E 89 -14.41 19.42 4.30
CA ILE E 89 -15.17 20.39 5.09
C ILE E 89 -14.88 20.11 6.56
N LEU E 90 -14.34 21.09 7.25
CA LEU E 90 -13.94 20.97 8.65
C LEU E 90 -14.75 21.92 9.51
N LEU E 91 -14.67 21.72 10.82
CA LEU E 91 -15.32 22.58 11.80
C LEU E 91 -14.25 23.49 12.39
N TYR E 92 -14.38 24.80 12.13
CA TYR E 92 -13.29 25.72 12.45
C TYR E 92 -13.01 25.77 13.95
N ASN E 93 -14.04 25.93 14.76
CA ASN E 93 -13.88 26.10 16.21
C ASN E 93 -14.19 24.78 16.89
N SER E 94 -13.17 23.95 17.04
CA SER E 94 -13.29 22.64 17.66
C SER E 94 -12.41 22.57 18.90
N ALA E 95 -12.85 21.77 19.88
CA ALA E 95 -12.11 21.58 21.12
C ALA E 95 -11.68 20.13 21.31
N ASP E 96 -11.62 19.35 20.23
CA ASP E 96 -11.23 17.96 20.30
C ASP E 96 -9.73 17.83 20.02
N GLU E 97 -9.06 16.96 20.77
CA GLU E 97 -7.62 16.82 20.63
C GLU E 97 -7.21 16.40 19.22
N ARG E 98 -8.10 15.77 18.47
CA ARG E 98 -7.79 15.36 17.11
C ARG E 98 -8.23 16.38 16.06
N PHE E 99 -9.12 17.31 16.42
CA PHE E 99 -9.62 18.37 15.55
C PHE E 99 -10.60 17.87 14.51
N ASP E 100 -10.84 16.57 14.41
CA ASP E 100 -11.78 16.03 13.44
C ASP E 100 -12.33 14.73 13.99
N ALA E 101 -13.63 14.70 14.30
CA ALA E 101 -14.26 13.55 14.92
C ALA E 101 -15.21 12.82 13.99
N THR E 102 -15.23 13.15 12.70
CA THR E 102 -16.12 12.48 11.76
C THR E 102 -15.67 11.04 11.54
N PHE E 103 -16.63 10.14 11.39
CA PHE E 103 -16.37 8.74 11.10
C PHE E 103 -16.68 8.50 9.62
N HIS E 104 -15.63 8.32 8.82
CA HIS E 104 -15.79 8.26 7.38
C HIS E 104 -16.61 7.04 6.97
N THR E 105 -17.52 7.26 6.03
CA THR E 105 -18.34 6.17 5.47
C THR E 105 -18.33 6.24 3.95
N ASN E 106 -19.17 5.42 3.32
CA ASN E 106 -19.20 5.33 1.87
C ASN E 106 -19.90 6.55 1.26
N VAL E 107 -19.59 6.81 0.00
CA VAL E 107 -20.24 7.85 -0.80
C VAL E 107 -21.18 7.15 -1.77
N LEU E 108 -22.43 7.61 -1.81
CA LEU E 108 -23.47 6.93 -2.60
C LEU E 108 -23.74 7.71 -3.88
N VAL E 109 -23.74 7.01 -5.02
CA VAL E 109 -23.91 7.62 -6.33
C VAL E 109 -25.01 6.90 -7.08
N ASN E 110 -25.76 7.64 -7.88
CA ASN E 110 -26.82 7.08 -8.70
C ASN E 110 -26.52 7.30 -10.18
N SER E 111 -27.49 6.98 -11.04
CA SER E 111 -27.27 6.89 -12.48
C SER E 111 -26.89 8.21 -13.12
N SER E 112 -26.86 9.31 -12.35
CA SER E 112 -26.55 10.62 -12.91
C SER E 112 -25.38 11.29 -12.21
N GLY E 113 -24.70 10.59 -11.30
CA GLY E 113 -23.54 11.13 -10.64
C GLY E 113 -23.81 12.00 -9.43
N HIS E 114 -25.06 12.11 -8.99
CA HIS E 114 -25.40 12.90 -7.80
CA HIS E 114 -25.39 12.90 -7.81
C HIS E 114 -24.93 12.15 -6.57
N CYS E 115 -23.83 12.61 -5.97
CA CYS E 115 -23.24 11.91 -4.84
C CYS E 115 -23.82 12.43 -3.53
N GLN E 116 -23.93 11.51 -2.57
CA GLN E 116 -24.40 11.83 -1.22
C GLN E 116 -23.39 11.32 -0.21
N TYR E 117 -23.14 12.12 0.83
CA TYR E 117 -22.18 11.78 1.87
C TYR E 117 -22.73 12.27 3.20
N LEU E 118 -22.99 11.35 4.12
CA LEU E 118 -23.59 11.66 5.42
C LEU E 118 -22.77 11.05 6.54
N PRO E 119 -21.63 11.66 6.88
CA PRO E 119 -20.82 11.16 7.99
C PRO E 119 -21.46 11.48 9.33
N PRO E 120 -21.53 10.52 10.23
CA PRO E 120 -21.95 10.80 11.60
C PRO E 120 -20.76 11.22 12.47
N GLY E 121 -21.07 11.86 13.58
CA GLY E 121 -20.01 12.29 14.48
C GLY E 121 -20.54 12.73 15.82
N ILE E 122 -19.64 12.73 16.80
CA ILE E 122 -19.88 13.29 18.13
C ILE E 122 -18.95 14.49 18.25
N PHE E 123 -19.47 15.69 18.02
CA PHE E 123 -18.66 16.88 17.88
C PHE E 123 -18.58 17.64 19.20
N LYS E 124 -17.38 18.10 19.53
CA LYS E 124 -17.14 18.90 20.74
C LYS E 124 -16.74 20.30 20.29
N SER E 125 -17.73 21.18 20.18
CA SER E 125 -17.47 22.55 19.74
C SER E 125 -16.98 23.38 20.93
N SER E 126 -16.83 24.68 20.72
CA SER E 126 -16.41 25.60 21.77
C SER E 126 -17.41 26.74 21.85
N CYS E 127 -18.11 26.84 22.97
CA CYS E 127 -19.18 27.81 23.17
C CYS E 127 -18.82 28.75 24.31
N TYR E 128 -19.68 29.72 24.56
CA TYR E 128 -19.52 30.69 25.63
C TYR E 128 -20.79 30.66 26.48
N ILE E 129 -20.72 30.02 27.65
CA ILE E 129 -21.87 29.87 28.52
C ILE E 129 -21.89 31.05 29.49
N ASP E 130 -22.99 31.80 29.48
CA ASP E 130 -23.17 32.95 30.35
C ASP E 130 -24.10 32.58 31.49
N VAL E 131 -23.70 32.91 32.72
CA VAL E 131 -24.46 32.52 33.90
C VAL E 131 -24.86 33.76 34.70
N ARG E 132 -24.99 34.90 34.03
CA ARG E 132 -25.45 36.10 34.70
C ARG E 132 -26.95 36.09 35.00
N TRP E 133 -27.68 35.15 34.41
CA TRP E 133 -29.10 34.96 34.67
C TRP E 133 -29.37 33.49 35.02
N PHE E 134 -28.55 32.96 35.94
CA PHE E 134 -28.54 31.53 36.25
C PHE E 134 -29.92 30.89 36.25
N PRO E 135 -30.94 31.44 36.91
CA PRO E 135 -32.26 30.78 36.88
C PRO E 135 -32.78 30.56 35.47
N PHE E 136 -32.59 31.52 34.58
CA PHE E 136 -33.11 31.44 33.22
C PHE E 136 -32.09 32.00 32.24
N ASP E 137 -31.73 31.22 31.23
CA ASP E 137 -30.81 31.69 30.21
C ASP E 137 -31.13 31.01 28.88
N VAL E 138 -30.76 31.70 27.80
CA VAL E 138 -31.16 31.38 26.43
C VAL E 138 -29.93 31.14 25.57
N GLN E 139 -28.92 30.48 26.15
CA GLN E 139 -27.58 30.43 25.56
C GLN E 139 -27.62 30.17 24.06
N HIS E 140 -26.70 30.80 23.35
CA HIS E 140 -26.50 30.61 21.92
C HIS E 140 -25.11 30.04 21.69
N CYS E 141 -25.04 28.92 20.99
CA CYS E 141 -23.76 28.30 20.63
C CYS E 141 -23.64 28.26 19.11
N LYS E 142 -22.41 28.35 18.62
CA LYS E 142 -22.15 28.46 17.19
C LYS E 142 -21.38 27.25 16.70
N LEU E 143 -21.70 26.82 15.48
CA LEU E 143 -20.97 25.76 14.78
C LEU E 143 -20.64 26.27 13.39
N LYS E 144 -19.35 26.41 13.10
CA LYS E 144 -18.89 27.02 11.86
C LYS E 144 -18.23 25.94 11.00
N PHE E 145 -18.80 25.69 9.82
CA PHE E 145 -18.28 24.72 8.88
C PHE E 145 -17.80 25.43 7.62
N GLY E 146 -16.75 24.89 7.01
CA GLY E 146 -16.23 25.47 5.79
C GLY E 146 -15.15 24.60 5.20
N SER E 147 -14.79 24.91 3.96
CA SER E 147 -13.75 24.18 3.26
C SER E 147 -12.38 24.73 3.60
N TRP E 148 -11.42 23.84 3.78
CA TRP E 148 -10.07 24.27 4.18
C TRP E 148 -9.26 24.75 3.00
N SER E 149 -9.02 23.87 2.02
CA SER E 149 -8.20 24.23 0.87
C SER E 149 -9.04 24.91 -0.23
N TYR E 150 -10.04 24.20 -0.75
CA TYR E 150 -10.90 24.77 -1.77
C TYR E 150 -11.73 25.90 -1.18
N GLY E 151 -11.68 27.06 -1.83
CA GLY E 151 -12.58 28.14 -1.45
C GLY E 151 -12.56 29.29 -2.44
N GLY E 152 -13.74 29.67 -2.91
CA GLY E 152 -13.87 30.80 -3.80
C GLY E 152 -13.44 30.42 -5.20
N TRP E 153 -14.29 30.66 -6.19
CA TRP E 153 -13.92 30.44 -7.58
C TRP E 153 -13.72 28.96 -7.88
N SER E 154 -13.75 28.12 -6.84
CA SER E 154 -13.55 26.68 -7.01
C SER E 154 -14.70 25.87 -6.45
N LEU E 155 -15.13 26.15 -5.21
CA LEU E 155 -16.15 25.35 -4.53
C LEU E 155 -17.15 26.31 -3.90
N ASP E 156 -18.27 26.56 -4.58
CA ASP E 156 -19.28 27.50 -4.13
C ASP E 156 -20.21 26.73 -3.19
N LEU E 157 -19.88 26.75 -1.90
CA LEU E 157 -20.70 26.09 -0.90
C LEU E 157 -22.07 26.75 -0.81
N GLN E 158 -23.10 25.93 -0.60
CA GLN E 158 -24.45 26.44 -0.37
C GLN E 158 -25.05 25.71 0.82
N MET E 159 -25.99 26.39 1.49
CA MET E 159 -26.56 25.92 2.75
C MET E 159 -27.97 25.41 2.54
N GLN E 160 -28.34 24.39 3.32
CA GLN E 160 -29.70 23.88 3.37
C GLN E 160 -30.15 23.83 4.82
N GLU E 161 -31.43 24.08 5.05
CA GLU E 161 -31.94 24.21 6.41
C GLU E 161 -31.70 22.94 7.21
N ALA E 162 -31.38 23.10 8.48
CA ALA E 162 -31.12 21.97 9.35
C ALA E 162 -32.38 21.09 9.46
N ASP E 163 -32.19 19.90 10.02
CA ASP E 163 -33.24 18.89 10.10
C ASP E 163 -33.34 18.39 11.54
N ILE E 164 -34.14 19.06 12.35
CA ILE E 164 -34.45 18.59 13.71
C ILE E 164 -35.75 17.80 13.62
N SER E 165 -35.63 16.51 13.31
CA SER E 165 -36.77 15.62 13.21
C SER E 165 -36.58 14.31 13.96
N GLY E 166 -35.37 13.99 14.41
CA GLY E 166 -35.14 12.82 15.22
C GLY E 166 -34.60 13.20 16.59
N TYR E 167 -34.71 14.49 16.91
CA TYR E 167 -34.18 15.00 18.17
C TYR E 167 -34.80 14.27 19.35
N ILE E 168 -33.95 13.86 20.29
CA ILE E 168 -34.39 13.23 21.53
C ILE E 168 -34.28 14.28 22.64
N PRO E 169 -35.38 14.70 23.25
CA PRO E 169 -35.33 15.81 24.20
C PRO E 169 -34.34 15.54 25.33
N ASN E 170 -33.63 16.59 25.73
CA ASN E 170 -32.67 16.52 26.82
C ASN E 170 -33.37 16.76 28.15
N GLY E 171 -32.62 16.66 29.25
CA GLY E 171 -33.19 16.81 30.56
C GLY E 171 -33.24 18.24 31.07
N GLU E 172 -32.09 18.91 31.10
CA GLU E 172 -32.00 20.25 31.66
C GLU E 172 -32.17 21.34 30.61
N TRP E 173 -31.56 21.18 29.44
CA TRP E 173 -31.61 22.18 28.39
C TRP E 173 -32.63 21.79 27.33
N ASP E 174 -33.41 22.77 26.87
CA ASP E 174 -34.41 22.54 25.83
C ASP E 174 -34.10 23.42 24.63
N LEU E 175 -34.29 22.85 23.44
CA LEU E 175 -33.99 23.56 22.20
C LEU E 175 -35.05 24.62 21.91
N VAL E 176 -34.61 25.70 21.28
CA VAL E 176 -35.52 26.71 20.77
C VAL E 176 -35.32 26.99 19.28
N GLY E 177 -34.19 26.61 18.69
CA GLY E 177 -33.96 26.82 17.28
C GLY E 177 -32.52 26.52 16.87
N ILE E 178 -32.31 26.36 15.58
CA ILE E 178 -30.98 26.08 15.03
C ILE E 178 -30.87 26.75 13.67
N PRO E 179 -30.95 28.07 13.59
CA PRO E 179 -30.89 28.74 12.30
C PRO E 179 -29.50 28.63 11.68
N GLY E 180 -29.44 28.87 10.37
CA GLY E 180 -28.20 28.82 9.64
C GLY E 180 -28.01 30.06 8.80
N LYS E 181 -26.74 30.35 8.51
CA LYS E 181 -26.40 31.53 7.73
C LYS E 181 -25.10 31.28 6.97
N ARG E 182 -25.05 31.76 5.73
CA ARG E 182 -23.87 31.62 4.89
C ARG E 182 -23.16 32.96 4.79
N SER E 183 -21.84 32.94 4.93
CA SER E 183 -21.03 34.15 4.90
C SER E 183 -19.80 33.94 4.04
N GLU E 184 -19.22 35.04 3.59
CA GLU E 184 -18.01 35.03 2.77
C GLU E 184 -16.98 35.93 3.42
N ARG E 185 -15.81 35.37 3.75
CA ARG E 185 -14.79 36.10 4.49
C ARG E 185 -13.47 36.09 3.73
N PHE E 186 -12.66 37.12 4.00
CA PHE E 186 -11.31 37.24 3.46
C PHE E 186 -10.31 36.96 4.57
N TYR E 187 -9.33 36.10 4.29
CA TYR E 187 -8.27 35.77 5.23
C TYR E 187 -6.96 36.40 4.79
N GLU E 188 -6.03 36.51 5.73
CA GLU E 188 -4.76 37.18 5.45
C GLU E 188 -3.85 36.32 4.58
N CYS E 189 -3.98 34.99 4.66
CA CYS E 189 -3.05 34.12 3.94
C CYS E 189 -3.20 34.29 2.44
N CYS E 190 -4.43 34.22 1.92
CA CYS E 190 -4.69 34.30 0.49
C CYS E 190 -5.47 35.56 0.17
N LYS E 191 -5.84 35.70 -1.11
CA LYS E 191 -6.55 36.87 -1.61
C LYS E 191 -7.90 36.53 -2.23
N GLU E 192 -8.36 35.29 -2.09
CA GLU E 192 -9.63 34.90 -2.67
C GLU E 192 -10.65 34.59 -1.57
N PRO E 193 -11.88 35.08 -1.71
CA PRO E 193 -12.87 34.90 -0.63
C PRO E 193 -13.14 33.43 -0.35
N TYR E 194 -13.39 33.12 0.92
CA TYR E 194 -13.75 31.78 1.35
C TYR E 194 -15.14 31.80 1.95
N PRO E 195 -16.04 30.94 1.50
CA PRO E 195 -17.37 30.86 2.11
C PRO E 195 -17.40 29.95 3.33
N ASP E 196 -18.45 30.11 4.13
CA ASP E 196 -18.63 29.30 5.33
C ASP E 196 -20.10 29.31 5.72
N VAL E 197 -20.49 28.30 6.48
CA VAL E 197 -21.87 28.12 6.94
C VAL E 197 -21.85 28.01 8.46
N THR E 198 -22.64 28.85 9.12
CA THR E 198 -22.69 28.90 10.57
C THR E 198 -24.10 28.53 11.04
N PHE E 199 -24.18 27.58 11.96
CA PHE E 199 -25.44 27.17 12.58
C PHE E 199 -25.44 27.59 14.03
N THR E 200 -26.52 28.22 14.47
CA THR E 200 -26.64 28.76 15.82
C THR E 200 -27.67 27.93 16.59
N VAL E 201 -27.19 27.13 17.53
CA VAL E 201 -28.07 26.36 18.41
C VAL E 201 -28.48 27.24 19.58
N THR E 202 -29.78 27.32 19.83
CA THR E 202 -30.32 28.10 20.94
C THR E 202 -30.84 27.13 22.00
N MET E 203 -30.15 27.06 23.13
CA MET E 203 -30.55 26.18 24.22
C MET E 203 -30.97 27.03 25.41
N ARG E 204 -32.20 26.82 25.88
CA ARG E 204 -32.73 27.51 27.04
C ARG E 204 -32.73 26.58 28.24
N ARG E 205 -32.30 27.10 29.39
CA ARG E 205 -32.29 26.28 30.59
C ARG E 205 -33.71 26.03 31.09
N ARG E 206 -33.92 24.85 31.66
CA ARG E 206 -35.24 24.46 32.16
C ARG E 206 -35.34 24.72 33.67
N ALA F 1 -1.94 20.89 -28.13
CA ALA F 1 -1.09 20.36 -29.18
C ALA F 1 0.14 21.25 -29.38
N GLN F 2 0.73 21.16 -30.57
CA GLN F 2 1.91 21.92 -30.97
C GLN F 2 3.17 21.50 -30.22
N VAL F 3 3.15 20.34 -29.56
CA VAL F 3 4.36 19.81 -28.90
C VAL F 3 5.10 19.00 -29.96
N GLN F 4 5.90 19.71 -30.75
CA GLN F 4 6.53 19.15 -31.93
C GLN F 4 8.05 19.23 -31.83
N LEU F 5 8.71 18.11 -32.11
CA LEU F 5 10.16 18.05 -32.23
C LEU F 5 10.50 17.65 -33.65
N VAL F 6 11.33 18.47 -34.32
CA VAL F 6 11.66 18.27 -35.72
C VAL F 6 13.17 18.08 -35.84
N GLU F 7 13.57 16.99 -36.49
CA GLU F 7 14.98 16.65 -36.68
C GLU F 7 15.44 17.05 -38.07
N SER F 8 16.75 17.22 -38.21
CA SER F 8 17.34 17.61 -39.48
C SER F 8 18.83 17.29 -39.44
N GLY F 9 19.44 17.29 -40.63
CA GLY F 9 20.86 17.02 -40.78
C GLY F 9 21.22 15.62 -41.21
N GLY F 10 20.24 14.79 -41.56
CA GLY F 10 20.54 13.44 -42.01
C GLY F 10 21.09 13.42 -43.42
N GLY F 11 21.50 12.24 -43.84
CA GLY F 11 22.06 12.05 -45.17
C GLY F 11 22.99 10.86 -45.20
N LEU F 12 23.83 10.83 -46.22
CA LEU F 12 24.80 9.76 -46.40
C LEU F 12 26.20 10.35 -46.56
N VAL F 13 27.17 9.68 -45.95
CA VAL F 13 28.56 10.13 -45.98
C VAL F 13 29.47 8.92 -45.89
N GLN F 14 30.62 9.00 -46.57
CA GLN F 14 31.59 7.92 -46.52
C GLN F 14 32.23 7.82 -45.14
N ALA F 15 32.86 6.69 -44.87
CA ALA F 15 33.49 6.46 -43.58
C ALA F 15 34.53 7.56 -43.31
N GLY F 16 34.50 8.08 -42.09
CA GLY F 16 35.41 9.15 -41.72
C GLY F 16 35.01 10.50 -42.28
N GLY F 17 33.82 10.97 -41.90
CA GLY F 17 33.31 12.24 -42.36
C GLY F 17 32.90 13.11 -41.19
N SER F 18 31.76 13.77 -41.34
CA SER F 18 31.24 14.63 -40.28
C SER F 18 29.74 14.81 -40.49
N LEU F 19 29.06 15.12 -39.38
CA LEU F 19 27.62 15.37 -39.42
C LEU F 19 27.23 16.26 -38.26
N LYS F 20 26.15 17.01 -38.44
CA LYS F 20 25.70 18.00 -37.46
C LYS F 20 24.20 17.86 -37.22
N LEU F 21 23.76 16.64 -36.93
CA LEU F 21 22.36 16.39 -36.63
C LEU F 21 21.84 17.40 -35.63
N SER F 22 20.67 17.97 -35.92
CA SER F 22 20.06 18.98 -35.09
C SER F 22 18.58 18.64 -34.88
N CYS F 23 18.02 19.16 -33.80
CA CYS F 23 16.63 18.92 -33.48
C CYS F 23 16.04 20.15 -32.80
N ALA F 24 15.07 20.77 -33.45
CA ALA F 24 14.36 21.91 -32.87
C ALA F 24 13.11 21.45 -32.15
N ALA F 25 12.71 22.21 -31.13
CA ALA F 25 11.57 21.86 -30.31
C ALA F 25 10.61 23.03 -30.21
N SER F 26 9.32 22.71 -30.04
CA SER F 26 8.31 23.75 -29.86
C SER F 26 7.12 23.15 -29.14
N GLY F 27 6.36 24.02 -28.47
CA GLY F 27 5.14 23.65 -27.81
C GLY F 27 5.24 23.44 -26.31
N PHE F 28 6.45 23.29 -25.78
CA PHE F 28 6.66 23.07 -24.36
C PHE F 28 7.86 23.89 -23.89
N THR F 29 7.91 24.12 -22.57
CA THR F 29 9.02 24.86 -22.00
C THR F 29 10.31 24.09 -22.17
N PHE F 30 11.18 24.55 -23.06
CA PHE F 30 12.38 23.81 -23.41
C PHE F 30 13.41 23.77 -22.29
N ALA F 31 13.27 24.63 -21.27
CA ALA F 31 14.24 24.70 -20.19
C ALA F 31 13.92 23.77 -19.03
N HIS F 32 12.85 22.97 -19.12
CA HIS F 32 12.48 22.04 -18.07
C HIS F 32 12.49 20.60 -18.58
N TYR F 33 13.40 20.29 -19.50
CA TYR F 33 13.43 18.97 -20.11
C TYR F 33 14.85 18.62 -20.51
N ALA F 34 15.17 17.34 -20.48
CA ALA F 34 16.50 16.83 -20.81
C ALA F 34 16.41 15.91 -22.01
N MET F 35 16.90 16.38 -23.16
CA MET F 35 16.82 15.61 -24.39
C MET F 35 17.79 14.44 -24.38
N VAL F 36 17.36 13.34 -24.99
CA VAL F 36 18.18 12.14 -25.13
C VAL F 36 18.09 11.64 -26.56
N TRP F 37 19.22 11.29 -27.14
CA TRP F 37 19.28 10.79 -28.51
C TRP F 37 19.22 9.26 -28.52
N PHE F 38 18.32 8.72 -29.34
CA PHE F 38 18.17 7.28 -29.49
C PHE F 38 18.42 6.90 -30.94
N ARG F 39 19.00 5.71 -31.13
CA ARG F 39 19.31 5.21 -32.45
C ARG F 39 18.75 3.80 -32.59
N GLN F 40 18.08 3.55 -33.72
CA GLN F 40 17.50 2.24 -33.99
C GLN F 40 17.94 1.76 -35.37
N ALA F 41 18.49 0.56 -35.41
CA ALA F 41 18.90 -0.05 -36.66
C ALA F 41 17.73 -0.75 -37.33
N PRO F 42 17.82 -1.02 -38.64
CA PRO F 42 16.71 -1.70 -39.31
C PRO F 42 16.37 -3.05 -38.70
N GLY F 43 17.37 -3.80 -38.23
CA GLY F 43 17.13 -5.11 -37.66
C GLY F 43 17.59 -5.24 -36.23
N LYS F 44 17.44 -4.18 -35.45
CA LYS F 44 17.85 -4.19 -34.05
C LYS F 44 16.83 -3.38 -33.25
N GLU F 45 17.16 -3.08 -32.01
CA GLU F 45 16.28 -2.35 -31.10
C GLU F 45 16.89 -1.00 -30.76
N ARG F 46 16.15 -0.21 -29.97
CA ARG F 46 16.59 1.12 -29.59
C ARG F 46 17.89 1.05 -28.78
N GLU F 47 18.72 2.07 -28.93
CA GLU F 47 19.95 2.14 -28.16
C GLU F 47 20.30 3.59 -27.87
N PHE F 48 20.92 3.80 -26.72
CA PHE F 48 21.38 5.12 -26.31
C PHE F 48 22.41 5.65 -27.31
N VAL F 49 22.40 6.96 -27.52
CA VAL F 49 23.49 7.61 -28.26
C VAL F 49 24.07 8.81 -27.53
N ALA F 50 23.35 9.44 -26.63
CA ALA F 50 23.85 10.55 -25.83
C ALA F 50 22.71 11.01 -24.93
N GLY F 51 23.05 11.89 -23.98
CA GLY F 51 22.04 12.47 -23.12
C GLY F 51 22.56 13.67 -22.35
N ILE F 52 21.72 14.69 -22.20
CA ILE F 52 22.08 15.92 -21.50
C ILE F 52 20.97 16.26 -20.52
N SER F 53 21.35 16.59 -19.29
CA SER F 53 20.38 16.94 -18.27
C SER F 53 19.85 18.35 -18.49
N TRP F 54 18.75 18.67 -17.80
CA TRP F 54 18.11 19.96 -17.99
C TRP F 54 18.98 21.10 -17.50
N SER F 55 19.82 20.86 -16.50
CA SER F 55 20.64 21.95 -15.95
C SER F 55 21.57 22.52 -17.02
N GLY F 56 22.22 21.66 -17.78
CA GLY F 56 23.08 22.12 -18.85
C GLY F 56 24.39 21.36 -18.96
N ALA F 57 24.90 20.86 -17.83
CA ALA F 57 26.18 20.12 -17.81
C ALA F 57 25.97 18.80 -17.08
N SER F 58 25.50 17.79 -17.82
CA SER F 58 25.42 16.42 -17.32
C SER F 58 25.66 15.40 -18.42
N THR F 59 26.37 15.77 -19.48
CA THR F 59 26.49 14.94 -20.68
C THR F 59 26.90 13.52 -20.33
N TYR F 60 26.08 12.56 -20.76
CA TYR F 60 26.38 11.13 -20.63
C TYR F 60 26.34 10.54 -22.04
N TYR F 61 27.48 10.02 -22.50
CA TYR F 61 27.57 9.36 -23.78
C TYR F 61 27.54 7.84 -23.61
N ALA F 62 27.58 7.13 -24.72
CA ALA F 62 27.61 5.67 -24.73
C ALA F 62 29.04 5.18 -24.82
N SER F 63 29.22 3.89 -24.51
CA SER F 63 30.57 3.31 -24.49
C SER F 63 31.20 3.35 -25.88
N SER F 64 30.43 3.04 -26.92
CA SER F 64 30.93 2.96 -28.28
C SER F 64 30.94 4.30 -29.00
N VAL F 65 30.59 5.39 -28.30
CA VAL F 65 30.52 6.71 -28.90
C VAL F 65 31.33 7.69 -28.06
N LYS F 66 31.78 7.23 -26.89
CA LYS F 66 32.40 8.08 -25.89
C LYS F 66 33.41 9.08 -26.47
N GLY F 67 34.15 8.67 -27.49
CA GLY F 67 35.22 9.51 -28.00
C GLY F 67 34.94 10.26 -29.28
N ARG F 68 33.87 9.89 -29.99
CA ARG F 68 33.60 10.47 -31.30
C ARG F 68 32.52 11.55 -31.26
N PHE F 69 31.32 11.22 -30.77
CA PHE F 69 30.19 12.11 -30.86
C PHE F 69 30.16 13.08 -29.69
N THR F 70 29.59 14.26 -29.91
CA THR F 70 29.45 15.27 -28.87
C THR F 70 28.05 15.85 -28.89
N ILE F 71 27.44 15.95 -27.72
CA ILE F 71 26.07 16.46 -27.59
C ILE F 71 26.10 17.86 -27.00
N SER F 72 25.14 18.68 -27.42
CA SER F 72 25.04 20.04 -26.93
C SER F 72 23.60 20.50 -27.04
N ARG F 73 23.28 21.58 -26.32
CA ARG F 73 21.93 22.13 -26.31
C ARG F 73 22.00 23.65 -26.37
N ASP F 74 20.94 24.25 -26.89
CA ASP F 74 20.80 25.70 -26.94
C ASP F 74 19.38 26.06 -26.51
N ASN F 75 19.26 26.67 -25.34
CA ASN F 75 17.95 27.04 -24.80
C ASN F 75 17.39 28.28 -25.49
N ALA F 76 18.25 29.17 -25.99
CA ALA F 76 17.76 30.38 -26.62
C ALA F 76 17.01 30.08 -27.91
N LYS F 77 17.52 29.15 -28.71
CA LYS F 77 16.89 28.77 -29.97
C LYS F 77 16.05 27.50 -29.86
N ASN F 78 15.97 26.90 -28.68
CA ASN F 78 15.16 25.69 -28.47
C ASN F 78 15.64 24.56 -29.39
N THR F 79 16.93 24.25 -29.30
CA THR F 79 17.51 23.26 -30.20
C THR F 79 18.48 22.37 -29.45
N VAL F 80 18.72 21.18 -30.02
CA VAL F 80 19.73 20.26 -29.55
C VAL F 80 20.59 19.85 -30.74
N TYR F 81 21.85 19.52 -30.46
CA TYR F 81 22.83 19.24 -31.50
C TYR F 81 23.61 17.99 -31.12
N LEU F 82 23.88 17.14 -32.10
CA LEU F 82 24.68 15.93 -31.91
C LEU F 82 25.73 15.88 -33.01
N GLN F 83 26.89 16.49 -32.74
CA GLN F 83 27.97 16.48 -33.71
C GLN F 83 28.58 15.08 -33.80
N MET F 84 28.66 14.54 -35.00
CA MET F 84 29.16 13.20 -35.27
C MET F 84 30.44 13.30 -36.08
N ASN F 85 31.50 12.66 -35.58
CA ASN F 85 32.80 12.69 -36.23
C ASN F 85 33.36 11.28 -36.33
N SER F 86 34.18 11.04 -37.36
CA SER F 86 34.82 9.76 -37.59
C SER F 86 33.78 8.64 -37.66
N LEU F 87 32.75 8.85 -38.47
CA LEU F 87 31.70 7.84 -38.63
C LEU F 87 32.28 6.55 -39.19
N LYS F 88 31.71 5.43 -38.77
CA LYS F 88 32.16 4.10 -39.14
C LYS F 88 31.01 3.32 -39.73
N PRO F 89 31.30 2.24 -40.46
CA PRO F 89 30.26 1.63 -41.32
C PRO F 89 29.05 1.11 -40.57
N GLU F 90 29.16 0.81 -39.28
CA GLU F 90 28.02 0.27 -38.54
C GLU F 90 27.17 1.34 -37.87
N ASP F 91 27.49 2.62 -38.08
CA ASP F 91 26.69 3.71 -37.56
C ASP F 91 25.61 4.14 -38.55
N THR F 92 24.81 3.17 -39.01
CA THR F 92 23.73 3.42 -39.95
C THR F 92 22.42 3.01 -39.28
N ALA F 93 21.58 3.98 -38.99
CA ALA F 93 20.30 3.72 -38.34
C ALA F 93 19.55 5.04 -38.23
N VAL F 94 18.31 4.96 -37.77
CA VAL F 94 17.47 6.14 -37.58
C VAL F 94 17.76 6.75 -36.21
N TYR F 95 18.03 8.05 -36.19
CA TYR F 95 18.30 8.79 -34.97
C TYR F 95 17.12 9.70 -34.67
N TYR F 96 16.62 9.64 -33.43
CA TYR F 96 15.54 10.53 -33.02
C TYR F 96 15.70 10.93 -31.57
N VAL F 97 15.10 12.05 -31.22
CA VAL F 97 15.24 12.63 -29.89
C VAL F 97 14.05 12.24 -29.03
N ALA F 98 14.25 12.31 -27.71
CA ALA F 98 13.18 12.04 -26.76
C ALA F 98 13.41 12.95 -25.56
N ALA F 99 12.40 13.74 -25.22
CA ALA F 99 12.49 14.63 -24.07
C ALA F 99 12.05 13.90 -22.81
N ALA F 100 12.14 14.59 -21.68
CA ALA F 100 11.74 14.04 -20.39
C ALA F 100 11.72 15.17 -19.39
N ARG F 101 10.78 15.10 -18.45
CA ARG F 101 10.68 16.15 -17.44
C ARG F 101 11.96 16.17 -16.63
N PHE F 102 12.07 17.09 -15.67
CA PHE F 102 13.32 17.32 -14.96
C PHE F 102 14.03 16.00 -14.67
N GLY F 103 15.22 15.83 -15.22
CA GLY F 103 15.90 14.56 -15.16
C GLY F 103 17.39 14.72 -15.39
N VAL F 104 18.09 13.60 -15.27
CA VAL F 104 19.55 13.62 -15.33
C VAL F 104 20.09 13.37 -16.73
N GLY F 105 19.32 12.69 -17.58
CA GLY F 105 19.82 12.29 -18.89
C GLY F 105 19.91 10.78 -18.99
N VAL F 106 20.33 10.14 -17.91
CA VAL F 106 20.31 8.68 -17.78
C VAL F 106 18.86 8.25 -17.70
N ASP F 107 18.62 6.94 -17.75
CA ASP F 107 17.27 6.39 -17.84
C ASP F 107 16.27 7.20 -17.03
N ASP F 108 15.11 7.44 -17.63
CA ASP F 108 14.10 8.31 -17.06
C ASP F 108 12.74 7.88 -17.58
N ASP F 109 11.74 8.74 -17.39
CA ASP F 109 10.38 8.52 -17.90
C ASP F 109 10.12 9.55 -18.99
N TYR F 110 10.44 9.20 -20.23
CA TYR F 110 10.30 10.12 -21.35
C TYR F 110 8.84 10.44 -21.60
N SER F 111 8.59 11.67 -22.06
CA SER F 111 7.24 12.16 -22.30
C SER F 111 6.98 12.45 -23.77
N TYR F 112 7.81 13.26 -24.43
CA TYR F 112 7.60 13.68 -25.80
C TYR F 112 8.65 13.04 -26.69
N TRP F 113 8.23 12.26 -27.67
CA TRP F 113 9.15 11.61 -28.58
C TRP F 113 9.32 12.46 -29.84
N GLY F 114 10.30 12.09 -30.66
CA GLY F 114 10.52 12.84 -31.89
C GLY F 114 10.32 12.04 -33.16
N GLN F 115 10.74 12.61 -34.28
CA GLN F 115 10.58 11.99 -35.59
C GLN F 115 11.89 11.33 -36.03
N GLY F 116 11.76 10.39 -36.97
CA GLY F 116 12.93 9.67 -37.43
C GLY F 116 13.80 10.48 -38.37
N THR F 117 15.04 10.01 -38.53
CA THR F 117 15.99 10.60 -39.46
C THR F 117 16.93 9.50 -39.93
N GLN F 118 17.42 9.65 -41.16
CA GLN F 118 18.23 8.62 -41.80
C GLN F 118 19.67 9.10 -41.96
N VAL F 119 20.61 8.32 -41.43
CA VAL F 119 22.03 8.58 -41.58
C VAL F 119 22.69 7.29 -42.07
N THR F 120 23.42 7.39 -43.17
CA THR F 120 24.07 6.25 -43.80
C THR F 120 25.56 6.53 -43.97
N VAL F 121 26.37 5.50 -43.82
CA VAL F 121 27.81 5.64 -43.96
C VAL F 121 28.33 4.76 -45.10
N ALA G 1 29.28 11.31 -15.76
CA ALA G 1 29.65 10.39 -16.83
C ALA G 1 30.90 9.60 -16.46
N GLN G 2 31.61 9.12 -17.48
CA GLN G 2 32.83 8.35 -17.33
C GLN G 2 32.59 6.97 -16.72
N VAL G 3 31.35 6.51 -16.67
CA VAL G 3 31.02 5.17 -16.18
C VAL G 3 31.13 4.25 -17.38
N GLN G 4 32.34 3.77 -17.65
CA GLN G 4 32.65 3.06 -18.88
C GLN G 4 33.20 1.67 -18.55
N LEU G 5 32.65 0.66 -19.23
CA LEU G 5 33.14 -0.70 -19.18
C LEU G 5 33.63 -1.09 -20.57
N VAL G 6 34.88 -1.53 -20.67
CA VAL G 6 35.50 -1.83 -21.95
C VAL G 6 35.94 -3.29 -21.94
N GLU G 7 35.45 -4.07 -22.91
CA GLU G 7 35.79 -5.47 -23.05
C GLU G 7 36.92 -5.65 -24.06
N SER G 8 37.58 -6.79 -23.98
CA SER G 8 38.68 -7.10 -24.87
C SER G 8 38.96 -8.60 -24.81
N GLY G 9 39.72 -9.08 -25.79
CA GLY G 9 40.10 -10.47 -25.87
C GLY G 9 39.30 -11.32 -26.85
N GLY G 10 38.43 -10.71 -27.65
CA GLY G 10 37.66 -11.47 -28.61
C GLY G 10 38.49 -11.90 -29.81
N GLY G 11 37.85 -12.69 -30.67
CA GLY G 11 38.53 -13.20 -31.85
C GLY G 11 37.90 -14.50 -32.28
N LEU G 12 38.68 -15.27 -33.05
CA LEU G 12 38.25 -16.56 -33.56
C LEU G 12 39.28 -17.62 -33.22
N VAL G 13 38.80 -18.83 -32.90
CA VAL G 13 39.67 -19.95 -32.56
C VAL G 13 38.95 -21.24 -32.93
N GLN G 14 39.74 -22.23 -33.34
CA GLN G 14 39.20 -23.54 -33.67
C GLN G 14 38.71 -24.24 -32.41
N ALA G 15 37.88 -25.27 -32.61
CA ALA G 15 37.34 -26.03 -31.49
C ALA G 15 38.47 -26.59 -30.64
N GLY G 16 38.33 -26.45 -29.32
CA GLY G 16 39.33 -26.92 -28.40
C GLY G 16 40.53 -25.99 -28.32
N GLY G 17 40.29 -24.75 -27.94
CA GLY G 17 41.37 -23.77 -27.83
C GLY G 17 41.41 -23.11 -26.46
N SER G 18 41.60 -21.80 -26.44
CA SER G 18 41.65 -21.05 -25.19
C SER G 18 41.35 -19.59 -25.46
N LEU G 19 40.88 -18.90 -24.42
CA LEU G 19 40.60 -17.47 -24.53
C LEU G 19 40.63 -16.86 -23.14
N LYS G 20 40.94 -15.57 -23.09
CA LYS G 20 41.11 -14.84 -21.83
C LYS G 20 40.35 -13.52 -21.88
N LEU G 21 39.08 -13.58 -22.24
CA LEU G 21 38.23 -12.39 -22.28
C LEU G 21 38.40 -11.57 -20.99
N SER G 22 38.60 -10.28 -21.15
CA SER G 22 38.82 -9.37 -20.04
C SER G 22 37.90 -8.16 -20.19
N CYS G 23 37.63 -7.50 -19.07
CA CYS G 23 36.78 -6.31 -19.07
C CYS G 23 37.26 -5.36 -18.00
N ALA G 24 37.71 -4.17 -18.41
CA ALA G 24 38.12 -3.14 -17.48
C ALA G 24 36.96 -2.20 -17.20
N ALA G 25 36.95 -1.61 -16.00
CA ALA G 25 35.87 -0.73 -15.59
C ALA G 25 36.43 0.59 -15.08
N SER G 26 35.64 1.65 -15.23
CA SER G 26 36.03 2.96 -14.73
C SER G 26 34.79 3.81 -14.52
N GLY G 27 34.93 4.81 -13.65
CA GLY G 27 33.88 5.77 -13.39
C GLY G 27 33.07 5.50 -12.13
N PHE G 28 33.14 4.29 -11.57
CA PHE G 28 32.38 3.95 -10.38
C PHE G 28 33.24 3.12 -9.44
N THR G 29 32.83 3.08 -8.18
CA THR G 29 33.55 2.30 -7.19
C THR G 29 33.46 0.82 -7.52
N PHE G 30 34.57 0.24 -7.99
CA PHE G 30 34.57 -1.14 -8.48
C PHE G 30 34.40 -2.16 -7.36
N ALA G 31 34.54 -1.76 -6.11
CA ALA G 31 34.45 -2.70 -4.98
C ALA G 31 33.05 -2.81 -4.41
N HIS G 32 32.07 -2.13 -5.00
CA HIS G 32 30.68 -2.20 -4.54
C HIS G 32 29.76 -2.72 -5.64
N TYR G 33 30.26 -3.62 -6.48
CA TYR G 33 29.48 -4.11 -7.61
C TYR G 33 29.90 -5.53 -7.93
N ALA G 34 28.95 -6.32 -8.44
CA ALA G 34 29.18 -7.72 -8.78
C ALA G 34 28.97 -7.89 -10.28
N MET G 35 30.05 -8.14 -11.00
CA MET G 35 30.00 -8.28 -12.45
C MET G 35 29.37 -9.61 -12.85
N VAL G 36 28.63 -9.58 -13.96
CA VAL G 36 27.99 -10.77 -14.51
C VAL G 36 28.22 -10.78 -16.02
N TRP G 37 28.59 -11.93 -16.56
CA TRP G 37 28.84 -12.07 -17.99
C TRP G 37 27.60 -12.59 -18.69
N PHE G 38 27.20 -11.92 -19.77
CA PHE G 38 26.05 -12.30 -20.56
C PHE G 38 26.50 -12.60 -21.98
N ARG G 39 25.82 -13.56 -22.61
CA ARG G 39 26.13 -13.98 -23.96
C ARG G 39 24.85 -13.96 -24.78
N GLN G 40 24.92 -13.38 -25.99
CA GLN G 40 23.79 -13.32 -26.88
C GLN G 40 24.20 -13.82 -28.25
N ALA G 41 23.45 -14.79 -28.77
CA ALA G 41 23.67 -15.32 -30.10
C ALA G 41 22.98 -14.46 -31.16
N PRO G 42 23.39 -14.58 -32.42
CA PRO G 42 22.75 -13.76 -33.47
C PRO G 42 21.25 -13.99 -33.57
N GLY G 43 20.79 -15.22 -33.36
CA GLY G 43 19.38 -15.53 -33.47
C GLY G 43 18.79 -16.10 -32.21
N LYS G 44 19.21 -15.60 -31.05
CA LYS G 44 18.71 -16.07 -29.77
C LYS G 44 18.64 -14.87 -28.83
N GLU G 45 18.45 -15.15 -27.54
CA GLU G 45 18.32 -14.13 -26.52
C GLU G 45 19.46 -14.20 -25.53
N ARG G 46 19.46 -13.25 -24.59
CA ARG G 46 20.52 -13.17 -23.59
C ARG G 46 20.56 -14.44 -22.75
N GLU G 47 21.77 -14.79 -22.30
CA GLU G 47 21.91 -15.94 -21.42
C GLU G 47 23.09 -15.74 -20.48
N PHE G 48 22.97 -16.32 -19.29
CA PHE G 48 24.03 -16.27 -18.28
C PHE G 48 25.28 -16.97 -18.80
N VAL G 49 26.44 -16.45 -18.41
CA VAL G 49 27.68 -17.17 -18.70
C VAL G 49 28.48 -17.36 -17.42
N ALA G 50 28.29 -16.48 -16.44
CA ALA G 50 28.97 -16.57 -15.16
C ALA G 50 28.55 -15.39 -14.31
N GLY G 51 28.94 -15.43 -13.04
CA GLY G 51 28.69 -14.33 -12.14
C GLY G 51 29.51 -14.41 -10.87
N ILE G 52 29.97 -13.26 -10.36
CA ILE G 52 30.76 -13.18 -9.14
C ILE G 52 30.19 -12.07 -8.26
N SER G 53 30.05 -12.36 -6.98
CA SER G 53 29.50 -11.39 -6.04
C SER G 53 30.56 -10.36 -5.67
N TRP G 54 30.09 -9.28 -5.03
CA TRP G 54 30.99 -8.19 -4.69
C TRP G 54 32.01 -8.59 -3.64
N SER G 55 31.65 -9.51 -2.75
CA SER G 55 32.57 -9.89 -1.67
C SER G 55 33.86 -10.47 -2.24
N GLY G 56 33.76 -11.35 -3.23
CA GLY G 56 34.94 -11.92 -3.85
C GLY G 56 34.83 -13.40 -4.13
N ALA G 57 34.08 -14.13 -3.30
CA ALA G 57 33.94 -15.59 -3.44
C ALA G 57 32.45 -15.93 -3.44
N SER G 58 31.82 -15.83 -4.61
CA SER G 58 30.45 -16.30 -4.78
C SER G 58 30.22 -16.85 -6.19
N THR G 59 31.27 -17.30 -6.87
CA THR G 59 31.18 -17.66 -8.28
C THR G 59 30.02 -18.60 -8.56
N TYR G 60 29.14 -18.18 -9.46
CA TYR G 60 28.04 -19.00 -9.97
C TYR G 60 28.19 -19.11 -11.47
N TYR G 61 28.32 -20.34 -11.96
CA TYR G 61 28.43 -20.60 -13.39
C TYR G 61 27.11 -21.15 -13.93
N ALA G 62 27.07 -21.37 -15.24
CA ALA G 62 25.90 -21.94 -15.89
C ALA G 62 26.06 -23.44 -16.03
N SER G 63 24.94 -24.11 -16.31
CA SER G 63 24.94 -25.57 -16.40
C SER G 63 25.83 -26.06 -17.53
N SER G 64 25.79 -25.38 -18.68
CA SER G 64 26.54 -25.80 -19.85
C SER G 64 27.97 -25.26 -19.87
N VAL G 65 28.39 -24.57 -18.81
CA VAL G 65 29.72 -23.98 -18.75
C VAL G 65 30.41 -24.40 -17.46
N LYS G 66 29.66 -25.08 -16.60
CA LYS G 66 30.09 -25.42 -15.24
C LYS G 66 31.53 -25.92 -15.17
N GLY G 67 31.96 -26.67 -16.18
CA GLY G 67 33.27 -27.30 -16.10
C GLY G 67 34.37 -26.68 -16.95
N ARG G 68 34.01 -25.79 -17.87
CA ARG G 68 34.98 -25.25 -18.81
C ARG G 68 35.45 -23.85 -18.44
N PHE G 69 34.53 -22.90 -18.31
CA PHE G 69 34.89 -21.50 -18.10
C PHE G 69 35.12 -21.21 -16.63
N THR G 70 35.98 -20.23 -16.36
CA THR G 70 36.27 -19.81 -15.00
C THR G 70 36.28 -18.29 -14.92
N ILE G 71 35.57 -17.74 -13.95
CA ILE G 71 35.44 -16.29 -13.79
C ILE G 71 36.32 -15.84 -12.63
N SER G 72 36.83 -14.61 -12.74
CA SER G 72 37.68 -14.04 -11.70
C SER G 72 37.59 -12.52 -11.77
N ARG G 73 38.00 -11.87 -10.69
CA ARG G 73 37.97 -10.42 -10.61
C ARG G 73 39.25 -9.91 -9.95
N ASP G 74 39.59 -8.67 -10.28
CA ASP G 74 40.75 -7.99 -9.70
C ASP G 74 40.32 -6.58 -9.34
N ASN G 75 40.23 -6.30 -8.04
CA ASN G 75 39.83 -4.98 -7.55
C ASN G 75 40.96 -3.96 -7.64
N ALA G 76 42.21 -4.40 -7.64
CA ALA G 76 43.32 -3.45 -7.71
C ALA G 76 43.41 -2.80 -9.08
N LYS G 77 43.18 -3.57 -10.15
CA LYS G 77 43.24 -3.06 -11.51
C LYS G 77 41.87 -2.77 -12.09
N ASN G 78 40.80 -2.98 -11.32
CA ASN G 78 39.43 -2.70 -11.78
C ASN G 78 39.10 -3.51 -13.03
N THR G 79 39.28 -4.83 -12.93
CA THR G 79 39.10 -5.69 -14.09
C THR G 79 38.37 -6.97 -13.71
N VAL G 80 37.77 -7.59 -14.71
CA VAL G 80 37.16 -8.90 -14.59
C VAL G 80 37.68 -9.78 -15.72
N TYR G 81 37.76 -11.09 -15.46
CA TYR G 81 38.34 -12.03 -16.39
C TYR G 81 37.43 -13.25 -16.51
N LEU G 82 37.29 -13.77 -17.73
CA LEU G 82 36.50 -14.97 -18.00
C LEU G 82 37.34 -15.91 -18.86
N GLN G 83 38.13 -16.76 -18.22
CA GLN G 83 38.95 -17.72 -18.95
C GLN G 83 38.07 -18.80 -19.56
N MET G 84 38.25 -19.03 -20.85
CA MET G 84 37.46 -19.99 -21.62
C MET G 84 38.38 -21.09 -22.14
N ASN G 85 38.02 -22.33 -21.87
CA ASN G 85 38.81 -23.49 -22.28
C ASN G 85 37.91 -24.52 -22.93
N SER G 86 38.48 -25.29 -23.86
CA SER G 86 37.76 -26.35 -24.56
C SER G 86 36.50 -25.82 -25.22
N LEU G 87 36.65 -24.74 -25.99
CA LEU G 87 35.52 -24.12 -26.66
C LEU G 87 34.90 -25.09 -27.66
N LYS G 88 33.58 -25.03 -27.80
CA LYS G 88 32.83 -25.86 -28.71
C LYS G 88 32.24 -25.02 -29.84
N PRO G 89 31.80 -25.65 -30.93
CA PRO G 89 31.25 -24.88 -32.05
C PRO G 89 30.00 -24.10 -31.69
N GLU G 90 29.30 -24.46 -30.62
CA GLU G 90 28.09 -23.75 -30.22
C GLU G 90 28.37 -22.49 -29.42
N ASP G 91 29.61 -22.27 -28.99
CA ASP G 91 29.97 -21.09 -28.20
C ASP G 91 30.41 -19.94 -29.11
N THR G 92 29.46 -19.48 -29.92
CA THR G 92 29.69 -18.36 -30.83
C THR G 92 28.58 -17.33 -30.60
N ALA G 93 28.95 -16.19 -30.01
CA ALA G 93 27.99 -15.13 -29.72
C ALA G 93 28.76 -13.96 -29.12
N VAL G 94 28.05 -12.86 -28.90
CA VAL G 94 28.62 -11.65 -28.32
C VAL G 94 28.57 -11.78 -26.80
N TYR G 95 29.71 -11.51 -26.16
CA TYR G 95 29.85 -11.56 -24.71
C TYR G 95 30.04 -10.14 -24.18
N TYR G 96 29.24 -9.76 -23.19
CA TYR G 96 29.40 -8.46 -22.56
C TYR G 96 29.10 -8.54 -21.08
N VAL G 97 29.66 -7.58 -20.33
CA VAL G 97 29.56 -7.58 -18.89
C VAL G 97 28.41 -6.68 -18.45
N ALA G 98 27.93 -6.91 -17.23
CA ALA G 98 26.89 -6.08 -16.63
C ALA G 98 27.15 -6.03 -15.14
N ALA G 99 27.27 -4.82 -14.59
CA ALA G 99 27.47 -4.66 -13.16
C ALA G 99 26.14 -4.54 -12.45
N ALA G 100 26.21 -4.50 -11.12
CA ALA G 100 25.02 -4.37 -10.28
C ALA G 100 25.48 -3.98 -8.89
N ARG G 101 24.65 -3.20 -8.20
CA ARG G 101 25.01 -2.78 -6.85
C ARG G 101 25.09 -4.01 -5.96
N PHE G 102 25.43 -3.82 -4.68
CA PHE G 102 25.73 -4.94 -3.80
C PHE G 102 24.78 -6.10 -4.05
N GLY G 103 25.32 -7.23 -4.46
CA GLY G 103 24.50 -8.35 -4.89
C GLY G 103 25.27 -9.64 -4.84
N VAL G 104 24.56 -10.73 -5.13
CA VAL G 104 25.13 -12.06 -4.99
C VAL G 104 25.74 -12.60 -6.29
N GLY G 105 25.33 -12.07 -7.44
CA GLY G 105 25.78 -12.61 -8.72
C GLY G 105 24.64 -13.25 -9.48
N VAL G 106 23.76 -13.94 -8.75
CA VAL G 106 22.53 -14.47 -9.29
C VAL G 106 21.62 -13.29 -9.61
N ASP G 107 20.48 -13.56 -10.27
CA ASP G 107 19.60 -12.51 -10.77
C ASP G 107 19.51 -11.33 -9.81
N ASP G 108 19.61 -10.13 -10.36
CA ASP G 108 19.71 -8.90 -9.57
C ASP G 108 19.08 -7.78 -10.39
N ASP G 109 19.36 -6.54 -9.99
CA ASP G 109 18.91 -5.35 -10.71
C ASP G 109 20.15 -4.65 -11.25
N TYR G 110 20.52 -4.98 -12.48
CA TYR G 110 21.74 -4.44 -13.07
C TYR G 110 21.60 -2.95 -13.34
N SER G 111 22.72 -2.24 -13.21
CA SER G 111 22.75 -0.79 -13.39
C SER G 111 23.58 -0.36 -14.58
N TYR G 112 24.83 -0.81 -14.69
CA TYR G 112 25.75 -0.38 -15.73
C TYR G 112 26.04 -1.54 -16.67
N TRP G 113 25.70 -1.39 -17.94
CA TRP G 113 25.94 -2.42 -18.92
C TRP G 113 27.29 -2.18 -19.62
N GLY G 114 27.72 -3.16 -20.41
CA GLY G 114 28.97 -3.00 -21.13
C GLY G 114 28.84 -3.07 -22.63
N GLN G 115 29.98 -3.09 -23.32
CA GLN G 115 30.03 -3.12 -24.77
C GLN G 115 30.21 -4.56 -25.26
N GLY G 116 29.77 -4.80 -26.50
CA GLY G 116 29.81 -6.14 -27.04
C GLY G 116 31.21 -6.58 -27.47
N THR G 117 31.34 -7.88 -27.64
CA THR G 117 32.58 -8.48 -28.13
C THR G 117 32.23 -9.75 -28.89
N GLN G 118 33.05 -10.09 -29.88
CA GLN G 118 32.78 -11.20 -30.78
C GLN G 118 33.77 -12.32 -30.56
N VAL G 119 33.26 -13.52 -30.29
CA VAL G 119 34.07 -14.73 -30.16
C VAL G 119 33.47 -15.79 -31.08
N THR G 120 34.31 -16.34 -31.95
CA THR G 120 33.89 -17.34 -32.92
C THR G 120 34.75 -18.59 -32.80
N VAL G 121 34.14 -19.74 -33.05
CA VAL G 121 34.85 -21.01 -32.94
C VAL G 121 34.84 -21.74 -34.29
N ALA H 1 26.92 -21.89 -5.17
CA ALA H 1 26.80 -22.52 -6.49
C ALA H 1 26.43 -23.99 -6.36
N GLN H 2 26.77 -24.76 -7.39
CA GLN H 2 26.51 -26.19 -7.47
C GLN H 2 25.03 -26.53 -7.55
N VAL H 3 24.18 -25.56 -7.86
CA VAL H 3 22.75 -25.82 -8.07
C VAL H 3 22.61 -26.19 -9.54
N GLN H 4 22.82 -27.47 -9.84
CA GLN H 4 22.93 -27.95 -11.21
C GLN H 4 21.85 -28.98 -11.50
N LEU H 5 21.18 -28.81 -12.64
CA LEU H 5 20.19 -29.77 -13.14
C LEU H 5 20.69 -30.28 -14.47
N VAL H 6 20.81 -31.60 -14.61
CA VAL H 6 21.38 -32.22 -15.79
C VAL H 6 20.36 -33.15 -16.41
N GLU H 7 20.07 -32.95 -17.70
CA GLU H 7 19.12 -33.77 -18.43
C GLU H 7 19.84 -34.88 -19.19
N SER H 8 19.08 -35.91 -19.56
CA SER H 8 19.63 -37.03 -20.31
C SER H 8 18.49 -37.84 -20.90
N GLY H 9 18.83 -38.67 -21.87
CA GLY H 9 17.85 -39.55 -22.50
C GLY H 9 17.34 -39.08 -23.84
N GLY H 10 17.88 -38.01 -24.40
CA GLY H 10 17.43 -37.53 -25.70
C GLY H 10 17.93 -38.37 -26.84
N GLY H 11 17.48 -38.02 -28.04
CA GLY H 11 17.87 -38.74 -29.23
C GLY H 11 16.79 -38.64 -30.29
N LEU H 12 16.81 -39.60 -31.21
CA LEU H 12 15.86 -39.65 -32.31
C LEU H 12 15.21 -41.03 -32.36
N VAL H 13 13.90 -41.05 -32.64
CA VAL H 13 13.15 -42.30 -32.72
C VAL H 13 12.01 -42.12 -33.72
N GLN H 14 11.68 -43.20 -34.43
CA GLN H 14 10.58 -43.17 -35.37
C GLN H 14 9.25 -43.06 -34.63
N ALA H 15 8.22 -42.65 -35.38
CA ALA H 15 6.90 -42.49 -34.78
C ALA H 15 6.44 -43.79 -34.13
N GLY H 16 5.91 -43.68 -32.92
CA GLY H 16 5.47 -44.85 -32.18
C GLY H 16 6.61 -45.63 -31.58
N GLY H 17 7.37 -45.00 -30.70
CA GLY H 17 8.50 -45.63 -30.04
C GLY H 17 8.41 -45.50 -28.54
N SER H 18 9.52 -45.17 -27.91
CA SER H 18 9.57 -45.00 -26.46
C SER H 18 10.77 -44.13 -26.11
N LEU H 19 10.68 -43.50 -24.94
CA LEU H 19 11.77 -42.68 -24.43
C LEU H 19 11.65 -42.57 -22.93
N LYS H 20 12.78 -42.36 -22.26
CA LYS H 20 12.86 -42.33 -20.80
C LYS H 20 13.66 -41.12 -20.34
N LEU H 21 13.31 -39.94 -20.85
CA LEU H 21 13.98 -38.71 -20.46
C LEU H 21 14.11 -38.63 -18.94
N SER H 22 15.32 -38.31 -18.47
CA SER H 22 15.61 -38.24 -17.05
C SER H 22 16.34 -36.93 -16.75
N CYS H 23 16.24 -36.49 -15.51
CA CYS H 23 16.88 -35.25 -15.07
C CYS H 23 17.34 -35.41 -13.64
N ALA H 24 18.65 -35.34 -13.44
CA ALA H 24 19.23 -35.39 -12.10
C ALA H 24 19.44 -33.98 -11.57
N ALA H 25 19.36 -33.83 -10.24
CA ALA H 25 19.48 -32.53 -9.61
C ALA H 25 20.51 -32.59 -8.49
N SER H 26 21.17 -31.45 -8.26
CA SER H 26 22.14 -31.36 -7.17
C SER H 26 22.27 -29.90 -6.75
N GLY H 27 22.74 -29.71 -5.52
CA GLY H 27 23.02 -28.39 -4.98
C GLY H 27 21.94 -27.81 -4.10
N PHE H 28 20.72 -28.36 -4.14
CA PHE H 28 19.62 -27.85 -3.34
C PHE H 28 18.82 -29.02 -2.78
N THR H 29 18.07 -28.74 -1.73
CA THR H 29 17.23 -29.77 -1.11
C THR H 29 16.15 -30.21 -2.08
N PHE H 30 16.28 -31.41 -2.63
CA PHE H 30 15.38 -31.88 -3.68
C PHE H 30 13.98 -32.18 -3.18
N ALA H 31 13.78 -32.26 -1.86
CA ALA H 31 12.48 -32.59 -1.30
C ALA H 31 11.60 -31.38 -1.03
N HIS H 32 12.08 -30.17 -1.35
CA HIS H 32 11.31 -28.95 -1.15
C HIS H 32 11.05 -28.24 -2.48
N TYR H 33 10.91 -28.98 -3.56
CA TYR H 33 10.75 -28.38 -4.87
C TYR H 33 9.89 -29.28 -5.75
N ALA H 34 9.16 -28.66 -6.67
CA ALA H 34 8.26 -29.37 -7.58
C ALA H 34 8.74 -29.16 -9.01
N MET H 35 9.29 -30.22 -9.60
CA MET H 35 9.82 -30.13 -10.95
C MET H 35 8.70 -30.01 -11.98
N VAL H 36 8.97 -29.25 -13.04
CA VAL H 36 8.04 -29.07 -14.15
C VAL H 36 8.80 -29.21 -15.45
N TRP H 37 8.25 -29.95 -16.40
CA TRP H 37 8.88 -30.16 -17.70
C TRP H 37 8.33 -29.17 -18.72
N PHE H 38 9.23 -28.48 -19.41
CA PHE H 38 8.87 -27.52 -20.43
C PHE H 38 9.45 -27.96 -21.77
N ARG H 39 8.71 -27.68 -22.84
CA ARG H 39 9.12 -28.05 -24.19
C ARG H 39 9.05 -26.81 -25.08
N GLN H 40 10.11 -26.59 -25.84
CA GLN H 40 10.18 -25.46 -26.75
C GLN H 40 10.53 -25.95 -28.15
N ALA H 41 9.72 -25.57 -29.13
CA ALA H 41 9.96 -25.90 -30.52
C ALA H 41 10.90 -24.89 -31.16
N PRO H 42 11.55 -25.25 -32.27
CA PRO H 42 12.47 -24.30 -32.92
C PRO H 42 11.80 -22.98 -33.29
N GLY H 43 10.55 -23.02 -33.71
CA GLY H 43 9.85 -21.82 -34.13
C GLY H 43 8.59 -21.55 -33.34
N LYS H 44 8.62 -21.83 -32.03
CA LYS H 44 7.46 -21.61 -31.16
C LYS H 44 7.98 -21.16 -29.81
N GLU H 45 7.09 -21.16 -28.82
CA GLU H 45 7.39 -20.71 -27.47
C GLU H 45 7.29 -21.87 -26.49
N ARG H 46 7.59 -21.59 -25.23
CA ARG H 46 7.58 -22.62 -24.20
C ARG H 46 6.17 -23.17 -24.01
N GLU H 47 6.09 -24.45 -23.66
CA GLU H 47 4.81 -25.07 -23.37
C GLU H 47 4.97 -26.12 -22.28
N PHE H 48 3.91 -26.27 -21.49
CA PHE H 48 3.87 -27.29 -20.44
C PHE H 48 3.97 -28.68 -21.05
N VAL H 49 4.65 -29.59 -20.34
CA VAL H 49 4.65 -30.98 -20.76
C VAL H 49 4.19 -31.87 -19.61
N ALA H 50 4.40 -31.41 -18.38
CA ALA H 50 3.99 -32.16 -17.19
C ALA H 50 4.39 -31.36 -15.96
N GLY H 51 3.91 -31.82 -14.81
CA GLY H 51 4.30 -31.21 -13.55
C GLY H 51 3.95 -32.07 -12.36
N ILE H 52 4.80 -32.09 -11.34
CA ILE H 52 4.57 -32.87 -10.13
C ILE H 52 4.83 -31.98 -8.92
N SER H 53 3.93 -32.03 -7.94
CA SER H 53 4.08 -31.21 -6.75
C SER H 53 5.12 -31.82 -5.81
N TRP H 54 5.57 -31.01 -4.86
CA TRP H 54 6.63 -31.45 -3.95
C TRP H 54 6.18 -32.61 -3.07
N SER H 55 4.89 -32.67 -2.75
CA SER H 55 4.42 -33.73 -1.85
C SER H 55 4.67 -35.11 -2.44
N GLY H 56 4.40 -35.29 -3.73
CA GLY H 56 4.65 -36.56 -4.38
C GLY H 56 3.55 -37.02 -5.30
N ALA H 57 2.30 -36.67 -4.99
CA ALA H 57 1.14 -37.08 -5.78
C ALA H 57 0.30 -35.85 -6.10
N SER H 58 0.67 -35.14 -7.17
CA SER H 58 -0.13 -34.05 -7.70
C SER H 58 -0.01 -33.94 -9.22
N THR H 59 0.38 -35.02 -9.90
CA THR H 59 0.74 -34.96 -11.31
C THR H 59 -0.33 -34.25 -12.14
N TYR H 60 0.09 -33.19 -12.84
CA TYR H 60 -0.75 -32.50 -13.82
C TYR H 60 -0.08 -32.62 -15.17
N TYR H 61 -0.80 -33.15 -16.16
CA TYR H 61 -0.30 -33.26 -17.52
C TYR H 61 -0.97 -32.22 -18.41
N ALA H 62 -0.55 -32.18 -19.67
CA ALA H 62 -1.13 -31.29 -20.66
C ALA H 62 -2.24 -31.98 -21.44
N SER H 63 -3.05 -31.17 -22.11
CA SER H 63 -4.19 -31.73 -22.84
C SER H 63 -3.75 -32.68 -23.94
N SER H 64 -2.71 -32.32 -24.68
CA SER H 64 -2.23 -33.11 -25.81
C SER H 64 -1.27 -34.21 -25.40
N VAL H 65 -1.05 -34.42 -24.10
CA VAL H 65 -0.11 -35.41 -23.62
C VAL H 65 -0.80 -36.30 -22.59
N LYS H 66 -2.01 -35.90 -22.19
CA LYS H 66 -2.73 -36.52 -21.08
C LYS H 66 -2.66 -38.05 -21.08
N GLY H 67 -2.70 -38.66 -22.27
CA GLY H 67 -2.79 -40.10 -22.33
C GLY H 67 -1.51 -40.84 -22.66
N ARG H 68 -0.47 -40.13 -23.12
CA ARG H 68 0.75 -40.77 -23.58
C ARG H 68 1.88 -40.70 -22.55
N PHE H 69 2.25 -39.50 -22.12
CA PHE H 69 3.43 -39.33 -21.30
C PHE H 69 3.09 -39.56 -19.82
N THR H 70 4.12 -39.92 -19.05
CA THR H 70 3.95 -40.17 -17.62
C THR H 70 5.14 -39.58 -16.86
N ILE H 71 4.84 -38.78 -15.84
CA ILE H 71 5.87 -38.11 -15.06
C ILE H 71 6.03 -38.80 -13.72
N SER H 72 7.26 -38.82 -13.21
CA SER H 72 7.54 -39.44 -11.92
C SER H 72 8.77 -38.79 -11.32
N ARG H 73 8.95 -38.99 -10.02
CA ARG H 73 10.08 -38.42 -9.30
C ARG H 73 10.65 -39.45 -8.34
N ASP H 74 11.95 -39.32 -8.05
CA ASP H 74 12.64 -40.17 -7.09
C ASP H 74 13.45 -39.26 -6.17
N ASN H 75 13.03 -39.16 -4.92
CA ASN H 75 13.70 -38.32 -3.93
C ASN H 75 14.98 -38.94 -3.41
N ALA H 76 15.10 -40.26 -3.44
CA ALA H 76 16.30 -40.91 -2.92
C ALA H 76 17.50 -40.68 -3.83
N LYS H 77 17.28 -40.69 -5.15
CA LYS H 77 18.35 -40.48 -6.12
C LYS H 77 18.37 -39.06 -6.67
N ASN H 78 17.46 -38.19 -6.22
CA ASN H 78 17.42 -36.80 -6.67
C ASN H 78 17.22 -36.72 -8.18
N THR H 79 16.17 -37.39 -8.67
CA THR H 79 15.95 -37.48 -10.11
C THR H 79 14.47 -37.31 -10.43
N VAL H 80 14.21 -36.93 -11.68
CA VAL H 80 12.87 -36.85 -12.24
C VAL H 80 12.87 -37.60 -13.57
N TYR H 81 11.72 -38.19 -13.90
CA TYR H 81 11.60 -39.03 -15.09
C TYR H 81 10.34 -38.63 -15.84
N LEU H 82 10.43 -38.63 -17.17
CA LEU H 82 9.28 -38.34 -18.03
C LEU H 82 9.24 -39.41 -19.12
N GLN H 83 8.56 -40.52 -18.83
CA GLN H 83 8.42 -41.58 -19.80
C GLN H 83 7.52 -41.13 -20.94
N MET H 84 8.00 -41.30 -22.17
CA MET H 84 7.31 -40.87 -23.37
C MET H 84 6.97 -42.09 -24.21
N ASN H 85 5.69 -42.25 -24.55
CA ASN H 85 5.21 -43.39 -25.31
C ASN H 85 4.35 -42.93 -26.47
N SER H 86 4.36 -43.70 -27.55
CA SER H 86 3.57 -43.41 -28.74
C SER H 86 3.87 -42.00 -29.27
N LEU H 87 5.15 -41.72 -29.45
CA LEU H 87 5.57 -40.42 -29.95
C LEU H 87 5.02 -40.19 -31.35
N LYS H 88 4.71 -38.93 -31.65
CA LYS H 88 4.12 -38.53 -32.91
C LYS H 88 4.97 -37.44 -33.55
N PRO H 89 4.81 -37.21 -34.86
CA PRO H 89 5.80 -36.42 -35.59
C PRO H 89 5.96 -34.99 -35.11
N GLU H 90 4.96 -34.42 -34.43
CA GLU H 90 5.06 -33.03 -33.99
C GLU H 90 5.64 -32.89 -32.59
N ASP H 91 6.03 -34.00 -31.95
CA ASP H 91 6.68 -33.95 -30.65
C ASP H 91 8.19 -33.84 -30.78
N THR H 92 8.64 -32.85 -31.54
CA THR H 92 10.06 -32.61 -31.77
C THR H 92 10.42 -31.22 -31.24
N ALA H 93 11.19 -31.18 -30.16
CA ALA H 93 11.59 -29.91 -29.56
C ALA H 93 12.55 -30.15 -28.41
N VAL H 94 13.03 -29.07 -27.79
CA VAL H 94 13.95 -29.17 -26.66
C VAL H 94 13.13 -29.27 -25.37
N TYR H 95 13.44 -30.27 -24.56
CA TYR H 95 12.78 -30.50 -23.28
C TYR H 95 13.74 -30.17 -22.16
N TYR H 96 13.30 -29.35 -21.22
CA TYR H 96 14.13 -29.04 -20.06
C TYR H 96 13.27 -28.87 -18.82
N VAL H 97 13.89 -29.04 -17.66
CA VAL H 97 13.19 -29.04 -16.39
C VAL H 97 13.31 -27.67 -15.75
N ALA H 98 12.39 -27.39 -14.83
CA ALA H 98 12.41 -26.16 -14.06
C ALA H 98 11.86 -26.47 -12.67
N ALA H 99 12.63 -26.16 -11.64
CA ALA H 99 12.20 -26.37 -10.28
C ALA H 99 11.44 -25.15 -9.78
N ALA H 100 10.93 -25.24 -8.55
CA ALA H 100 10.20 -24.15 -7.92
C ALA H 100 10.01 -24.51 -6.45
N ARG H 101 10.04 -23.49 -5.60
CA ARG H 101 9.89 -23.74 -4.18
C ARG H 101 8.50 -24.33 -3.93
N PHE H 102 8.18 -24.66 -2.68
CA PHE H 102 6.98 -25.42 -2.38
C PHE H 102 5.82 -24.96 -3.25
N GLY H 103 5.30 -25.89 -4.06
CA GLY H 103 4.32 -25.52 -5.06
C GLY H 103 3.48 -26.71 -5.46
N VAL H 104 2.51 -26.46 -6.33
CA VAL H 104 1.55 -27.48 -6.71
C VAL H 104 1.93 -28.21 -7.99
N GLY H 105 2.70 -27.57 -8.87
CA GLY H 105 2.99 -28.14 -10.17
C GLY H 105 2.44 -27.28 -11.28
N VAL H 106 1.25 -26.74 -11.06
CA VAL H 106 0.67 -25.72 -11.93
C VAL H 106 1.49 -24.45 -11.75
N ASP H 107 1.22 -23.44 -12.59
CA ASP H 107 2.01 -22.21 -12.62
C ASP H 107 2.44 -21.76 -11.22
N ASP H 108 3.75 -21.52 -11.08
CA ASP H 108 4.35 -20.98 -9.86
C ASP H 108 5.42 -19.98 -10.27
N ASP H 109 6.28 -19.63 -9.32
CA ASP H 109 7.43 -18.76 -9.55
C ASP H 109 8.68 -19.64 -9.54
N TYR H 110 9.09 -20.10 -10.72
CA TYR H 110 10.23 -21.00 -10.81
C TYR H 110 11.52 -20.29 -10.40
N SER H 111 12.44 -21.07 -9.84
CA SER H 111 13.71 -20.55 -9.33
C SER H 111 14.91 -21.07 -10.10
N TYR H 112 15.06 -22.39 -10.22
CA TYR H 112 16.22 -22.98 -10.85
C TYR H 112 15.80 -23.64 -12.16
N TRP H 113 16.38 -23.18 -13.27
CA TRP H 113 16.08 -23.74 -14.57
C TRP H 113 17.08 -24.86 -14.89
N GLY H 114 16.81 -25.57 -15.99
CA GLY H 114 17.70 -26.63 -16.39
C GLY H 114 18.32 -26.44 -17.76
N GLN H 115 18.96 -27.50 -18.27
CA GLN H 115 19.64 -27.47 -19.56
C GLN H 115 18.76 -28.12 -20.61
N GLY H 116 19.05 -27.80 -21.88
CA GLY H 116 18.26 -28.29 -22.97
C GLY H 116 18.56 -29.74 -23.32
N THR H 117 17.67 -30.33 -24.11
CA THR H 117 17.83 -31.68 -24.62
C THR H 117 17.06 -31.80 -25.93
N GLN H 118 17.54 -32.64 -26.83
CA GLN H 118 17.00 -32.77 -28.17
C GLN H 118 16.30 -34.12 -28.31
N VAL H 119 15.03 -34.09 -28.70
CA VAL H 119 14.25 -35.28 -28.99
C VAL H 119 13.59 -35.09 -30.35
N THR H 120 13.84 -36.02 -31.26
CA THR H 120 13.32 -35.95 -32.62
C THR H 120 12.57 -37.23 -32.96
N VAL H 121 11.51 -37.09 -33.75
CA VAL H 121 10.69 -38.23 -34.15
C VAL H 121 10.73 -38.40 -35.65
N ALA I 1 -5.74 -32.79 -11.00
CA ALA I 1 -5.67 -32.82 -12.46
C ALA I 1 -7.04 -33.07 -13.07
N GLN I 2 -7.06 -33.59 -14.29
CA GLN I 2 -8.28 -33.91 -15.03
C GLN I 2 -9.05 -32.67 -15.46
N VAL I 3 -8.44 -31.49 -15.40
CA VAL I 3 -9.08 -30.26 -15.89
C VAL I 3 -8.76 -30.18 -17.37
N GLN I 4 -9.56 -30.86 -18.18
CA GLN I 4 -9.28 -31.05 -19.60
C GLN I 4 -10.36 -30.39 -20.45
N LEU I 5 -9.93 -29.60 -21.43
CA LEU I 5 -10.80 -29.01 -22.43
C LEU I 5 -10.42 -29.59 -23.78
N VAL I 6 -11.38 -30.21 -24.47
CA VAL I 6 -11.13 -30.91 -25.72
C VAL I 6 -11.97 -30.27 -26.82
N GLU I 7 -11.29 -29.86 -27.90
CA GLU I 7 -11.96 -29.26 -29.04
C GLU I 7 -12.29 -30.32 -30.10
N SER I 8 -13.21 -29.97 -30.98
CA SER I 8 -13.59 -30.87 -32.07
C SER I 8 -14.39 -30.09 -33.10
N GLY I 9 -14.51 -30.67 -34.28
CA GLY I 9 -15.27 -30.08 -35.36
C GLY I 9 -14.47 -29.32 -36.40
N GLY I 10 -13.14 -29.37 -36.33
CA GLY I 10 -12.32 -28.68 -37.32
C GLY I 10 -12.29 -29.40 -38.65
N GLY I 11 -11.64 -28.78 -39.61
CA GLY I 11 -11.55 -29.34 -40.94
C GLY I 11 -11.36 -28.24 -41.98
N LEU I 12 -11.65 -28.60 -43.23
CA LEU I 12 -11.53 -27.69 -44.35
C LEU I 12 -12.85 -27.62 -45.10
N VAL I 13 -13.21 -26.41 -45.52
CA VAL I 13 -14.46 -26.17 -46.24
C VAL I 13 -14.26 -25.00 -47.19
N GLN I 14 -14.93 -25.05 -48.34
CA GLN I 14 -14.86 -23.97 -49.30
C GLN I 14 -15.58 -22.74 -48.78
N ALA I 15 -15.31 -21.60 -49.41
CA ALA I 15 -15.93 -20.35 -48.98
C ALA I 15 -17.45 -20.46 -49.03
N GLY I 16 -18.09 -19.94 -47.99
CA GLY I 16 -19.54 -20.03 -47.90
C GLY I 16 -20.04 -21.41 -47.56
N GLY I 17 -19.66 -21.92 -46.40
CA GLY I 17 -20.05 -23.24 -45.95
C GLY I 17 -20.69 -23.18 -44.58
N SER I 18 -20.33 -24.14 -43.73
CA SER I 18 -20.85 -24.20 -42.38
C SER I 18 -19.90 -25.02 -41.51
N LEU I 19 -19.94 -24.74 -40.21
CA LEU I 19 -19.11 -25.48 -39.25
C LEU I 19 -19.77 -25.41 -37.89
N LYS I 20 -19.49 -26.42 -37.06
CA LYS I 20 -20.11 -26.56 -35.75
C LYS I 20 -19.05 -26.88 -34.69
N LEU I 21 -17.98 -26.09 -34.67
CA LEU I 21 -16.92 -26.29 -33.69
C LEU I 21 -17.50 -26.45 -32.29
N SER I 22 -17.03 -27.48 -31.58
CA SER I 22 -17.51 -27.79 -30.24
C SER I 22 -16.32 -27.98 -29.31
N CYS I 23 -16.59 -27.80 -28.02
CA CYS I 23 -15.55 -27.94 -26.99
C CYS I 23 -16.18 -28.54 -25.74
N ALA I 24 -15.73 -29.74 -25.38
CA ALA I 24 -16.17 -30.38 -24.14
C ALA I 24 -15.21 -30.06 -23.01
N ALA I 25 -15.75 -30.00 -21.79
CA ALA I 25 -14.95 -29.64 -20.62
C ALA I 25 -15.13 -30.69 -19.54
N SER I 26 -14.08 -30.88 -18.73
CA SER I 26 -14.14 -31.81 -17.61
C SER I 26 -13.11 -31.40 -16.57
N GLY I 27 -13.35 -31.83 -15.34
CA GLY I 27 -12.44 -31.62 -14.24
C GLY I 27 -12.77 -30.46 -13.34
N PHE I 28 -13.63 -29.55 -13.77
CA PHE I 28 -13.99 -28.38 -12.98
C PHE I 28 -15.48 -28.11 -13.12
N THR I 29 -16.02 -27.37 -12.16
CA THR I 29 -17.44 -27.02 -12.19
C THR I 29 -17.73 -26.14 -13.39
N PHE I 30 -18.40 -26.69 -14.41
CA PHE I 30 -18.62 -25.97 -15.66
C PHE I 30 -19.59 -24.82 -15.52
N ALA I 31 -20.34 -24.73 -14.42
CA ALA I 31 -21.34 -23.69 -14.25
C ALA I 31 -20.79 -22.44 -13.55
N HIS I 32 -19.50 -22.41 -13.24
CA HIS I 32 -18.87 -21.26 -12.60
C HIS I 32 -17.77 -20.68 -13.47
N TYR I 33 -17.92 -20.74 -14.79
CA TYR I 33 -16.87 -20.29 -15.70
C TYR I 33 -17.50 -19.80 -16.99
N ALA I 34 -16.84 -18.83 -17.62
CA ALA I 34 -17.32 -18.20 -18.86
C ALA I 34 -16.33 -18.50 -19.97
N MET I 35 -16.73 -19.36 -20.90
CA MET I 35 -15.85 -19.75 -22.00
C MET I 35 -15.69 -18.61 -23.00
N VAL I 36 -14.48 -18.49 -23.55
CA VAL I 36 -14.17 -17.49 -24.56
C VAL I 36 -13.40 -18.17 -25.69
N TRP I 37 -13.77 -17.88 -26.93
CA TRP I 37 -13.10 -18.46 -28.08
C TRP I 37 -12.02 -17.52 -28.60
N PHE I 38 -10.82 -18.05 -28.79
CA PHE I 38 -9.69 -17.30 -29.30
C PHE I 38 -9.23 -17.93 -30.61
N ARG I 39 -8.73 -17.09 -31.52
CA ARG I 39 -8.27 -17.53 -32.82
C ARG I 39 -6.88 -16.95 -33.07
N GLN I 40 -5.96 -17.79 -33.52
CA GLN I 40 -4.60 -17.37 -33.81
C GLN I 40 -4.23 -17.83 -35.22
N ALA I 41 -3.77 -16.88 -36.04
CA ALA I 41 -3.32 -17.18 -37.38
C ALA I 41 -1.86 -17.62 -37.37
N PRO I 42 -1.41 -18.29 -38.43
CA PRO I 42 -0.01 -18.74 -38.45
C PRO I 42 1.00 -17.61 -38.28
N GLY I 43 0.71 -16.43 -38.84
CA GLY I 43 1.63 -15.32 -38.74
C GLY I 43 1.03 -14.09 -38.08
N LYS I 44 0.20 -14.30 -37.06
CA LYS I 44 -0.44 -13.21 -36.34
C LYS I 44 -0.51 -13.59 -34.87
N GLU I 45 -1.29 -12.83 -34.11
CA GLU I 45 -1.42 -13.02 -32.67
C GLU I 45 -2.85 -13.42 -32.32
N ARG I 46 -3.08 -13.66 -31.03
CA ARG I 46 -4.39 -14.08 -30.55
C ARG I 46 -5.42 -12.99 -30.83
N GLU I 47 -6.65 -13.41 -31.12
CA GLU I 47 -7.74 -12.47 -31.33
C GLU I 47 -9.04 -13.07 -30.82
N PHE I 48 -9.90 -12.18 -30.32
CA PHE I 48 -11.22 -12.57 -29.87
C PHE I 48 -12.03 -13.16 -31.01
N VAL I 49 -12.86 -14.16 -30.71
CA VAL I 49 -13.86 -14.63 -31.68
C VAL I 49 -15.26 -14.66 -31.11
N ALA I 50 -15.43 -14.79 -29.80
CA ALA I 50 -16.74 -14.73 -29.17
C ALA I 50 -16.53 -14.79 -27.66
N GLY I 51 -17.63 -14.66 -26.92
CA GLY I 51 -17.57 -14.84 -25.48
C GLY I 51 -18.93 -14.90 -24.84
N ILE I 52 -19.09 -15.77 -23.84
CA ILE I 52 -20.36 -15.93 -23.14
C ILE I 52 -20.09 -15.91 -21.64
N SER I 53 -20.89 -15.17 -20.90
CA SER I 53 -20.72 -15.08 -19.46
C SER I 53 -21.27 -16.33 -18.78
N TRP I 54 -20.90 -16.50 -17.50
CA TRP I 54 -21.29 -17.70 -16.78
C TRP I 54 -22.80 -17.77 -16.59
N SER I 55 -23.47 -16.62 -16.50
CA SER I 55 -24.91 -16.63 -16.25
C SER I 55 -25.65 -17.35 -17.37
N GLY I 56 -25.29 -17.08 -18.62
CA GLY I 56 -25.92 -17.74 -19.74
C GLY I 56 -26.26 -16.84 -20.89
N ALA I 57 -26.57 -15.57 -20.60
CA ALA I 57 -26.96 -14.60 -21.64
C ALA I 57 -26.11 -13.35 -21.47
N SER I 58 -24.91 -13.36 -22.07
CA SER I 58 -24.06 -12.19 -22.14
C SER I 58 -23.23 -12.18 -23.42
N THR I 59 -23.69 -12.84 -24.47
CA THR I 59 -22.88 -13.05 -25.66
C THR I 59 -22.28 -11.75 -26.17
N TYR I 60 -20.95 -11.74 -26.31
CA TYR I 60 -20.19 -10.65 -26.88
C TYR I 60 -19.42 -11.20 -28.08
N TYR I 61 -19.74 -10.73 -29.27
CA TYR I 61 -19.03 -11.13 -30.48
C TYR I 61 -18.00 -10.08 -30.87
N ALA I 62 -17.22 -10.38 -31.90
CA ALA I 62 -16.24 -9.44 -32.42
C ALA I 62 -16.84 -8.62 -33.55
N SER I 63 -16.15 -7.53 -33.90
CA SER I 63 -16.66 -6.62 -34.92
C SER I 63 -16.79 -7.32 -36.27
N SER I 64 -15.79 -8.11 -36.64
CA SER I 64 -15.77 -8.78 -37.94
C SER I 64 -16.45 -10.14 -37.92
N VAL I 65 -17.17 -10.47 -36.85
CA VAL I 65 -17.85 -11.76 -36.73
C VAL I 65 -19.30 -11.52 -36.34
N LYS I 66 -19.63 -10.28 -36.01
CA LYS I 66 -20.93 -9.92 -35.44
C LYS I 66 -22.10 -10.60 -36.13
N GLY I 67 -22.04 -10.75 -37.45
CA GLY I 67 -23.20 -11.23 -38.18
C GLY I 67 -23.15 -12.66 -38.66
N ARG I 68 -21.97 -13.31 -38.57
CA ARG I 68 -21.80 -14.65 -39.13
C ARG I 68 -21.87 -15.74 -38.08
N PHE I 69 -21.01 -15.69 -37.06
CA PHE I 69 -20.88 -16.78 -36.12
C PHE I 69 -21.77 -16.56 -34.90
N THR I 70 -22.16 -17.66 -34.26
CA THR I 70 -23.00 -17.62 -33.07
C THR I 70 -22.45 -18.57 -32.01
N ILE I 71 -22.35 -18.08 -30.77
CA ILE I 71 -21.80 -18.87 -29.67
C ILE I 71 -22.94 -19.33 -28.77
N SER I 72 -22.76 -20.51 -28.18
CA SER I 72 -23.75 -21.08 -27.29
C SER I 72 -23.07 -22.01 -26.30
N ARG I 73 -23.77 -22.33 -25.22
CA ARG I 73 -23.23 -23.20 -24.18
C ARG I 73 -24.31 -24.17 -23.72
N ASP I 74 -23.87 -25.32 -23.20
CA ASP I 74 -24.75 -26.33 -22.64
C ASP I 74 -24.12 -26.80 -21.34
N ASN I 75 -24.75 -26.43 -20.21
CA ASN I 75 -24.25 -26.83 -18.90
C ASN I 75 -24.56 -28.30 -18.59
N ALA I 76 -25.63 -28.84 -19.16
CA ALA I 76 -25.99 -30.22 -18.88
C ALA I 76 -24.95 -31.19 -19.43
N LYS I 77 -24.42 -30.91 -20.62
CA LYS I 77 -23.43 -31.76 -21.25
C LYS I 77 -22.00 -31.23 -21.10
N ASN I 78 -21.82 -30.10 -20.42
CA ASN I 78 -20.50 -29.52 -20.21
C ASN I 78 -19.81 -29.22 -21.54
N THR I 79 -20.51 -28.48 -22.41
CA THR I 79 -19.99 -28.22 -23.75
C THR I 79 -20.24 -26.77 -24.14
N VAL I 80 -19.44 -26.32 -25.10
CA VAL I 80 -19.60 -25.01 -25.74
C VAL I 80 -19.60 -25.22 -27.24
N TYR I 81 -20.35 -24.37 -27.95
CA TYR I 81 -20.52 -24.50 -29.39
C TYR I 81 -20.30 -23.14 -30.05
N LEU I 82 -19.67 -23.15 -31.21
CA LEU I 82 -19.43 -21.93 -32.00
C LEU I 82 -19.84 -22.23 -33.43
N GLN I 83 -21.10 -21.99 -33.75
CA GLN I 83 -21.59 -22.22 -35.11
C GLN I 83 -21.01 -21.15 -36.05
N MET I 84 -20.41 -21.61 -37.14
CA MET I 84 -19.74 -20.76 -38.11
C MET I 84 -20.49 -20.84 -39.43
N ASN I 85 -20.88 -19.69 -39.97
CA ASN I 85 -21.62 -19.61 -41.22
C ASN I 85 -21.00 -18.58 -42.13
N SER I 86 -21.15 -18.80 -43.44
CA SER I 86 -20.65 -17.88 -44.46
C SER I 86 -19.16 -17.60 -44.27
N LEU I 87 -18.38 -18.68 -44.16
CA LEU I 87 -16.95 -18.54 -43.95
C LEU I 87 -16.30 -17.85 -45.14
N LYS I 88 -15.29 -17.04 -44.85
CA LYS I 88 -14.51 -16.31 -45.85
C LYS I 88 -13.10 -16.87 -45.94
N PRO I 89 -12.32 -16.44 -46.93
CA PRO I 89 -10.95 -16.96 -47.08
C PRO I 89 -9.96 -16.40 -46.07
N GLU I 90 -10.42 -15.56 -45.14
CA GLU I 90 -9.55 -15.04 -44.09
C GLU I 90 -9.67 -15.83 -42.79
N ASP I 91 -10.80 -16.49 -42.56
CA ASP I 91 -11.03 -17.25 -41.33
C ASP I 91 -10.30 -18.60 -41.38
N THR I 92 -8.96 -18.52 -41.45
CA THR I 92 -8.10 -19.69 -41.42
C THR I 92 -7.09 -19.51 -40.31
N ALA I 93 -7.25 -20.26 -39.22
CA ALA I 93 -6.38 -20.16 -38.06
C ALA I 93 -6.81 -21.21 -37.05
N VAL I 94 -6.03 -21.33 -35.99
CA VAL I 94 -6.31 -22.27 -34.92
C VAL I 94 -7.28 -21.63 -33.93
N TYR I 95 -8.37 -22.33 -33.63
CA TYR I 95 -9.38 -21.88 -32.68
C TYR I 95 -9.29 -22.70 -31.41
N TYR I 96 -9.22 -22.03 -30.26
CA TYR I 96 -9.19 -22.75 -28.99
C TYR I 96 -9.95 -21.96 -27.94
N VAL I 97 -10.42 -22.69 -26.92
CA VAL I 97 -11.26 -22.12 -25.89
C VAL I 97 -10.41 -21.75 -24.68
N ALA I 98 -10.94 -20.84 -23.86
CA ALA I 98 -10.28 -20.45 -22.62
C ALA I 98 -11.36 -20.13 -21.61
N ALA I 99 -11.30 -20.77 -20.44
CA ALA I 99 -12.26 -20.53 -19.38
C ALA I 99 -11.76 -19.42 -18.47
N ALA I 100 -12.61 -19.03 -17.52
CA ALA I 100 -12.28 -18.00 -16.56
C ALA I 100 -13.31 -18.06 -15.44
N ARG I 101 -12.89 -17.75 -14.22
CA ARG I 101 -13.80 -17.80 -13.09
C ARG I 101 -14.89 -16.77 -13.32
N PHE I 102 -15.85 -16.67 -12.39
CA PHE I 102 -17.04 -15.86 -12.61
C PHE I 102 -16.69 -14.56 -13.31
N GLY I 103 -17.24 -14.37 -14.51
CA GLY I 103 -16.84 -13.25 -15.33
C GLY I 103 -17.91 -12.92 -16.37
N VAL I 104 -17.66 -11.84 -17.10
CA VAL I 104 -18.64 -11.32 -18.04
C VAL I 104 -18.48 -11.88 -19.44
N GLY I 105 -17.29 -12.33 -19.82
CA GLY I 105 -17.02 -12.75 -21.18
C GLY I 105 -16.01 -11.85 -21.84
N VAL I 106 -16.10 -10.55 -21.56
CA VAL I 106 -15.09 -9.59 -21.96
C VAL I 106 -13.83 -9.85 -21.16
N ASP I 107 -12.74 -9.17 -21.51
CA ASP I 107 -11.42 -9.41 -20.93
C ASP I 107 -11.51 -9.73 -19.44
N ASP I 108 -10.93 -10.86 -19.06
CA ASP I 108 -10.90 -11.34 -17.67
C ASP I 108 -9.51 -11.90 -17.41
N ASP I 109 -9.38 -12.64 -16.31
CA ASP I 109 -8.14 -13.34 -15.97
C ASP I 109 -8.40 -14.83 -16.17
N TYR I 110 -8.08 -15.31 -17.38
CA TYR I 110 -8.35 -16.70 -17.73
C TYR I 110 -7.50 -17.65 -16.89
N SER I 111 -8.07 -18.82 -16.60
CA SER I 111 -7.42 -19.82 -15.77
C SER I 111 -7.07 -21.09 -16.53
N TYR I 112 -8.03 -21.71 -17.20
CA TYR I 112 -7.83 -22.98 -17.88
C TYR I 112 -7.91 -22.77 -19.38
N TRP I 113 -6.81 -23.04 -20.07
CA TRP I 113 -6.77 -22.92 -21.53
C TRP I 113 -7.18 -24.24 -22.18
N GLY I 114 -7.36 -24.20 -23.49
CA GLY I 114 -7.71 -25.42 -24.21
C GLY I 114 -6.73 -25.82 -25.28
N GLN I 115 -7.08 -26.83 -26.06
CA GLN I 115 -6.23 -27.34 -27.13
C GLN I 115 -6.61 -26.70 -28.46
N GLY I 116 -5.65 -26.68 -29.38
CA GLY I 116 -5.87 -26.06 -30.66
C GLY I 116 -6.69 -26.92 -31.61
N THR I 117 -7.21 -26.26 -32.66
CA THR I 117 -7.95 -26.93 -33.71
C THR I 117 -7.69 -26.20 -35.01
N GLN I 118 -7.80 -26.91 -36.13
CA GLN I 118 -7.48 -26.38 -37.44
C GLN I 118 -8.73 -26.23 -38.28
N VAL I 119 -8.96 -25.02 -38.79
CA VAL I 119 -10.07 -24.73 -39.68
C VAL I 119 -9.51 -24.00 -40.89
N THR I 120 -9.78 -24.53 -42.08
CA THR I 120 -9.28 -23.95 -43.33
C THR I 120 -10.44 -23.73 -44.29
N VAL I 121 -10.33 -22.67 -45.09
CA VAL I 121 -11.38 -22.33 -46.05
C VAL I 121 -10.83 -22.40 -47.46
N ALA J 1 -23.57 -6.37 -25.19
CA ALA J 1 -22.92 -6.37 -26.50
C ALA J 1 -23.33 -5.15 -27.31
N GLN J 2 -23.21 -5.26 -28.64
CA GLN J 2 -23.55 -4.20 -29.58
C GLN J 2 -22.60 -3.01 -29.50
N VAL J 3 -21.46 -3.16 -28.84
CA VAL J 3 -20.45 -2.10 -28.78
C VAL J 3 -19.57 -2.28 -30.01
N GLN J 4 -20.01 -1.69 -31.12
CA GLN J 4 -19.41 -1.92 -32.43
C GLN J 4 -18.89 -0.62 -33.02
N LEU J 5 -17.67 -0.66 -33.53
CA LEU J 5 -17.06 0.45 -34.26
C LEU J 5 -16.76 -0.04 -35.67
N VAL J 6 -17.29 0.67 -36.67
CA VAL J 6 -17.17 0.25 -38.06
C VAL J 6 -16.51 1.36 -38.84
N GLU J 7 -15.39 1.05 -39.49
CA GLU J 7 -14.64 2.01 -40.30
C GLU J 7 -14.97 1.82 -41.78
N SER J 8 -14.71 2.88 -42.54
CA SER J 8 -15.00 2.88 -43.98
C SER J 8 -14.21 4.01 -44.63
N GLY J 9 -14.15 3.96 -45.96
CA GLY J 9 -13.45 4.96 -46.74
C GLY J 9 -12.07 4.57 -47.22
N GLY J 10 -11.66 3.32 -47.01
CA GLY J 10 -10.37 2.88 -47.47
C GLY J 10 -10.32 2.65 -48.97
N GLY J 11 -9.14 2.31 -49.45
CA GLY J 11 -8.93 2.07 -50.86
C GLY J 11 -7.51 2.39 -51.26
N LEU J 12 -7.32 2.59 -52.56
CA LEU J 12 -6.00 2.89 -53.12
C LEU J 12 -6.08 4.19 -53.91
N VAL J 13 -5.04 5.01 -53.79
CA VAL J 13 -4.96 6.28 -54.48
C VAL J 13 -3.49 6.60 -54.76
N GLN J 14 -3.26 7.26 -55.89
CA GLN J 14 -1.90 7.66 -56.25
C GLN J 14 -1.40 8.77 -55.33
N ALA J 15 -0.09 8.98 -55.33
CA ALA J 15 0.51 9.99 -54.48
C ALA J 15 -0.12 11.36 -54.76
N GLY J 16 -0.41 12.09 -53.69
CA GLY J 16 -1.03 13.39 -53.81
C GLY J 16 -2.50 13.30 -54.21
N GLY J 17 -3.31 12.69 -53.36
CA GLY J 17 -4.73 12.53 -53.61
C GLY J 17 -5.55 13.07 -52.45
N SER J 18 -6.58 12.32 -52.09
CA SER J 18 -7.45 12.69 -50.98
C SER J 18 -8.17 11.47 -50.47
N LEU J 19 -8.56 11.52 -49.20
CA LEU J 19 -9.32 10.43 -48.59
C LEU J 19 -10.13 10.99 -47.43
N LYS J 20 -11.24 10.31 -47.12
CA LYS J 20 -12.17 10.76 -46.09
C LYS J 20 -12.54 9.60 -45.18
N LEU J 21 -11.54 8.89 -44.67
CA LEU J 21 -11.79 7.78 -43.74
C LEU J 21 -12.77 8.21 -42.66
N SER J 22 -13.77 7.36 -42.43
CA SER J 22 -14.80 7.62 -41.44
C SER J 22 -14.98 6.39 -40.56
N CYS J 23 -15.54 6.61 -39.37
CA CYS J 23 -15.76 5.52 -38.43
C CYS J 23 -17.01 5.81 -37.62
N ALA J 24 -18.03 4.97 -37.78
CA ALA J 24 -19.25 5.08 -37.01
C ALA J 24 -19.16 4.21 -35.76
N ALA J 25 -19.89 4.61 -34.72
CA ALA J 25 -19.86 3.91 -33.45
C ALA J 25 -21.28 3.63 -32.97
N SER J 26 -21.42 2.53 -32.21
CA SER J 26 -22.72 2.17 -31.66
C SER J 26 -22.50 1.32 -30.42
N GLY J 27 -23.51 1.33 -29.53
CA GLY J 27 -23.51 0.50 -28.34
C GLY J 27 -23.08 1.20 -27.07
N PHE J 28 -22.46 2.37 -27.17
CA PHE J 28 -22.00 3.10 -25.99
C PHE J 28 -22.26 4.58 -26.18
N THR J 29 -22.32 5.31 -25.06
CA THR J 29 -22.53 6.74 -25.12
C THR J 29 -21.35 7.42 -25.80
N PHE J 30 -21.55 7.89 -27.03
CA PHE J 30 -20.46 8.43 -27.83
C PHE J 30 -19.95 9.76 -27.32
N ALA J 31 -20.66 10.42 -26.41
CA ALA J 31 -20.26 11.73 -25.91
C ALA J 31 -19.37 11.65 -24.68
N HIS J 32 -19.02 10.45 -24.22
CA HIS J 32 -18.16 10.27 -23.07
C HIS J 32 -16.88 9.52 -23.44
N TYR J 33 -16.39 9.71 -24.66
CA TYR J 33 -15.23 8.97 -25.13
C TYR J 33 -14.45 9.81 -26.12
N ALA J 34 -13.13 9.60 -26.16
CA ALA J 34 -12.24 10.36 -27.03
C ALA J 34 -11.59 9.39 -28.01
N MET J 35 -12.00 9.48 -29.28
CA MET J 35 -11.48 8.58 -30.29
C MET J 35 -10.04 8.91 -30.66
N VAL J 36 -9.26 7.87 -30.95
CA VAL J 36 -7.87 8.02 -31.37
C VAL J 36 -7.63 7.12 -32.57
N TRP J 37 -6.95 7.64 -33.59
CA TRP J 37 -6.65 6.87 -34.79
C TRP J 37 -5.27 6.25 -34.69
N PHE J 38 -5.18 4.95 -34.95
CA PHE J 38 -3.93 4.21 -34.92
C PHE J 38 -3.67 3.63 -36.30
N ARG J 39 -2.39 3.56 -36.66
CA ARG J 39 -1.97 3.03 -37.95
C ARG J 39 -0.90 1.98 -37.73
N GLN J 40 -1.06 0.83 -38.39
CA GLN J 40 -0.09 -0.26 -38.29
C GLN J 40 0.33 -0.70 -39.68
N ALA J 41 1.63 -0.72 -39.92
CA ALA J 41 2.19 -1.16 -41.18
C ALA J 41 2.34 -2.68 -41.18
N PRO J 42 2.45 -3.30 -42.36
CA PRO J 42 2.60 -4.76 -42.41
C PRO J 42 3.79 -5.27 -41.63
N GLY J 43 4.90 -4.53 -41.63
CA GLY J 43 6.10 -4.97 -40.94
C GLY J 43 6.58 -4.00 -39.88
N LYS J 44 5.64 -3.38 -39.18
CA LYS J 44 5.98 -2.42 -38.12
C LYS J 44 4.97 -2.57 -36.99
N GLU J 45 4.96 -1.61 -36.08
CA GLU J 45 4.09 -1.64 -34.92
C GLU J 45 3.10 -0.48 -34.96
N ARG J 46 2.20 -0.46 -33.98
CA ARG J 46 1.17 0.58 -33.92
C ARG J 46 1.81 1.95 -33.80
N GLU J 47 1.15 2.95 -34.39
CA GLU J 47 1.63 4.32 -34.28
C GLU J 47 0.44 5.28 -34.27
N PHE J 48 0.63 6.39 -33.54
CA PHE J 48 -0.38 7.44 -33.48
C PHE J 48 -0.61 8.03 -34.86
N VAL J 49 -1.86 8.41 -35.14
CA VAL J 49 -2.15 9.20 -36.33
C VAL J 49 -2.94 10.46 -36.02
N ALA J 50 -3.68 10.52 -34.93
CA ALA J 50 -4.40 11.72 -34.51
C ALA J 50 -5.03 11.42 -33.16
N GLY J 51 -5.76 12.39 -32.63
CA GLY J 51 -6.55 12.18 -31.43
C GLY J 51 -7.38 13.39 -31.03
N ILE J 52 -8.60 13.17 -30.57
CA ILE J 52 -9.50 14.25 -30.17
C ILE J 52 -10.09 13.91 -28.82
N SER J 53 -10.09 14.88 -27.91
CA SER J 53 -10.63 14.67 -26.58
C SER J 53 -12.15 14.66 -26.61
N TRP J 54 -12.75 14.18 -25.52
CA TRP J 54 -14.20 14.06 -25.46
C TRP J 54 -14.88 15.42 -25.52
N SER J 55 -14.24 16.46 -25.01
CA SER J 55 -14.88 17.77 -24.97
C SER J 55 -15.21 18.26 -26.38
N GLY J 56 -14.28 18.10 -27.31
CA GLY J 56 -14.54 18.48 -28.69
C GLY J 56 -13.39 19.20 -29.36
N ALA J 57 -12.60 19.97 -28.60
CA ALA J 57 -11.47 20.71 -29.14
C ALA J 57 -10.22 20.41 -28.31
N SER J 58 -9.54 19.31 -28.66
CA SER J 58 -8.25 18.97 -28.08
C SER J 58 -7.36 18.27 -29.09
N THR J 59 -7.54 18.56 -30.37
CA THR J 59 -6.87 17.82 -31.44
C THR J 59 -5.36 17.73 -31.21
N TYR J 60 -4.85 16.51 -31.24
CA TYR J 60 -3.41 16.22 -31.11
C TYR J 60 -3.03 15.37 -32.31
N TYR J 61 -2.29 15.94 -33.25
CA TYR J 61 -1.78 15.20 -34.40
C TYR J 61 -0.36 14.69 -34.12
N ALA J 62 0.16 13.93 -35.06
CA ALA J 62 1.51 13.40 -34.97
C ALA J 62 2.49 14.33 -35.71
N SER J 63 3.78 14.12 -35.44
CA SER J 63 4.81 14.99 -36.02
C SER J 63 4.83 14.88 -37.54
N SER J 64 4.76 13.66 -38.07
CA SER J 64 4.81 13.43 -39.51
C SER J 64 3.45 13.59 -40.18
N VAL J 65 2.44 14.06 -39.46
CA VAL J 65 1.11 14.28 -40.00
C VAL J 65 0.60 15.68 -39.70
N LYS J 66 1.37 16.49 -38.97
CA LYS J 66 0.87 17.75 -38.44
C LYS J 66 0.19 18.60 -39.52
N GLY J 67 0.78 18.66 -40.70
CA GLY J 67 0.31 19.59 -41.71
C GLY J 67 -0.61 19.03 -42.77
N ARG J 68 -0.76 17.71 -42.83
CA ARG J 68 -1.53 17.07 -43.90
C ARG J 68 -2.93 16.65 -43.45
N PHE J 69 -3.01 15.81 -42.42
CA PHE J 69 -4.28 15.18 -42.06
C PHE J 69 -5.04 16.02 -41.04
N THR J 70 -6.35 15.87 -41.05
CA THR J 70 -7.22 16.62 -40.15
C THR J 70 -8.25 15.69 -39.53
N ILE J 71 -8.42 15.76 -38.21
CA ILE J 71 -9.34 14.90 -37.49
C ILE J 71 -10.55 15.72 -37.05
N SER J 72 -11.71 15.06 -37.01
CA SER J 72 -12.94 15.71 -36.59
C SER J 72 -13.91 14.65 -36.07
N ARG J 73 -14.92 15.13 -35.34
CA ARG J 73 -15.91 14.23 -34.75
C ARG J 73 -17.30 14.84 -34.93
N ASP J 74 -18.31 13.97 -34.93
CA ASP J 74 -19.70 14.37 -35.00
C ASP J 74 -20.48 13.55 -33.98
N ASN J 75 -20.94 14.22 -32.93
CA ASN J 75 -21.69 13.57 -31.86
C ASN J 75 -23.13 13.27 -32.25
N ALA J 76 -23.69 14.04 -33.19
CA ALA J 76 -25.08 13.82 -33.58
C ALA J 76 -25.24 12.53 -34.37
N LYS J 77 -24.27 12.21 -35.23
CA LYS J 77 -24.31 11.01 -36.04
C LYS J 77 -23.44 9.90 -35.48
N ASN J 78 -22.76 10.13 -34.35
CA ASN J 78 -21.92 9.11 -33.72
C ASN J 78 -20.81 8.65 -34.67
N THR J 79 -20.05 9.62 -35.20
CA THR J 79 -19.04 9.32 -36.20
C THR J 79 -17.78 10.12 -35.93
N VAL J 80 -16.68 9.61 -36.48
CA VAL J 80 -15.39 10.31 -36.48
C VAL J 80 -14.87 10.32 -37.91
N TYR J 81 -14.07 11.34 -38.23
CA TYR J 81 -13.59 11.56 -39.59
C TYR J 81 -12.11 11.90 -39.53
N LEU J 82 -11.34 11.37 -40.49
CA LEU J 82 -9.92 11.65 -40.61
C LEU J 82 -9.63 11.99 -42.07
N GLN J 83 -9.76 13.27 -42.42
CA GLN J 83 -9.47 13.71 -43.77
C GLN J 83 -7.98 13.61 -44.05
N MET J 84 -7.62 12.93 -45.13
CA MET J 84 -6.24 12.67 -45.51
C MET J 84 -5.95 13.40 -46.80
N ASN J 85 -4.91 14.24 -46.80
CA ASN J 85 -4.54 15.04 -47.96
C ASN J 85 -3.05 14.91 -48.23
N SER J 86 -2.67 15.05 -49.50
CA SER J 86 -1.28 14.99 -49.92
C SER J 86 -0.62 13.71 -49.44
N LEU J 87 -1.26 12.57 -49.72
CA LEU J 87 -0.74 11.29 -49.29
C LEU J 87 0.61 11.01 -49.95
N LYS J 88 1.47 10.32 -49.21
CA LYS J 88 2.80 9.95 -49.67
C LYS J 88 2.93 8.44 -49.79
N PRO J 89 3.92 7.96 -50.55
CA PRO J 89 4.06 6.51 -50.75
C PRO J 89 4.37 5.75 -49.48
N GLU J 90 4.65 6.44 -48.37
CA GLU J 90 4.92 5.77 -47.10
C GLU J 90 3.67 5.53 -46.28
N ASP J 91 2.59 6.27 -46.53
CA ASP J 91 1.34 6.15 -45.77
C ASP J 91 0.52 4.99 -46.33
N THR J 92 1.03 3.78 -46.11
CA THR J 92 0.35 2.55 -46.49
C THR J 92 0.33 1.62 -45.29
N ALA J 93 -0.84 1.43 -44.70
CA ALA J 93 -0.99 0.59 -43.52
C ALA J 93 -2.47 0.55 -43.16
N VAL J 94 -2.79 -0.29 -42.17
CA VAL J 94 -4.16 -0.43 -41.69
C VAL J 94 -4.43 0.65 -40.65
N TYR J 95 -5.54 1.37 -40.83
CA TYR J 95 -5.96 2.42 -39.92
C TYR J 95 -7.20 1.95 -39.16
N TYR J 96 -7.16 2.08 -37.83
CA TYR J 96 -8.33 1.71 -37.03
C TYR J 96 -8.45 2.65 -35.84
N VAL J 97 -9.67 2.75 -35.31
CA VAL J 97 -9.98 3.67 -34.25
C VAL J 97 -9.93 2.95 -32.90
N ALA J 98 -9.75 3.73 -31.84
CA ALA J 98 -9.77 3.20 -30.49
C ALA J 98 -10.37 4.27 -29.58
N ALA J 99 -11.42 3.92 -28.86
CA ALA J 99 -12.05 4.83 -27.93
C ALA J 99 -11.43 4.70 -26.55
N ALA J 100 -11.83 5.61 -25.66
CA ALA J 100 -11.34 5.61 -24.29
C ALA J 100 -12.27 6.47 -23.46
N ARG J 101 -12.44 6.12 -22.19
CA ARG J 101 -13.32 6.89 -21.32
C ARG J 101 -12.76 8.30 -21.20
N PHE J 102 -13.45 9.16 -20.46
CA PHE J 102 -13.11 10.59 -20.44
C PHE J 102 -11.60 10.78 -20.44
N GLY J 103 -11.10 11.43 -21.49
CA GLY J 103 -9.67 11.53 -21.68
C GLY J 103 -9.32 12.71 -22.55
N VAL J 104 -8.01 12.91 -22.72
CA VAL J 104 -7.50 14.09 -23.41
C VAL J 104 -7.22 13.84 -24.89
N GLY J 105 -7.00 12.59 -25.30
CA GLY J 105 -6.61 12.29 -26.67
C GLY J 105 -5.22 11.71 -26.71
N VAL J 106 -4.33 12.25 -25.87
CA VAL J 106 -3.00 11.68 -25.66
C VAL J 106 -3.19 10.36 -24.90
N ASP J 107 -2.11 9.60 -24.76
CA ASP J 107 -2.14 8.27 -24.16
C ASP J 107 -3.12 8.19 -22.99
N ASP J 108 -4.01 7.20 -23.06
CA ASP J 108 -4.94 6.87 -21.98
C ASP J 108 -5.03 5.35 -21.88
N ASP J 109 -6.05 4.87 -21.18
CA ASP J 109 -6.33 3.44 -21.07
C ASP J 109 -7.52 3.14 -21.98
N TYR J 110 -7.22 2.72 -23.21
CA TYR J 110 -8.25 2.48 -24.20
C TYR J 110 -9.14 1.31 -23.78
N SER J 111 -10.42 1.39 -24.13
CA SER J 111 -11.41 0.39 -23.78
C SER J 111 -11.96 -0.36 -24.98
N TYR J 112 -12.47 0.35 -25.98
CA TYR J 112 -13.13 -0.27 -27.13
C TYR J 112 -12.29 -0.05 -28.38
N TRP J 113 -11.86 -1.13 -29.01
CA TRP J 113 -11.07 -1.03 -30.23
C TRP J 113 -11.99 -1.11 -31.45
N GLY J 114 -11.43 -0.85 -32.63
CA GLY J 114 -12.16 -0.90 -33.87
C GLY J 114 -11.61 -1.92 -34.84
N GLN J 115 -12.23 -1.96 -36.01
CA GLN J 115 -11.86 -2.88 -37.07
C GLN J 115 -10.88 -2.21 -38.03
N GLY J 116 -10.06 -3.04 -38.68
CA GLY J 116 -9.03 -2.52 -39.56
C GLY J 116 -9.58 -2.04 -40.89
N THR J 117 -8.79 -1.20 -41.55
CA THR J 117 -9.09 -0.71 -42.89
C THR J 117 -7.79 -0.61 -43.67
N GLN J 118 -7.90 -0.71 -44.99
CA GLN J 118 -6.74 -0.76 -45.88
C GLN J 118 -6.68 0.50 -46.72
N VAL J 119 -5.54 1.19 -46.65
CA VAL J 119 -5.27 2.37 -47.47
C VAL J 119 -3.92 2.18 -48.15
N THR J 120 -3.90 2.35 -49.47
CA THR J 120 -2.68 2.17 -50.26
C THR J 120 -2.45 3.38 -51.14
N VAL J 121 -1.19 3.69 -51.38
CA VAL J 121 -0.82 4.83 -52.20
C VAL J 121 0.09 4.39 -53.35
#